data_3QC7
# 
_entry.id   3QC7 
# 
_audit_conform.dict_name       mmcif_pdbx.dic 
_audit_conform.dict_version    5.387 
_audit_conform.dict_location   http://mmcif.pdb.org/dictionaries/ascii/mmcif_pdbx.dic 
# 
loop_
_database_2.database_id 
_database_2.database_code 
_database_2.pdbx_database_accession 
_database_2.pdbx_DOI 
PDB   3QC7         pdb_00003qc7 10.2210/pdb3qc7/pdb 
RCSB  RCSB063460   ?            ?                   
WWPDB D_1000063460 ?            ?                   
# 
loop_
_pdbx_audit_revision_history.ordinal 
_pdbx_audit_revision_history.data_content_type 
_pdbx_audit_revision_history.major_revision 
_pdbx_audit_revision_history.minor_revision 
_pdbx_audit_revision_history.revision_date 
1 'Structure model' 1 0 2011-01-26 
2 'Structure model' 1 1 2011-07-13 
3 'Structure model' 1 2 2024-02-21 
# 
_pdbx_audit_revision_details.ordinal             1 
_pdbx_audit_revision_details.revision_ordinal    1 
_pdbx_audit_revision_details.data_content_type   'Structure model' 
_pdbx_audit_revision_details.provider            repository 
_pdbx_audit_revision_details.type                'Initial release' 
_pdbx_audit_revision_details.description         ? 
_pdbx_audit_revision_details.details             ? 
# 
loop_
_pdbx_audit_revision_group.ordinal 
_pdbx_audit_revision_group.revision_ordinal 
_pdbx_audit_revision_group.data_content_type 
_pdbx_audit_revision_group.group 
1 2 'Structure model' 'Version format compliance' 
2 3 'Structure model' 'Data collection'           
3 3 'Structure model' 'Database references'       
# 
loop_
_pdbx_audit_revision_category.ordinal 
_pdbx_audit_revision_category.revision_ordinal 
_pdbx_audit_revision_category.data_content_type 
_pdbx_audit_revision_category.category 
1 3 'Structure model' chem_comp_atom     
2 3 'Structure model' chem_comp_bond     
3 3 'Structure model' database_2         
4 3 'Structure model' struct_ref_seq_dif 
# 
loop_
_pdbx_audit_revision_item.ordinal 
_pdbx_audit_revision_item.revision_ordinal 
_pdbx_audit_revision_item.data_content_type 
_pdbx_audit_revision_item.item 
1 3 'Structure model' '_database_2.pdbx_DOI'                
2 3 'Structure model' '_database_2.pdbx_database_accession' 
3 3 'Structure model' '_struct_ref_seq_dif.details'         
# 
_pdbx_database_status.status_code                     REL 
_pdbx_database_status.entry_id                        3QC7 
_pdbx_database_status.recvd_initial_deposition_date   2011-01-15 
_pdbx_database_status.deposit_site                    RCSB 
_pdbx_database_status.process_site                    RCSB 
_pdbx_database_status.status_code_sf                  REL 
_pdbx_database_status.status_code_mr                  ? 
_pdbx_database_status.SG_entry                        ? 
_pdbx_database_status.status_code_cs                  ? 
_pdbx_database_status.pdb_format_compatible           Y 
_pdbx_database_status.status_code_nmr_data            ? 
_pdbx_database_status.methods_development_category    ? 
# 
loop_
_audit_author.name 
_audit_author.pdbx_ordinal 
'Xiang, Y.'      1 
'Rossmann, M.G.' 2 
# 
_citation.id                        primary 
_citation.title                     
'Structure of bacteriophage {phi}29 head fibers has a supercoiled triple repeating helix-turn-helix motif.' 
_citation.journal_abbrev            Proc.Natl.Acad.Sci.USA 
_citation.journal_volume            108 
_citation.page_first                4806 
_citation.page_last                 4810 
_citation.year                      2011 
_citation.journal_id_ASTM           PNASA6 
_citation.country                   US 
_citation.journal_id_ISSN           0027-8424 
_citation.journal_id_CSD            0040 
_citation.book_publisher            ? 
_citation.pdbx_database_id_PubMed   21383126 
_citation.pdbx_database_id_DOI      10.1073/pnas.1018097108 
# 
loop_
_citation_author.citation_id 
_citation_author.name 
_citation_author.ordinal 
_citation_author.identifier_ORCID 
primary 'Xiang, Y.'      1 ? 
primary 'Rossmann, M.G.' 2 ? 
# 
loop_
_entity.id 
_entity.type 
_entity.src_method 
_entity.pdbx_description 
_entity.formula_weight 
_entity.pdbx_number_of_molecules 
_entity.pdbx_ec 
_entity.pdbx_mutation 
_entity.pdbx_fragment 
_entity.details 
1 polymer man 'Head fiber protein' 18923.359 1   ? ? 'gp8.5 fibrous portion (UNP residues 110-280)' ? 
2 water   nat water                18.015    179 ? ? ?                                              ? 
# 
_entity_name_com.entity_id   1 
_entity_name_com.name        'Late protein GP8.5' 
# 
_entity_poly.entity_id                      1 
_entity_poly.type                           'polypeptide(L)' 
_entity_poly.nstd_linkage                   no 
_entity_poly.nstd_monomer                   no 
_entity_poly.pdbx_seq_one_letter_code       
;LVISRSKEISIEVEDIKDAGDTGKRLLKINTPSGARNIIIENEDAKALINGETTNTNKKNLQDLLFSDGNVKAFLQATTT
DENKTALQQLLVSNADVLGLLSGNPTSDNKINLRTMIGAGVPYSLPAATTTTLGGVKKGAAVTASTATDVATAVKDLNSL
ITVLKNAGIISLEHHHHHH
;
_entity_poly.pdbx_seq_one_letter_code_can   
;LVISRSKEISIEVEDIKDAGDTGKRLLKINTPSGARNIIIENEDAKALINGETTNTNKKNLQDLLFSDGNVKAFLQATTT
DENKTALQQLLVSNADVLGLLSGNPTSDNKINLRTMIGAGVPYSLPAATTTTLGGVKKGAAVTASTATDVATAVKDLNSL
ITVLKNAGIISLEHHHHHH
;
_entity_poly.pdbx_strand_id                 A 
_entity_poly.pdbx_target_identifier         ? 
# 
_pdbx_entity_nonpoly.entity_id   2 
_pdbx_entity_nonpoly.name        water 
_pdbx_entity_nonpoly.comp_id     HOH 
# 
loop_
_entity_poly_seq.entity_id 
_entity_poly_seq.num 
_entity_poly_seq.mon_id 
_entity_poly_seq.hetero 
1 1   LEU n 
1 2   VAL n 
1 3   ILE n 
1 4   SER n 
1 5   ARG n 
1 6   SER n 
1 7   LYS n 
1 8   GLU n 
1 9   ILE n 
1 10  SER n 
1 11  ILE n 
1 12  GLU n 
1 13  VAL n 
1 14  GLU n 
1 15  ASP n 
1 16  ILE n 
1 17  LYS n 
1 18  ASP n 
1 19  ALA n 
1 20  GLY n 
1 21  ASP n 
1 22  THR n 
1 23  GLY n 
1 24  LYS n 
1 25  ARG n 
1 26  LEU n 
1 27  LEU n 
1 28  LYS n 
1 29  ILE n 
1 30  ASN n 
1 31  THR n 
1 32  PRO n 
1 33  SER n 
1 34  GLY n 
1 35  ALA n 
1 36  ARG n 
1 37  ASN n 
1 38  ILE n 
1 39  ILE n 
1 40  ILE n 
1 41  GLU n 
1 42  ASN n 
1 43  GLU n 
1 44  ASP n 
1 45  ALA n 
1 46  LYS n 
1 47  ALA n 
1 48  LEU n 
1 49  ILE n 
1 50  ASN n 
1 51  GLY n 
1 52  GLU n 
1 53  THR n 
1 54  THR n 
1 55  ASN n 
1 56  THR n 
1 57  ASN n 
1 58  LYS n 
1 59  LYS n 
1 60  ASN n 
1 61  LEU n 
1 62  GLN n 
1 63  ASP n 
1 64  LEU n 
1 65  LEU n 
1 66  PHE n 
1 67  SER n 
1 68  ASP n 
1 69  GLY n 
1 70  ASN n 
1 71  VAL n 
1 72  LYS n 
1 73  ALA n 
1 74  PHE n 
1 75  LEU n 
1 76  GLN n 
1 77  ALA n 
1 78  THR n 
1 79  THR n 
1 80  THR n 
1 81  ASP n 
1 82  GLU n 
1 83  ASN n 
1 84  LYS n 
1 85  THR n 
1 86  ALA n 
1 87  LEU n 
1 88  GLN n 
1 89  GLN n 
1 90  LEU n 
1 91  LEU n 
1 92  VAL n 
1 93  SER n 
1 94  ASN n 
1 95  ALA n 
1 96  ASP n 
1 97  VAL n 
1 98  LEU n 
1 99  GLY n 
1 100 LEU n 
1 101 LEU n 
1 102 SER n 
1 103 GLY n 
1 104 ASN n 
1 105 PRO n 
1 106 THR n 
1 107 SER n 
1 108 ASP n 
1 109 ASN n 
1 110 LYS n 
1 111 ILE n 
1 112 ASN n 
1 113 LEU n 
1 114 ARG n 
1 115 THR n 
1 116 MET n 
1 117 ILE n 
1 118 GLY n 
1 119 ALA n 
1 120 GLY n 
1 121 VAL n 
1 122 PRO n 
1 123 TYR n 
1 124 SER n 
1 125 LEU n 
1 126 PRO n 
1 127 ALA n 
1 128 ALA n 
1 129 THR n 
1 130 THR n 
1 131 THR n 
1 132 THR n 
1 133 LEU n 
1 134 GLY n 
1 135 GLY n 
1 136 VAL n 
1 137 LYS n 
1 138 LYS n 
1 139 GLY n 
1 140 ALA n 
1 141 ALA n 
1 142 VAL n 
1 143 THR n 
1 144 ALA n 
1 145 SER n 
1 146 THR n 
1 147 ALA n 
1 148 THR n 
1 149 ASP n 
1 150 VAL n 
1 151 ALA n 
1 152 THR n 
1 153 ALA n 
1 154 VAL n 
1 155 LYS n 
1 156 ASP n 
1 157 LEU n 
1 158 ASN n 
1 159 SER n 
1 160 LEU n 
1 161 ILE n 
1 162 THR n 
1 163 VAL n 
1 164 LEU n 
1 165 LYS n 
1 166 ASN n 
1 167 ALA n 
1 168 GLY n 
1 169 ILE n 
1 170 ILE n 
1 171 SER n 
1 172 LEU n 
1 173 GLU n 
1 174 HIS n 
1 175 HIS n 
1 176 HIS n 
1 177 HIS n 
1 178 HIS n 
1 179 HIS n 
# 
_entity_src_gen.entity_id                          1 
_entity_src_gen.pdbx_src_id                        1 
_entity_src_gen.pdbx_alt_source_flag               sample 
_entity_src_gen.pdbx_seq_type                      ? 
_entity_src_gen.pdbx_beg_seq_num                   ? 
_entity_src_gen.pdbx_end_seq_num                   ? 
_entity_src_gen.gene_src_common_name               'Bacteriophage phi-29' 
_entity_src_gen.gene_src_genus                     ? 
_entity_src_gen.pdbx_gene_src_gene                 8.5 
_entity_src_gen.gene_src_species                   ? 
_entity_src_gen.gene_src_strain                    ? 
_entity_src_gen.gene_src_tissue                    ? 
_entity_src_gen.gene_src_tissue_fraction           ? 
_entity_src_gen.gene_src_details                   ? 
_entity_src_gen.pdbx_gene_src_fragment             ? 
_entity_src_gen.pdbx_gene_src_scientific_name      'Bacillus phage phi29' 
_entity_src_gen.pdbx_gene_src_ncbi_taxonomy_id     10756 
_entity_src_gen.pdbx_gene_src_variant              ? 
_entity_src_gen.pdbx_gene_src_cell_line            ? 
_entity_src_gen.pdbx_gene_src_atcc                 ? 
_entity_src_gen.pdbx_gene_src_organ                ? 
_entity_src_gen.pdbx_gene_src_organelle            ? 
_entity_src_gen.pdbx_gene_src_cell                 ? 
_entity_src_gen.pdbx_gene_src_cellular_location    ? 
_entity_src_gen.host_org_common_name               ? 
_entity_src_gen.pdbx_host_org_scientific_name      'Escherichia coli' 
_entity_src_gen.pdbx_host_org_ncbi_taxonomy_id     562 
_entity_src_gen.host_org_genus                     ? 
_entity_src_gen.pdbx_host_org_gene                 ? 
_entity_src_gen.pdbx_host_org_organ                ? 
_entity_src_gen.host_org_species                   ? 
_entity_src_gen.pdbx_host_org_tissue               ? 
_entity_src_gen.pdbx_host_org_tissue_fraction      ? 
_entity_src_gen.pdbx_host_org_strain               ? 
_entity_src_gen.pdbx_host_org_variant              ? 
_entity_src_gen.pdbx_host_org_cell_line            ? 
_entity_src_gen.pdbx_host_org_atcc                 ? 
_entity_src_gen.pdbx_host_org_culture_collection   ? 
_entity_src_gen.pdbx_host_org_cell                 ? 
_entity_src_gen.pdbx_host_org_organelle            ? 
_entity_src_gen.pdbx_host_org_cellular_location    ? 
_entity_src_gen.pdbx_host_org_vector_type          ? 
_entity_src_gen.pdbx_host_org_vector               ? 
_entity_src_gen.host_org_details                   ? 
_entity_src_gen.expression_system_id               ? 
_entity_src_gen.plasmid_name                       pET30b 
_entity_src_gen.plasmid_details                    ? 
_entity_src_gen.pdbx_description                   ? 
# 
loop_
_chem_comp.id 
_chem_comp.type 
_chem_comp.mon_nstd_flag 
_chem_comp.name 
_chem_comp.pdbx_synonyms 
_chem_comp.formula 
_chem_comp.formula_weight 
ALA 'L-peptide linking' y ALANINE         ? 'C3 H7 N O2'     89.093  
ARG 'L-peptide linking' y ARGININE        ? 'C6 H15 N4 O2 1' 175.209 
ASN 'L-peptide linking' y ASPARAGINE      ? 'C4 H8 N2 O3'    132.118 
ASP 'L-peptide linking' y 'ASPARTIC ACID' ? 'C4 H7 N O4'     133.103 
GLN 'L-peptide linking' y GLUTAMINE       ? 'C5 H10 N2 O3'   146.144 
GLU 'L-peptide linking' y 'GLUTAMIC ACID' ? 'C5 H9 N O4'     147.129 
GLY 'peptide linking'   y GLYCINE         ? 'C2 H5 N O2'     75.067  
HIS 'L-peptide linking' y HISTIDINE       ? 'C6 H10 N3 O2 1' 156.162 
HOH non-polymer         . WATER           ? 'H2 O'           18.015  
ILE 'L-peptide linking' y ISOLEUCINE      ? 'C6 H13 N O2'    131.173 
LEU 'L-peptide linking' y LEUCINE         ? 'C6 H13 N O2'    131.173 
LYS 'L-peptide linking' y LYSINE          ? 'C6 H15 N2 O2 1' 147.195 
MET 'L-peptide linking' y METHIONINE      ? 'C5 H11 N O2 S'  149.211 
PHE 'L-peptide linking' y PHENYLALANINE   ? 'C9 H11 N O2'    165.189 
PRO 'L-peptide linking' y PROLINE         ? 'C5 H9 N O2'     115.130 
SER 'L-peptide linking' y SERINE          ? 'C3 H7 N O3'     105.093 
THR 'L-peptide linking' y THREONINE       ? 'C4 H9 N O3'     119.119 
TYR 'L-peptide linking' y TYROSINE        ? 'C9 H11 N O3'    181.189 
VAL 'L-peptide linking' y VALINE          ? 'C5 H11 N O2'    117.146 
# 
loop_
_pdbx_poly_seq_scheme.asym_id 
_pdbx_poly_seq_scheme.entity_id 
_pdbx_poly_seq_scheme.seq_id 
_pdbx_poly_seq_scheme.mon_id 
_pdbx_poly_seq_scheme.ndb_seq_num 
_pdbx_poly_seq_scheme.pdb_seq_num 
_pdbx_poly_seq_scheme.auth_seq_num 
_pdbx_poly_seq_scheme.pdb_mon_id 
_pdbx_poly_seq_scheme.auth_mon_id 
_pdbx_poly_seq_scheme.pdb_strand_id 
_pdbx_poly_seq_scheme.pdb_ins_code 
_pdbx_poly_seq_scheme.hetero 
A 1 1   LEU 1   110 ?   ?   ?   A . n 
A 1 2   VAL 2   111 ?   ?   ?   A . n 
A 1 3   ILE 3   112 ?   ?   ?   A . n 
A 1 4   SER 4   113 ?   ?   ?   A . n 
A 1 5   ARG 5   114 ?   ?   ?   A . n 
A 1 6   SER 6   115 ?   ?   ?   A . n 
A 1 7   LYS 7   116 ?   ?   ?   A . n 
A 1 8   GLU 8   117 ?   ?   ?   A . n 
A 1 9   ILE 9   118 118 ILE ILE A . n 
A 1 10  SER 10  119 119 SER SER A . n 
A 1 11  ILE 11  120 120 ILE ILE A . n 
A 1 12  GLU 12  121 121 GLU GLU A . n 
A 1 13  VAL 13  122 122 VAL VAL A . n 
A 1 14  GLU 14  123 123 GLU GLU A . n 
A 1 15  ASP 15  124 124 ASP ASP A . n 
A 1 16  ILE 16  125 125 ILE ILE A . n 
A 1 17  LYS 17  126 126 LYS LYS A . n 
A 1 18  ASP 18  127 127 ASP ASP A . n 
A 1 19  ALA 19  128 128 ALA ALA A . n 
A 1 20  GLY 20  129 129 GLY GLY A . n 
A 1 21  ASP 21  130 130 ASP ASP A . n 
A 1 22  THR 22  131 131 THR THR A . n 
A 1 23  GLY 23  132 132 GLY GLY A . n 
A 1 24  LYS 24  133 133 LYS LYS A . n 
A 1 25  ARG 25  134 134 ARG ARG A . n 
A 1 26  LEU 26  135 135 LEU LEU A . n 
A 1 27  LEU 27  136 136 LEU LEU A . n 
A 1 28  LYS 28  137 137 LYS LYS A . n 
A 1 29  ILE 29  138 138 ILE ILE A . n 
A 1 30  ASN 30  139 139 ASN ASN A . n 
A 1 31  THR 31  140 140 THR THR A . n 
A 1 32  PRO 32  141 141 PRO PRO A . n 
A 1 33  SER 33  142 142 SER SER A . n 
A 1 34  GLY 34  143 143 GLY GLY A . n 
A 1 35  ALA 35  144 144 ALA ALA A . n 
A 1 36  ARG 36  145 145 ARG ARG A . n 
A 1 37  ASN 37  146 146 ASN ASN A . n 
A 1 38  ILE 38  147 147 ILE ILE A . n 
A 1 39  ILE 39  148 148 ILE ILE A . n 
A 1 40  ILE 40  149 149 ILE ILE A . n 
A 1 41  GLU 41  150 150 GLU GLU A . n 
A 1 42  ASN 42  151 151 ASN ASN A . n 
A 1 43  GLU 43  152 152 GLU GLU A . n 
A 1 44  ASP 44  153 153 ASP ASP A . n 
A 1 45  ALA 45  154 154 ALA ALA A . n 
A 1 46  LYS 46  155 155 LYS LYS A . n 
A 1 47  ALA 47  156 156 ALA ALA A . n 
A 1 48  LEU 48  157 157 LEU LEU A . n 
A 1 49  ILE 49  158 158 ILE ILE A . n 
A 1 50  ASN 50  159 159 ASN ASN A . n 
A 1 51  GLY 51  160 160 GLY GLY A . n 
A 1 52  GLU 52  161 161 GLU GLU A . n 
A 1 53  THR 53  162 162 THR THR A . n 
A 1 54  THR 54  163 163 THR THR A . n 
A 1 55  ASN 55  164 164 ASN ASN A . n 
A 1 56  THR 56  165 165 THR THR A . n 
A 1 57  ASN 57  166 166 ASN ASN A . n 
A 1 58  LYS 58  167 167 LYS LYS A . n 
A 1 59  LYS 59  168 168 LYS LYS A . n 
A 1 60  ASN 60  169 169 ASN ASN A . n 
A 1 61  LEU 61  170 170 LEU LEU A . n 
A 1 62  GLN 62  171 171 GLN GLN A . n 
A 1 63  ASP 63  172 172 ASP ASP A . n 
A 1 64  LEU 64  173 173 LEU LEU A . n 
A 1 65  LEU 65  174 174 LEU LEU A . n 
A 1 66  PHE 66  175 175 PHE PHE A . n 
A 1 67  SER 67  176 176 SER SER A . n 
A 1 68  ASP 68  177 177 ASP ASP A . n 
A 1 69  GLY 69  178 178 GLY GLY A . n 
A 1 70  ASN 70  179 179 ASN ASN A . n 
A 1 71  VAL 71  180 180 VAL VAL A . n 
A 1 72  LYS 72  181 181 LYS LYS A . n 
A 1 73  ALA 73  182 182 ALA ALA A . n 
A 1 74  PHE 74  183 183 PHE PHE A . n 
A 1 75  LEU 75  184 184 LEU LEU A . n 
A 1 76  GLN 76  185 185 GLN GLN A . n 
A 1 77  ALA 77  186 186 ALA ALA A . n 
A 1 78  THR 78  187 187 THR THR A . n 
A 1 79  THR 79  188 188 THR THR A . n 
A 1 80  THR 80  189 189 THR THR A . n 
A 1 81  ASP 81  190 190 ASP ASP A . n 
A 1 82  GLU 82  191 191 GLU GLU A . n 
A 1 83  ASN 83  192 192 ASN ASN A . n 
A 1 84  LYS 84  193 193 LYS LYS A . n 
A 1 85  THR 85  194 194 THR THR A . n 
A 1 86  ALA 86  195 195 ALA ALA A . n 
A 1 87  LEU 87  196 196 LEU LEU A . n 
A 1 88  GLN 88  197 197 GLN GLN A . n 
A 1 89  GLN 89  198 198 GLN GLN A . n 
A 1 90  LEU 90  199 199 LEU LEU A . n 
A 1 91  LEU 91  200 200 LEU LEU A . n 
A 1 92  VAL 92  201 201 VAL VAL A . n 
A 1 93  SER 93  202 202 SER SER A . n 
A 1 94  ASN 94  203 203 ASN ASN A . n 
A 1 95  ALA 95  204 204 ALA ALA A . n 
A 1 96  ASP 96  205 205 ASP ASP A . n 
A 1 97  VAL 97  206 206 VAL VAL A . n 
A 1 98  LEU 98  207 207 LEU LEU A . n 
A 1 99  GLY 99  208 208 GLY GLY A . n 
A 1 100 LEU 100 209 209 LEU LEU A . n 
A 1 101 LEU 101 210 210 LEU LEU A . n 
A 1 102 SER 102 211 211 SER SER A . n 
A 1 103 GLY 103 212 212 GLY GLY A . n 
A 1 104 ASN 104 213 213 ASN ASN A . n 
A 1 105 PRO 105 214 214 PRO PRO A . n 
A 1 106 THR 106 215 215 THR THR A . n 
A 1 107 SER 107 216 216 SER SER A . n 
A 1 108 ASP 108 217 217 ASP ASP A . n 
A 1 109 ASN 109 218 218 ASN ASN A . n 
A 1 110 LYS 110 219 219 LYS LYS A . n 
A 1 111 ILE 111 220 220 ILE ILE A . n 
A 1 112 ASN 112 221 221 ASN ASN A . n 
A 1 113 LEU 113 222 222 LEU LEU A . n 
A 1 114 ARG 114 223 223 ARG ARG A . n 
A 1 115 THR 115 224 224 THR THR A . n 
A 1 116 MET 116 225 225 MET MET A . n 
A 1 117 ILE 117 226 226 ILE ILE A . n 
A 1 118 GLY 118 227 227 GLY GLY A . n 
A 1 119 ALA 119 228 228 ALA ALA A . n 
A 1 120 GLY 120 229 229 GLY GLY A . n 
A 1 121 VAL 121 230 230 VAL VAL A . n 
A 1 122 PRO 122 231 231 PRO PRO A . n 
A 1 123 TYR 123 232 232 TYR TYR A . n 
A 1 124 SER 124 233 233 SER SER A . n 
A 1 125 LEU 125 234 234 LEU LEU A . n 
A 1 126 PRO 126 235 235 PRO PRO A . n 
A 1 127 ALA 127 236 236 ALA ALA A . n 
A 1 128 ALA 128 237 237 ALA ALA A . n 
A 1 129 THR 129 238 238 THR THR A . n 
A 1 130 THR 130 239 239 THR THR A . n 
A 1 131 THR 131 240 240 THR THR A . n 
A 1 132 THR 132 241 241 THR THR A . n 
A 1 133 LEU 133 242 242 LEU LEU A . n 
A 1 134 GLY 134 243 243 GLY GLY A . n 
A 1 135 GLY 135 244 244 GLY GLY A . n 
A 1 136 VAL 136 245 245 VAL VAL A . n 
A 1 137 LYS 137 246 246 LYS LYS A . n 
A 1 138 LYS 138 247 247 LYS LYS A . n 
A 1 139 GLY 139 248 248 GLY GLY A . n 
A 1 140 ALA 140 249 249 ALA ALA A . n 
A 1 141 ALA 141 250 250 ALA ALA A . n 
A 1 142 VAL 142 251 251 VAL VAL A . n 
A 1 143 THR 143 252 252 THR THR A . n 
A 1 144 ALA 144 253 253 ALA ALA A . n 
A 1 145 SER 145 254 254 SER SER A . n 
A 1 146 THR 146 255 255 THR THR A . n 
A 1 147 ALA 147 256 256 ALA ALA A . n 
A 1 148 THR 148 257 257 THR THR A . n 
A 1 149 ASP 149 258 258 ASP ASP A . n 
A 1 150 VAL 150 259 259 VAL VAL A . n 
A 1 151 ALA 151 260 260 ALA ALA A . n 
A 1 152 THR 152 261 261 THR THR A . n 
A 1 153 ALA 153 262 262 ALA ALA A . n 
A 1 154 VAL 154 263 263 VAL VAL A . n 
A 1 155 LYS 155 264 264 LYS LYS A . n 
A 1 156 ASP 156 265 265 ASP ASP A . n 
A 1 157 LEU 157 266 266 LEU LEU A . n 
A 1 158 ASN 158 267 267 ASN ASN A . n 
A 1 159 SER 159 268 268 SER SER A . n 
A 1 160 LEU 160 269 269 LEU LEU A . n 
A 1 161 ILE 161 270 270 ILE ILE A . n 
A 1 162 THR 162 271 271 THR THR A . n 
A 1 163 VAL 163 272 272 VAL VAL A . n 
A 1 164 LEU 164 273 273 LEU LEU A . n 
A 1 165 LYS 165 274 274 LYS LYS A . n 
A 1 166 ASN 166 275 275 ASN ASN A . n 
A 1 167 ALA 167 276 276 ALA ALA A . n 
A 1 168 GLY 168 277 277 GLY GLY A . n 
A 1 169 ILE 169 278 278 ILE ILE A . n 
A 1 170 ILE 170 279 279 ILE ILE A . n 
A 1 171 SER 171 280 280 SER SER A . n 
A 1 172 LEU 172 281 281 LEU LEU A . n 
A 1 173 GLU 173 282 ?   ?   ?   A . n 
A 1 174 HIS 174 283 ?   ?   ?   A . n 
A 1 175 HIS 175 284 ?   ?   ?   A . n 
A 1 176 HIS 176 285 ?   ?   ?   A . n 
A 1 177 HIS 177 286 ?   ?   ?   A . n 
A 1 178 HIS 178 287 ?   ?   ?   A . n 
A 1 179 HIS 179 288 ?   ?   ?   A . n 
# 
loop_
_pdbx_nonpoly_scheme.asym_id 
_pdbx_nonpoly_scheme.entity_id 
_pdbx_nonpoly_scheme.mon_id 
_pdbx_nonpoly_scheme.ndb_seq_num 
_pdbx_nonpoly_scheme.pdb_seq_num 
_pdbx_nonpoly_scheme.auth_seq_num 
_pdbx_nonpoly_scheme.pdb_mon_id 
_pdbx_nonpoly_scheme.auth_mon_id 
_pdbx_nonpoly_scheme.pdb_strand_id 
_pdbx_nonpoly_scheme.pdb_ins_code 
B 2 HOH 1   1   1   HOH HOH A . 
B 2 HOH 2   2   2   HOH HOH A . 
B 2 HOH 3   3   3   HOH HOH A . 
B 2 HOH 4   4   4   HOH HOH A . 
B 2 HOH 5   5   5   HOH HOH A . 
B 2 HOH 6   6   6   HOH HOH A . 
B 2 HOH 7   7   7   HOH HOH A . 
B 2 HOH 8   8   8   HOH HOH A . 
B 2 HOH 9   9   9   HOH HOH A . 
B 2 HOH 10  10  10  HOH HOH A . 
B 2 HOH 11  11  11  HOH HOH A . 
B 2 HOH 12  12  12  HOH HOH A . 
B 2 HOH 13  13  13  HOH HOH A . 
B 2 HOH 14  14  14  HOH HOH A . 
B 2 HOH 15  15  15  HOH HOH A . 
B 2 HOH 16  16  16  HOH HOH A . 
B 2 HOH 17  17  17  HOH HOH A . 
B 2 HOH 18  18  18  HOH HOH A . 
B 2 HOH 19  19  19  HOH HOH A . 
B 2 HOH 20  20  20  HOH HOH A . 
B 2 HOH 21  21  21  HOH HOH A . 
B 2 HOH 22  22  22  HOH HOH A . 
B 2 HOH 23  23  23  HOH HOH A . 
B 2 HOH 24  24  24  HOH HOH A . 
B 2 HOH 25  25  25  HOH HOH A . 
B 2 HOH 26  26  26  HOH HOH A . 
B 2 HOH 27  27  27  HOH HOH A . 
B 2 HOH 28  28  28  HOH HOH A . 
B 2 HOH 29  29  29  HOH HOH A . 
B 2 HOH 30  30  30  HOH HOH A . 
B 2 HOH 31  31  31  HOH HOH A . 
B 2 HOH 32  33  33  HOH HOH A . 
B 2 HOH 33  34  34  HOH HOH A . 
B 2 HOH 34  35  35  HOH HOH A . 
B 2 HOH 35  36  36  HOH HOH A . 
B 2 HOH 36  37  37  HOH HOH A . 
B 2 HOH 37  38  38  HOH HOH A . 
B 2 HOH 38  39  39  HOH HOH A . 
B 2 HOH 39  40  40  HOH HOH A . 
B 2 HOH 40  41  41  HOH HOH A . 
B 2 HOH 41  42  42  HOH HOH A . 
B 2 HOH 42  43  43  HOH HOH A . 
B 2 HOH 43  44  44  HOH HOH A . 
B 2 HOH 44  45  45  HOH HOH A . 
B 2 HOH 45  46  46  HOH HOH A . 
B 2 HOH 46  47  47  HOH HOH A . 
B 2 HOH 47  48  48  HOH HOH A . 
B 2 HOH 48  49  49  HOH HOH A . 
B 2 HOH 49  50  50  HOH HOH A . 
B 2 HOH 50  51  51  HOH HOH A . 
B 2 HOH 51  52  52  HOH HOH A . 
B 2 HOH 52  53  53  HOH HOH A . 
B 2 HOH 53  54  54  HOH HOH A . 
B 2 HOH 54  55  55  HOH HOH A . 
B 2 HOH 55  56  56  HOH HOH A . 
B 2 HOH 56  57  57  HOH HOH A . 
B 2 HOH 57  59  59  HOH HOH A . 
B 2 HOH 58  60  60  HOH HOH A . 
B 2 HOH 59  61  61  HOH HOH A . 
B 2 HOH 60  62  62  HOH HOH A . 
B 2 HOH 61  63  63  HOH HOH A . 
B 2 HOH 62  64  64  HOH HOH A . 
B 2 HOH 63  65  65  HOH HOH A . 
B 2 HOH 64  66  66  HOH HOH A . 
B 2 HOH 65  67  67  HOH HOH A . 
B 2 HOH 66  68  68  HOH HOH A . 
B 2 HOH 67  69  69  HOH HOH A . 
B 2 HOH 68  70  70  HOH HOH A . 
B 2 HOH 69  71  71  HOH HOH A . 
B 2 HOH 70  73  73  HOH HOH A . 
B 2 HOH 71  74  74  HOH HOH A . 
B 2 HOH 72  75  75  HOH HOH A . 
B 2 HOH 73  76  76  HOH HOH A . 
B 2 HOH 74  77  77  HOH HOH A . 
B 2 HOH 75  78  78  HOH HOH A . 
B 2 HOH 76  79  79  HOH HOH A . 
B 2 HOH 77  80  80  HOH HOH A . 
B 2 HOH 78  81  81  HOH HOH A . 
B 2 HOH 79  82  82  HOH HOH A . 
B 2 HOH 80  83  83  HOH HOH A . 
B 2 HOH 81  84  84  HOH HOH A . 
B 2 HOH 82  85  85  HOH HOH A . 
B 2 HOH 83  86  86  HOH HOH A . 
B 2 HOH 84  87  87  HOH HOH A . 
B 2 HOH 85  88  88  HOH HOH A . 
B 2 HOH 86  89  89  HOH HOH A . 
B 2 HOH 87  90  90  HOH HOH A . 
B 2 HOH 88  91  91  HOH HOH A . 
B 2 HOH 89  92  92  HOH HOH A . 
B 2 HOH 90  93  93  HOH HOH A . 
B 2 HOH 91  94  94  HOH HOH A . 
B 2 HOH 92  95  95  HOH HOH A . 
B 2 HOH 93  96  96  HOH HOH A . 
B 2 HOH 94  97  97  HOH HOH A . 
B 2 HOH 95  98  98  HOH HOH A . 
B 2 HOH 96  99  99  HOH HOH A . 
B 2 HOH 97  100 100 HOH HOH A . 
B 2 HOH 98  101 101 HOH HOH A . 
B 2 HOH 99  102 102 HOH HOH A . 
B 2 HOH 100 103 103 HOH HOH A . 
B 2 HOH 101 104 104 HOH HOH A . 
B 2 HOH 102 105 105 HOH HOH A . 
B 2 HOH 103 106 106 HOH HOH A . 
B 2 HOH 104 107 107 HOH HOH A . 
B 2 HOH 105 290 110 HOH HOH A . 
B 2 HOH 106 291 111 HOH HOH A . 
B 2 HOH 107 292 112 HOH HOH A . 
B 2 HOH 108 293 114 HOH HOH A . 
B 2 HOH 109 294 115 HOH HOH A . 
B 2 HOH 110 295 116 HOH HOH A . 
B 2 HOH 111 296 117 HOH HOH A . 
B 2 HOH 112 297 118 HOH HOH A . 
B 2 HOH 113 298 119 HOH HOH A . 
B 2 HOH 114 299 120 HOH HOH A . 
B 2 HOH 115 300 121 HOH HOH A . 
B 2 HOH 116 301 122 HOH HOH A . 
B 2 HOH 117 302 123 HOH HOH A . 
B 2 HOH 118 303 124 HOH HOH A . 
B 2 HOH 119 304 125 HOH HOH A . 
B 2 HOH 120 305 126 HOH HOH A . 
B 2 HOH 121 306 127 HOH HOH A . 
B 2 HOH 122 307 128 HOH HOH A . 
B 2 HOH 123 308 129 HOH HOH A . 
B 2 HOH 124 309 130 HOH HOH A . 
B 2 HOH 125 310 131 HOH HOH A . 
B 2 HOH 126 311 132 HOH HOH A . 
B 2 HOH 127 312 133 HOH HOH A . 
B 2 HOH 128 313 134 HOH HOH A . 
B 2 HOH 129 314 135 HOH HOH A . 
B 2 HOH 130 315 136 HOH HOH A . 
B 2 HOH 131 316 137 HOH HOH A . 
B 2 HOH 132 317 138 HOH HOH A . 
B 2 HOH 133 318 139 HOH HOH A . 
B 2 HOH 134 319 140 HOH HOH A . 
B 2 HOH 135 320 141 HOH HOH A . 
B 2 HOH 136 321 142 HOH HOH A . 
B 2 HOH 137 322 145 HOH HOH A . 
B 2 HOH 138 323 146 HOH HOH A . 
B 2 HOH 139 324 147 HOH HOH A . 
B 2 HOH 140 325 148 HOH HOH A . 
B 2 HOH 141 326 150 HOH HOH A . 
B 2 HOH 142 327 151 HOH HOH A . 
B 2 HOH 143 328 152 HOH HOH A . 
B 2 HOH 144 329 153 HOH HOH A . 
B 2 HOH 145 330 155 HOH HOH A . 
B 2 HOH 146 331 156 HOH HOH A . 
B 2 HOH 147 332 157 HOH HOH A . 
B 2 HOH 148 333 158 HOH HOH A . 
B 2 HOH 149 334 159 HOH HOH A . 
B 2 HOH 150 335 160 HOH HOH A . 
B 2 HOH 151 336 161 HOH HOH A . 
B 2 HOH 152 337 162 HOH HOH A . 
B 2 HOH 153 338 163 HOH HOH A . 
B 2 HOH 154 339 164 HOH HOH A . 
B 2 HOH 155 340 165 HOH HOH A . 
B 2 HOH 156 341 166 HOH HOH A . 
B 2 HOH 157 342 167 HOH HOH A . 
B 2 HOH 158 343 168 HOH HOH A . 
B 2 HOH 159 344 169 HOH HOH A . 
B 2 HOH 160 345 170 HOH HOH A . 
B 2 HOH 161 346 171 HOH HOH A . 
B 2 HOH 162 347 172 HOH HOH A . 
B 2 HOH 163 348 173 HOH HOH A . 
B 2 HOH 164 349 174 HOH HOH A . 
B 2 HOH 165 350 175 HOH HOH A . 
B 2 HOH 166 351 176 HOH HOH A . 
B 2 HOH 167 352 177 HOH HOH A . 
B 2 HOH 168 353 178 HOH HOH A . 
B 2 HOH 169 354 179 HOH HOH A . 
B 2 HOH 170 355 180 HOH HOH A . 
B 2 HOH 171 356 181 HOH HOH A . 
B 2 HOH 172 357 182 HOH HOH A . 
B 2 HOH 173 358 183 HOH HOH A . 
B 2 HOH 174 359 184 HOH HOH A . 
B 2 HOH 175 360 185 HOH HOH A . 
B 2 HOH 176 361 186 HOH HOH A . 
B 2 HOH 177 362 188 HOH HOH A . 
B 2 HOH 178 363 189 HOH HOH A . 
B 2 HOH 179 364 191 HOH HOH A . 
# 
loop_
_software.name 
_software.classification 
_software.version 
_software.citation_id 
_software.pdbx_ordinal 
Blu-Ice   'data collection' .        ? 1 
SHARP     phasing           .        ? 2 
REFMAC    refinement        5.5.0088 ? 3 
HKL-2000  'data reduction'  .        ? 4 
SCALEPACK 'data scaling'    .        ? 5 
# 
_cell.entry_id           3QC7 
_cell.length_a           47.248 
_cell.length_b           47.248 
_cell.length_c           424.752 
_cell.angle_alpha        90.00 
_cell.angle_beta         90.00 
_cell.angle_gamma        120.00 
_cell.Z_PDB              18 
_cell.pdbx_unique_axis   ? 
_cell.length_a_esd       ? 
_cell.length_b_esd       ? 
_cell.length_c_esd       ? 
_cell.angle_alpha_esd    ? 
_cell.angle_beta_esd     ? 
_cell.angle_gamma_esd    ? 
# 
_symmetry.entry_id                         3QC7 
_symmetry.space_group_name_H-M             'H 3 2' 
_symmetry.pdbx_full_space_group_name_H-M   ? 
_symmetry.cell_setting                     ? 
_symmetry.Int_Tables_number                155 
_symmetry.space_group_name_Hall            ? 
# 
_exptl.entry_id          3QC7 
_exptl.method            'X-RAY DIFFRACTION' 
_exptl.crystals_number   1 
# 
_exptl_crystal.id                    1 
_exptl_crystal.density_meas          ? 
_exptl_crystal.density_Matthews      2.40 
_exptl_crystal.density_percent_sol   48.67 
_exptl_crystal.description           ? 
_exptl_crystal.F_000                 ? 
_exptl_crystal.preparation           ? 
# 
_exptl_crystal_grow.crystal_id      1 
_exptl_crystal_grow.method          'VAPOR DIFFUSION, HANGING DROP' 
_exptl_crystal_grow.temp            298 
_exptl_crystal_grow.temp_details    ? 
_exptl_crystal_grow.pH              6.8 
_exptl_crystal_grow.pdbx_details    
;The gp8.5 fragment crystals were grown in 100mM sodium phosphate at pH ~6.8 and 8% w/v PEG 3000. It took about one week for crystals to appear, VAPOR DIFFUSION, HANGING DROP, temperature 298K
;
_exptl_crystal_grow.pdbx_pH_range   ? 
# 
_diffrn.id                     1 
_diffrn.ambient_temp           100 
_diffrn.ambient_temp_details   ? 
_diffrn.crystal_id             1 
# 
_diffrn_detector.diffrn_id              1 
_diffrn_detector.detector               CCD 
_diffrn_detector.type                   'MARMOSAIC 300 mm CCD' 
_diffrn_detector.pdbx_collection_date   2010-01-01 
_diffrn_detector.details                ? 
# 
_diffrn_radiation.diffrn_id                        1 
_diffrn_radiation.wavelength_id                    1 
_diffrn_radiation.pdbx_monochromatic_or_laue_m_l   M 
_diffrn_radiation.monochromator                    'Si 111' 
_diffrn_radiation.pdbx_diffrn_protocol             'SINGLE WAVELENGTH' 
_diffrn_radiation.pdbx_scattering_type             x-ray 
# 
_diffrn_radiation_wavelength.id           1 
_diffrn_radiation_wavelength.wavelength   0.968 
_diffrn_radiation_wavelength.wt           1.0 
# 
_diffrn_source.diffrn_id                   1 
_diffrn_source.source                      SYNCHROTRON 
_diffrn_source.type                        'APS BEAMLINE 23-ID-D' 
_diffrn_source.pdbx_synchrotron_site       APS 
_diffrn_source.pdbx_synchrotron_beamline   23-ID-D 
_diffrn_source.pdbx_wavelength             ? 
_diffrn_source.pdbx_wavelength_list        0.968 
# 
_reflns.entry_id                     3QC7 
_reflns.observed_criterion_sigma_I   -3 
_reflns.observed_criterion_sigma_F   -3 
_reflns.d_resolution_low             70 
_reflns.d_resolution_high            1.52 
_reflns.number_obs                   28649 
_reflns.number_all                   28649 
_reflns.percent_possible_obs         98.6 
_reflns.pdbx_Rmerge_I_obs            0.07 
_reflns.pdbx_Rsym_value              0.07 
_reflns.pdbx_netI_over_sigmaI        33.4 
_reflns.B_iso_Wilson_estimate        ? 
_reflns.pdbx_redundancy              ? 
_reflns.R_free_details               ? 
_reflns.limit_h_max                  ? 
_reflns.limit_h_min                  ? 
_reflns.limit_k_max                  ? 
_reflns.limit_k_min                  ? 
_reflns.limit_l_max                  ? 
_reflns.limit_l_min                  ? 
_reflns.observed_criterion_F_max     ? 
_reflns.observed_criterion_F_min     ? 
_reflns.pdbx_chi_squared             ? 
_reflns.pdbx_scaling_rejects         ? 
_reflns.pdbx_diffrn_id               1 
_reflns.pdbx_ordinal                 1 
# 
_reflns_shell.d_res_high             1.52 
_reflns_shell.d_res_low              1.57 
_reflns_shell.percent_possible_all   97.7 
_reflns_shell.Rmerge_I_obs           0.407 
_reflns_shell.pdbx_Rsym_value        ? 
_reflns_shell.meanI_over_sigI_obs    4.6 
_reflns_shell.pdbx_redundancy        ? 
_reflns_shell.percent_possible_obs   ? 
_reflns_shell.number_unique_all      ? 
_reflns_shell.number_measured_all    ? 
_reflns_shell.number_measured_obs    ? 
_reflns_shell.number_unique_obs      ? 
_reflns_shell.pdbx_chi_squared       ? 
_reflns_shell.pdbx_diffrn_id         ? 
_reflns_shell.pdbx_ordinal           1 
# 
_refine.entry_id                                 3QC7 
_refine.ls_number_reflns_obs                     27206 
_refine.ls_number_reflns_all                     27206 
_refine.pdbx_ls_sigma_I                          0 
_refine.pdbx_ls_sigma_F                          0 
_refine.pdbx_data_cutoff_high_absF               ? 
_refine.pdbx_data_cutoff_low_absF                ? 
_refine.pdbx_data_cutoff_high_rms_absF           ? 
_refine.ls_d_res_low                             29.47 
_refine.ls_d_res_high                            1.52 
_refine.ls_percent_reflns_obs                    98.32 
_refine.ls_R_factor_obs                          0.19542 
_refine.ls_R_factor_all                          0.19542 
_refine.ls_R_factor_R_work                       0.19424 
_refine.ls_R_factor_R_free                       0.21833 
_refine.ls_R_factor_R_free_error                 ? 
_refine.ls_R_factor_R_free_error_details         ? 
_refine.ls_percent_reflns_R_free                 5.0 
_refine.ls_number_reflns_R_free                  1442 
_refine.ls_number_parameters                     ? 
_refine.ls_number_restraints                     ? 
_refine.occupancy_min                            ? 
_refine.occupancy_max                            ? 
_refine.correlation_coeff_Fo_to_Fc               0.956 
_refine.correlation_coeff_Fo_to_Fc_free          0.946 
_refine.B_iso_mean                               22.080 
_refine.aniso_B[1][1]                            -0.06 
_refine.aniso_B[2][2]                            -0.06 
_refine.aniso_B[3][3]                            0.08 
_refine.aniso_B[1][2]                            -0.03 
_refine.aniso_B[1][3]                            0.00 
_refine.aniso_B[2][3]                            0.00 
_refine.solvent_model_details                    MASK 
_refine.solvent_model_param_ksol                 ? 
_refine.solvent_model_param_bsol                 ? 
_refine.pdbx_solvent_vdw_probe_radii             1.40 
_refine.pdbx_solvent_ion_probe_radii             0.80 
_refine.pdbx_solvent_shrinkage_radii             0.80 
_refine.pdbx_ls_cross_valid_method               THROUGHOUT 
_refine.details                                  'HYDROGENS HAVE BEEN ADDED IN THE RIDING POSITIONS' 
_refine.pdbx_starting_model                      ? 
_refine.pdbx_method_to_determine_struct          SAD 
_refine.pdbx_isotropic_thermal_model             ? 
_refine.pdbx_stereochemistry_target_values       'MAXIMUM LIKELIHOOD WITH PHASES' 
_refine.pdbx_stereochem_target_val_spec_case     ? 
_refine.pdbx_R_Free_selection_details            RANDOM 
_refine.pdbx_overall_ESU_R_Free                  0.077 
_refine.overall_SU_ML                            0.043 
_refine.overall_SU_B                             1.121 
_refine.overall_SU_R_Cruickshank_DPI             ? 
_refine.ls_redundancy_reflns_obs                 ? 
_refine.B_iso_min                                ? 
_refine.B_iso_max                                ? 
_refine.overall_SU_R_free                        ? 
_refine.ls_wR_factor_R_free                      ? 
_refine.ls_wR_factor_R_work                      ? 
_refine.overall_FOM_free_R_set                   ? 
_refine.overall_FOM_work_R_set                   ? 
_refine.pdbx_overall_phase_error                 ? 
_refine.pdbx_refine_id                           'X-RAY DIFFRACTION' 
_refine.pdbx_overall_ESU_R                       ? 
_refine.pdbx_diffrn_id                           1 
_refine.pdbx_TLS_residual_ADP_flag               ? 
_refine.pdbx_overall_SU_R_free_Cruickshank_DPI   ? 
_refine.pdbx_overall_SU_R_Blow_DPI               ? 
_refine.pdbx_overall_SU_R_free_Blow_DPI          ? 
# 
_refine_hist.pdbx_refine_id                   'X-RAY DIFFRACTION' 
_refine_hist.cycle_id                         LAST 
_refine_hist.pdbx_number_atoms_protein        1194 
_refine_hist.pdbx_number_atoms_nucleic_acid   0 
_refine_hist.pdbx_number_atoms_ligand         0 
_refine_hist.number_atoms_solvent             179 
_refine_hist.number_atoms_total               1373 
_refine_hist.d_res_high                       1.52 
_refine_hist.d_res_low                        29.47 
# 
loop_
_refine_ls_restr.type 
_refine_ls_restr.dev_ideal 
_refine_ls_restr.dev_ideal_target 
_refine_ls_restr.weight 
_refine_ls_restr.number 
_refine_ls_restr.pdbx_refine_id 
_refine_ls_restr.pdbx_restraint_function 
r_bond_refined_d       0.013  0.022  ? 1245 'X-RAY DIFFRACTION' ? 
r_angle_refined_deg    1.368  1.987  ? 1705 'X-RAY DIFFRACTION' ? 
r_dihedral_angle_1_deg 5.518  5.000  ? 178  'X-RAY DIFFRACTION' ? 
r_dihedral_angle_2_deg 42.219 28.000 ? 45   'X-RAY DIFFRACTION' ? 
r_dihedral_angle_3_deg 12.960 15.000 ? 231  'X-RAY DIFFRACTION' ? 
r_dihedral_angle_4_deg 16.537 15.000 ? 3    'X-RAY DIFFRACTION' ? 
r_chiral_restr         0.083  0.200  ? 225  'X-RAY DIFFRACTION' ? 
r_gen_planes_refined   0.007  0.021  ? 893  'X-RAY DIFFRACTION' ? 
r_mcbond_it            0.895  1.500  ? 834  'X-RAY DIFFRACTION' ? 
r_mcangle_it           1.642  2.000  ? 1358 'X-RAY DIFFRACTION' ? 
r_scbond_it            2.627  3.000  ? 411  'X-RAY DIFFRACTION' ? 
r_scangle_it           4.394  4.500  ? 339  'X-RAY DIFFRACTION' ? 
# 
_refine_ls_shell.pdbx_total_number_of_bins_used   20 
_refine_ls_shell.d_res_high                       1.521 
_refine_ls_shell.d_res_low                        1.560 
_refine_ls_shell.number_reflns_R_work             1886 
_refine_ls_shell.R_factor_R_work                  0.255 
_refine_ls_shell.percent_reflns_obs               94.92 
_refine_ls_shell.R_factor_R_free                  0.309 
_refine_ls_shell.R_factor_R_free_error            ? 
_refine_ls_shell.percent_reflns_R_free            ? 
_refine_ls_shell.number_reflns_R_free             95 
_refine_ls_shell.number_reflns_all                ? 
_refine_ls_shell.R_factor_all                     ? 
_refine_ls_shell.number_reflns_obs                ? 
_refine_ls_shell.redundancy_reflns_obs            ? 
_refine_ls_shell.pdbx_refine_id                   'X-RAY DIFFRACTION' 
# 
_struct.entry_id                  3QC7 
_struct.title                     
'The structure of bacteriophage phi29 head fibers has a supercoiled triple repeating helix-turn-helix motif' 
_struct.pdbx_model_details        ? 
_struct.pdbx_CASP_flag            ? 
_struct.pdbx_model_type_details   ? 
# 
_struct_keywords.entry_id        3QC7 
_struct_keywords.pdbx_keywords   'VIRAL PROTEIN' 
_struct_keywords.text            'supercoiled triple repeating helix-turn-helix, VIRAL PROTEIN' 
# 
loop_
_struct_asym.id 
_struct_asym.pdbx_blank_PDB_chainid_flag 
_struct_asym.pdbx_modified 
_struct_asym.entity_id 
_struct_asym.details 
A N N 1 ? 
B N N 2 ? 
# 
_struct_ref.id                         1 
_struct_ref.db_name                    UNP 
_struct_ref.db_code                    VG85_BPPH2 
_struct_ref.pdbx_db_accession          P20344 
_struct_ref.entity_id                  1 
_struct_ref.pdbx_seq_one_letter_code   
;LVISRSKEISIEVDDIKDAGDTGKRLLKINTPSGARNIIIENEDAKALINGETTNTNKKNLQDLLFSDGNVKAFLQATTT
DENKTALQQLLVSNADVLGLLSGNPTSDNKINLRTMIGAGVPYSLPAATTTTIGGVKKGAAVTASTATDVATAVKDLNSL
ITVLKNAGIIS
;
_struct_ref.pdbx_align_begin           110 
_struct_ref.pdbx_db_isoform            ? 
# 
_struct_ref_seq.align_id                      1 
_struct_ref_seq.ref_id                        1 
_struct_ref_seq.pdbx_PDB_id_code              3QC7 
_struct_ref_seq.pdbx_strand_id                A 
_struct_ref_seq.seq_align_beg                 1 
_struct_ref_seq.pdbx_seq_align_beg_ins_code   ? 
_struct_ref_seq.seq_align_end                 171 
_struct_ref_seq.pdbx_seq_align_end_ins_code   ? 
_struct_ref_seq.pdbx_db_accession             P20344 
_struct_ref_seq.db_align_beg                  110 
_struct_ref_seq.pdbx_db_align_beg_ins_code    ? 
_struct_ref_seq.db_align_end                  280 
_struct_ref_seq.pdbx_db_align_end_ins_code    ? 
_struct_ref_seq.pdbx_auth_seq_align_beg       110 
_struct_ref_seq.pdbx_auth_seq_align_end       280 
# 
loop_
_struct_ref_seq_dif.align_id 
_struct_ref_seq_dif.pdbx_pdb_id_code 
_struct_ref_seq_dif.mon_id 
_struct_ref_seq_dif.pdbx_pdb_strand_id 
_struct_ref_seq_dif.seq_num 
_struct_ref_seq_dif.pdbx_pdb_ins_code 
_struct_ref_seq_dif.pdbx_seq_db_name 
_struct_ref_seq_dif.pdbx_seq_db_accession_code 
_struct_ref_seq_dif.db_mon_id 
_struct_ref_seq_dif.pdbx_seq_db_seq_num 
_struct_ref_seq_dif.details 
_struct_ref_seq_dif.pdbx_auth_seq_num 
_struct_ref_seq_dif.pdbx_ordinal 
1 3QC7 GLU A 14  ? UNP P20344 ASP 123 conflict         123 1  
1 3QC7 LEU A 133 ? UNP P20344 ILE 242 conflict         242 2  
1 3QC7 LEU A 172 ? UNP P20344 ?   ?   'expression tag' 281 3  
1 3QC7 GLU A 173 ? UNP P20344 ?   ?   'expression tag' 282 4  
1 3QC7 HIS A 174 ? UNP P20344 ?   ?   'expression tag' 283 5  
1 3QC7 HIS A 175 ? UNP P20344 ?   ?   'expression tag' 284 6  
1 3QC7 HIS A 176 ? UNP P20344 ?   ?   'expression tag' 285 7  
1 3QC7 HIS A 177 ? UNP P20344 ?   ?   'expression tag' 286 8  
1 3QC7 HIS A 178 ? UNP P20344 ?   ?   'expression tag' 287 9  
1 3QC7 HIS A 179 ? UNP P20344 ?   ?   'expression tag' 288 10 
# 
_pdbx_struct_assembly.id                   1 
_pdbx_struct_assembly.details              author_and_software_defined_assembly 
_pdbx_struct_assembly.method_details       PISA 
_pdbx_struct_assembly.oligomeric_details   trimeric 
_pdbx_struct_assembly.oligomeric_count     3 
# 
loop_
_pdbx_struct_assembly_prop.biol_id 
_pdbx_struct_assembly_prop.type 
_pdbx_struct_assembly_prop.value 
_pdbx_struct_assembly_prop.details 
1 'ABSA (A^2)' 17320 ? 
1 MORE         -152  ? 
1 'SSA (A^2)'  21680 ? 
# 
_pdbx_struct_assembly_gen.assembly_id       1 
_pdbx_struct_assembly_gen.oper_expression   1,2,3 
_pdbx_struct_assembly_gen.asym_id_list      A,B 
# 
loop_
_pdbx_struct_oper_list.id 
_pdbx_struct_oper_list.type 
_pdbx_struct_oper_list.name 
_pdbx_struct_oper_list.symmetry_operation 
_pdbx_struct_oper_list.matrix[1][1] 
_pdbx_struct_oper_list.matrix[1][2] 
_pdbx_struct_oper_list.matrix[1][3] 
_pdbx_struct_oper_list.vector[1] 
_pdbx_struct_oper_list.matrix[2][1] 
_pdbx_struct_oper_list.matrix[2][2] 
_pdbx_struct_oper_list.matrix[2][3] 
_pdbx_struct_oper_list.vector[2] 
_pdbx_struct_oper_list.matrix[3][1] 
_pdbx_struct_oper_list.matrix[3][2] 
_pdbx_struct_oper_list.matrix[3][3] 
_pdbx_struct_oper_list.vector[3] 
1 'identity operation'         1_555 x,y,z     1.0000000000 0.0000000000  0.0000000000  0.0000000000 0.0000000000  1.0000000000  0.0000000000  0.0000000000  0.0000000000  0.0000000000  1.0000000000 0.0000000000  
2 'crystal symmetry operation' 2_555 -y,x-y,z  0.2191752263 0.9092356891  -0.3539105563 6.5023184533 -0.1846883108 -0.3175100851 -0.9300954648 -3.7267671314 -0.9580461617 0.2692170268  0.0983348588 5.0705890253  
3 'crystal symmetry operation' 3_555 -x+y,-x,z 0.2191752263 -0.1846883108 -0.9580461617 2.7444209084 0.9092356891  -0.3175100851 0.2692170268  -8.4605150503 -0.3539105563 -0.9300954648 0.0983348588 -1.6636257224 
# 
_struct_biol.id        1 
_struct_biol.details   ? 
# 
loop_
_struct_conf.conf_type_id 
_struct_conf.id 
_struct_conf.pdbx_PDB_helix_id 
_struct_conf.beg_label_comp_id 
_struct_conf.beg_label_asym_id 
_struct_conf.beg_label_seq_id 
_struct_conf.pdbx_beg_PDB_ins_code 
_struct_conf.end_label_comp_id 
_struct_conf.end_label_asym_id 
_struct_conf.end_label_seq_id 
_struct_conf.pdbx_end_PDB_ins_code 
_struct_conf.beg_auth_comp_id 
_struct_conf.beg_auth_asym_id 
_struct_conf.beg_auth_seq_id 
_struct_conf.end_auth_comp_id 
_struct_conf.end_auth_asym_id 
_struct_conf.end_auth_seq_id 
_struct_conf.pdbx_PDB_helix_class 
_struct_conf.details 
_struct_conf.pdbx_PDB_helix_length 
HELX_P HELX_P1  1  GLU A 12  ? ILE A 16  ? GLU A 121 ILE A 125 5 ? 5  
HELX_P HELX_P2  2  GLY A 20  ? ILE A 29  ? GLY A 129 ILE A 138 1 ? 10 
HELX_P HELX_P3  3  THR A 31  ? ILE A 40  ? THR A 140 ILE A 149 1 ? 10 
HELX_P HELX_P4  4  ASN A 42  ? ASN A 50  ? ASN A 151 ASN A 159 1 ? 9  
HELX_P HELX_P5  5  THR A 54  ? PHE A 66  ? THR A 163 PHE A 175 1 ? 13 
HELX_P HELX_P6  6  ASP A 68  ? GLN A 76  ? ASP A 177 GLN A 185 1 ? 9  
HELX_P HELX_P7  7  THR A 80  ? VAL A 92  ? THR A 189 VAL A 201 1 ? 13 
HELX_P HELX_P8  8  ASN A 94  ? SER A 102 ? ASN A 203 SER A 211 1 ? 9  
HELX_P HELX_P9  9  THR A 106 ? GLY A 118 ? THR A 215 GLY A 227 1 ? 13 
HELX_P HELX_P10 10 ASP A 149 ? ALA A 167 ? ASP A 258 ALA A 276 1 ? 19 
# 
_struct_conf_type.id          HELX_P 
_struct_conf_type.criteria    ? 
_struct_conf_type.reference   ? 
# 
loop_
_pdbx_unobs_or_zero_occ_residues.id 
_pdbx_unobs_or_zero_occ_residues.PDB_model_num 
_pdbx_unobs_or_zero_occ_residues.polymer_flag 
_pdbx_unobs_or_zero_occ_residues.occupancy_flag 
_pdbx_unobs_or_zero_occ_residues.auth_asym_id 
_pdbx_unobs_or_zero_occ_residues.auth_comp_id 
_pdbx_unobs_or_zero_occ_residues.auth_seq_id 
_pdbx_unobs_or_zero_occ_residues.PDB_ins_code 
_pdbx_unobs_or_zero_occ_residues.label_asym_id 
_pdbx_unobs_or_zero_occ_residues.label_comp_id 
_pdbx_unobs_or_zero_occ_residues.label_seq_id 
1  1 Y 1 A LEU 110 ? A LEU 1   
2  1 Y 1 A VAL 111 ? A VAL 2   
3  1 Y 1 A ILE 112 ? A ILE 3   
4  1 Y 1 A SER 113 ? A SER 4   
5  1 Y 1 A ARG 114 ? A ARG 5   
6  1 Y 1 A SER 115 ? A SER 6   
7  1 Y 1 A LYS 116 ? A LYS 7   
8  1 Y 1 A GLU 117 ? A GLU 8   
9  1 Y 1 A GLU 282 ? A GLU 173 
10 1 Y 1 A HIS 283 ? A HIS 174 
11 1 Y 1 A HIS 284 ? A HIS 175 
12 1 Y 1 A HIS 285 ? A HIS 176 
13 1 Y 1 A HIS 286 ? A HIS 177 
14 1 Y 1 A HIS 287 ? A HIS 178 
15 1 Y 1 A HIS 288 ? A HIS 179 
# 
loop_
_chem_comp_atom.comp_id 
_chem_comp_atom.atom_id 
_chem_comp_atom.type_symbol 
_chem_comp_atom.pdbx_aromatic_flag 
_chem_comp_atom.pdbx_stereo_config 
_chem_comp_atom.pdbx_ordinal 
ALA N    N N N 1   
ALA CA   C N S 2   
ALA C    C N N 3   
ALA O    O N N 4   
ALA CB   C N N 5   
ALA OXT  O N N 6   
ALA H    H N N 7   
ALA H2   H N N 8   
ALA HA   H N N 9   
ALA HB1  H N N 10  
ALA HB2  H N N 11  
ALA HB3  H N N 12  
ALA HXT  H N N 13  
ARG N    N N N 14  
ARG CA   C N S 15  
ARG C    C N N 16  
ARG O    O N N 17  
ARG CB   C N N 18  
ARG CG   C N N 19  
ARG CD   C N N 20  
ARG NE   N N N 21  
ARG CZ   C N N 22  
ARG NH1  N N N 23  
ARG NH2  N N N 24  
ARG OXT  O N N 25  
ARG H    H N N 26  
ARG H2   H N N 27  
ARG HA   H N N 28  
ARG HB2  H N N 29  
ARG HB3  H N N 30  
ARG HG2  H N N 31  
ARG HG3  H N N 32  
ARG HD2  H N N 33  
ARG HD3  H N N 34  
ARG HE   H N N 35  
ARG HH11 H N N 36  
ARG HH12 H N N 37  
ARG HH21 H N N 38  
ARG HH22 H N N 39  
ARG HXT  H N N 40  
ASN N    N N N 41  
ASN CA   C N S 42  
ASN C    C N N 43  
ASN O    O N N 44  
ASN CB   C N N 45  
ASN CG   C N N 46  
ASN OD1  O N N 47  
ASN ND2  N N N 48  
ASN OXT  O N N 49  
ASN H    H N N 50  
ASN H2   H N N 51  
ASN HA   H N N 52  
ASN HB2  H N N 53  
ASN HB3  H N N 54  
ASN HD21 H N N 55  
ASN HD22 H N N 56  
ASN HXT  H N N 57  
ASP N    N N N 58  
ASP CA   C N S 59  
ASP C    C N N 60  
ASP O    O N N 61  
ASP CB   C N N 62  
ASP CG   C N N 63  
ASP OD1  O N N 64  
ASP OD2  O N N 65  
ASP OXT  O N N 66  
ASP H    H N N 67  
ASP H2   H N N 68  
ASP HA   H N N 69  
ASP HB2  H N N 70  
ASP HB3  H N N 71  
ASP HD2  H N N 72  
ASP HXT  H N N 73  
GLN N    N N N 74  
GLN CA   C N S 75  
GLN C    C N N 76  
GLN O    O N N 77  
GLN CB   C N N 78  
GLN CG   C N N 79  
GLN CD   C N N 80  
GLN OE1  O N N 81  
GLN NE2  N N N 82  
GLN OXT  O N N 83  
GLN H    H N N 84  
GLN H2   H N N 85  
GLN HA   H N N 86  
GLN HB2  H N N 87  
GLN HB3  H N N 88  
GLN HG2  H N N 89  
GLN HG3  H N N 90  
GLN HE21 H N N 91  
GLN HE22 H N N 92  
GLN HXT  H N N 93  
GLU N    N N N 94  
GLU CA   C N S 95  
GLU C    C N N 96  
GLU O    O N N 97  
GLU CB   C N N 98  
GLU CG   C N N 99  
GLU CD   C N N 100 
GLU OE1  O N N 101 
GLU OE2  O N N 102 
GLU OXT  O N N 103 
GLU H    H N N 104 
GLU H2   H N N 105 
GLU HA   H N N 106 
GLU HB2  H N N 107 
GLU HB3  H N N 108 
GLU HG2  H N N 109 
GLU HG3  H N N 110 
GLU HE2  H N N 111 
GLU HXT  H N N 112 
GLY N    N N N 113 
GLY CA   C N N 114 
GLY C    C N N 115 
GLY O    O N N 116 
GLY OXT  O N N 117 
GLY H    H N N 118 
GLY H2   H N N 119 
GLY HA2  H N N 120 
GLY HA3  H N N 121 
GLY HXT  H N N 122 
HIS N    N N N 123 
HIS CA   C N S 124 
HIS C    C N N 125 
HIS O    O N N 126 
HIS CB   C N N 127 
HIS CG   C Y N 128 
HIS ND1  N Y N 129 
HIS CD2  C Y N 130 
HIS CE1  C Y N 131 
HIS NE2  N Y N 132 
HIS OXT  O N N 133 
HIS H    H N N 134 
HIS H2   H N N 135 
HIS HA   H N N 136 
HIS HB2  H N N 137 
HIS HB3  H N N 138 
HIS HD1  H N N 139 
HIS HD2  H N N 140 
HIS HE1  H N N 141 
HIS HE2  H N N 142 
HIS HXT  H N N 143 
HOH O    O N N 144 
HOH H1   H N N 145 
HOH H2   H N N 146 
ILE N    N N N 147 
ILE CA   C N S 148 
ILE C    C N N 149 
ILE O    O N N 150 
ILE CB   C N S 151 
ILE CG1  C N N 152 
ILE CG2  C N N 153 
ILE CD1  C N N 154 
ILE OXT  O N N 155 
ILE H    H N N 156 
ILE H2   H N N 157 
ILE HA   H N N 158 
ILE HB   H N N 159 
ILE HG12 H N N 160 
ILE HG13 H N N 161 
ILE HG21 H N N 162 
ILE HG22 H N N 163 
ILE HG23 H N N 164 
ILE HD11 H N N 165 
ILE HD12 H N N 166 
ILE HD13 H N N 167 
ILE HXT  H N N 168 
LEU N    N N N 169 
LEU CA   C N S 170 
LEU C    C N N 171 
LEU O    O N N 172 
LEU CB   C N N 173 
LEU CG   C N N 174 
LEU CD1  C N N 175 
LEU CD2  C N N 176 
LEU OXT  O N N 177 
LEU H    H N N 178 
LEU H2   H N N 179 
LEU HA   H N N 180 
LEU HB2  H N N 181 
LEU HB3  H N N 182 
LEU HG   H N N 183 
LEU HD11 H N N 184 
LEU HD12 H N N 185 
LEU HD13 H N N 186 
LEU HD21 H N N 187 
LEU HD22 H N N 188 
LEU HD23 H N N 189 
LEU HXT  H N N 190 
LYS N    N N N 191 
LYS CA   C N S 192 
LYS C    C N N 193 
LYS O    O N N 194 
LYS CB   C N N 195 
LYS CG   C N N 196 
LYS CD   C N N 197 
LYS CE   C N N 198 
LYS NZ   N N N 199 
LYS OXT  O N N 200 
LYS H    H N N 201 
LYS H2   H N N 202 
LYS HA   H N N 203 
LYS HB2  H N N 204 
LYS HB3  H N N 205 
LYS HG2  H N N 206 
LYS HG3  H N N 207 
LYS HD2  H N N 208 
LYS HD3  H N N 209 
LYS HE2  H N N 210 
LYS HE3  H N N 211 
LYS HZ1  H N N 212 
LYS HZ2  H N N 213 
LYS HZ3  H N N 214 
LYS HXT  H N N 215 
MET N    N N N 216 
MET CA   C N S 217 
MET C    C N N 218 
MET O    O N N 219 
MET CB   C N N 220 
MET CG   C N N 221 
MET SD   S N N 222 
MET CE   C N N 223 
MET OXT  O N N 224 
MET H    H N N 225 
MET H2   H N N 226 
MET HA   H N N 227 
MET HB2  H N N 228 
MET HB3  H N N 229 
MET HG2  H N N 230 
MET HG3  H N N 231 
MET HE1  H N N 232 
MET HE2  H N N 233 
MET HE3  H N N 234 
MET HXT  H N N 235 
PHE N    N N N 236 
PHE CA   C N S 237 
PHE C    C N N 238 
PHE O    O N N 239 
PHE CB   C N N 240 
PHE CG   C Y N 241 
PHE CD1  C Y N 242 
PHE CD2  C Y N 243 
PHE CE1  C Y N 244 
PHE CE2  C Y N 245 
PHE CZ   C Y N 246 
PHE OXT  O N N 247 
PHE H    H N N 248 
PHE H2   H N N 249 
PHE HA   H N N 250 
PHE HB2  H N N 251 
PHE HB3  H N N 252 
PHE HD1  H N N 253 
PHE HD2  H N N 254 
PHE HE1  H N N 255 
PHE HE2  H N N 256 
PHE HZ   H N N 257 
PHE HXT  H N N 258 
PRO N    N N N 259 
PRO CA   C N S 260 
PRO C    C N N 261 
PRO O    O N N 262 
PRO CB   C N N 263 
PRO CG   C N N 264 
PRO CD   C N N 265 
PRO OXT  O N N 266 
PRO H    H N N 267 
PRO HA   H N N 268 
PRO HB2  H N N 269 
PRO HB3  H N N 270 
PRO HG2  H N N 271 
PRO HG3  H N N 272 
PRO HD2  H N N 273 
PRO HD3  H N N 274 
PRO HXT  H N N 275 
SER N    N N N 276 
SER CA   C N S 277 
SER C    C N N 278 
SER O    O N N 279 
SER CB   C N N 280 
SER OG   O N N 281 
SER OXT  O N N 282 
SER H    H N N 283 
SER H2   H N N 284 
SER HA   H N N 285 
SER HB2  H N N 286 
SER HB3  H N N 287 
SER HG   H N N 288 
SER HXT  H N N 289 
THR N    N N N 290 
THR CA   C N S 291 
THR C    C N N 292 
THR O    O N N 293 
THR CB   C N R 294 
THR OG1  O N N 295 
THR CG2  C N N 296 
THR OXT  O N N 297 
THR H    H N N 298 
THR H2   H N N 299 
THR HA   H N N 300 
THR HB   H N N 301 
THR HG1  H N N 302 
THR HG21 H N N 303 
THR HG22 H N N 304 
THR HG23 H N N 305 
THR HXT  H N N 306 
TYR N    N N N 307 
TYR CA   C N S 308 
TYR C    C N N 309 
TYR O    O N N 310 
TYR CB   C N N 311 
TYR CG   C Y N 312 
TYR CD1  C Y N 313 
TYR CD2  C Y N 314 
TYR CE1  C Y N 315 
TYR CE2  C Y N 316 
TYR CZ   C Y N 317 
TYR OH   O N N 318 
TYR OXT  O N N 319 
TYR H    H N N 320 
TYR H2   H N N 321 
TYR HA   H N N 322 
TYR HB2  H N N 323 
TYR HB3  H N N 324 
TYR HD1  H N N 325 
TYR HD2  H N N 326 
TYR HE1  H N N 327 
TYR HE2  H N N 328 
TYR HH   H N N 329 
TYR HXT  H N N 330 
VAL N    N N N 331 
VAL CA   C N S 332 
VAL C    C N N 333 
VAL O    O N N 334 
VAL CB   C N N 335 
VAL CG1  C N N 336 
VAL CG2  C N N 337 
VAL OXT  O N N 338 
VAL H    H N N 339 
VAL H2   H N N 340 
VAL HA   H N N 341 
VAL HB   H N N 342 
VAL HG11 H N N 343 
VAL HG12 H N N 344 
VAL HG13 H N N 345 
VAL HG21 H N N 346 
VAL HG22 H N N 347 
VAL HG23 H N N 348 
VAL HXT  H N N 349 
# 
loop_
_chem_comp_bond.comp_id 
_chem_comp_bond.atom_id_1 
_chem_comp_bond.atom_id_2 
_chem_comp_bond.value_order 
_chem_comp_bond.pdbx_aromatic_flag 
_chem_comp_bond.pdbx_stereo_config 
_chem_comp_bond.pdbx_ordinal 
ALA N   CA   sing N N 1   
ALA N   H    sing N N 2   
ALA N   H2   sing N N 3   
ALA CA  C    sing N N 4   
ALA CA  CB   sing N N 5   
ALA CA  HA   sing N N 6   
ALA C   O    doub N N 7   
ALA C   OXT  sing N N 8   
ALA CB  HB1  sing N N 9   
ALA CB  HB2  sing N N 10  
ALA CB  HB3  sing N N 11  
ALA OXT HXT  sing N N 12  
ARG N   CA   sing N N 13  
ARG N   H    sing N N 14  
ARG N   H2   sing N N 15  
ARG CA  C    sing N N 16  
ARG CA  CB   sing N N 17  
ARG CA  HA   sing N N 18  
ARG C   O    doub N N 19  
ARG C   OXT  sing N N 20  
ARG CB  CG   sing N N 21  
ARG CB  HB2  sing N N 22  
ARG CB  HB3  sing N N 23  
ARG CG  CD   sing N N 24  
ARG CG  HG2  sing N N 25  
ARG CG  HG3  sing N N 26  
ARG CD  NE   sing N N 27  
ARG CD  HD2  sing N N 28  
ARG CD  HD3  sing N N 29  
ARG NE  CZ   sing N N 30  
ARG NE  HE   sing N N 31  
ARG CZ  NH1  sing N N 32  
ARG CZ  NH2  doub N N 33  
ARG NH1 HH11 sing N N 34  
ARG NH1 HH12 sing N N 35  
ARG NH2 HH21 sing N N 36  
ARG NH2 HH22 sing N N 37  
ARG OXT HXT  sing N N 38  
ASN N   CA   sing N N 39  
ASN N   H    sing N N 40  
ASN N   H2   sing N N 41  
ASN CA  C    sing N N 42  
ASN CA  CB   sing N N 43  
ASN CA  HA   sing N N 44  
ASN C   O    doub N N 45  
ASN C   OXT  sing N N 46  
ASN CB  CG   sing N N 47  
ASN CB  HB2  sing N N 48  
ASN CB  HB3  sing N N 49  
ASN CG  OD1  doub N N 50  
ASN CG  ND2  sing N N 51  
ASN ND2 HD21 sing N N 52  
ASN ND2 HD22 sing N N 53  
ASN OXT HXT  sing N N 54  
ASP N   CA   sing N N 55  
ASP N   H    sing N N 56  
ASP N   H2   sing N N 57  
ASP CA  C    sing N N 58  
ASP CA  CB   sing N N 59  
ASP CA  HA   sing N N 60  
ASP C   O    doub N N 61  
ASP C   OXT  sing N N 62  
ASP CB  CG   sing N N 63  
ASP CB  HB2  sing N N 64  
ASP CB  HB3  sing N N 65  
ASP CG  OD1  doub N N 66  
ASP CG  OD2  sing N N 67  
ASP OD2 HD2  sing N N 68  
ASP OXT HXT  sing N N 69  
GLN N   CA   sing N N 70  
GLN N   H    sing N N 71  
GLN N   H2   sing N N 72  
GLN CA  C    sing N N 73  
GLN CA  CB   sing N N 74  
GLN CA  HA   sing N N 75  
GLN C   O    doub N N 76  
GLN C   OXT  sing N N 77  
GLN CB  CG   sing N N 78  
GLN CB  HB2  sing N N 79  
GLN CB  HB3  sing N N 80  
GLN CG  CD   sing N N 81  
GLN CG  HG2  sing N N 82  
GLN CG  HG3  sing N N 83  
GLN CD  OE1  doub N N 84  
GLN CD  NE2  sing N N 85  
GLN NE2 HE21 sing N N 86  
GLN NE2 HE22 sing N N 87  
GLN OXT HXT  sing N N 88  
GLU N   CA   sing N N 89  
GLU N   H    sing N N 90  
GLU N   H2   sing N N 91  
GLU CA  C    sing N N 92  
GLU CA  CB   sing N N 93  
GLU CA  HA   sing N N 94  
GLU C   O    doub N N 95  
GLU C   OXT  sing N N 96  
GLU CB  CG   sing N N 97  
GLU CB  HB2  sing N N 98  
GLU CB  HB3  sing N N 99  
GLU CG  CD   sing N N 100 
GLU CG  HG2  sing N N 101 
GLU CG  HG3  sing N N 102 
GLU CD  OE1  doub N N 103 
GLU CD  OE2  sing N N 104 
GLU OE2 HE2  sing N N 105 
GLU OXT HXT  sing N N 106 
GLY N   CA   sing N N 107 
GLY N   H    sing N N 108 
GLY N   H2   sing N N 109 
GLY CA  C    sing N N 110 
GLY CA  HA2  sing N N 111 
GLY CA  HA3  sing N N 112 
GLY C   O    doub N N 113 
GLY C   OXT  sing N N 114 
GLY OXT HXT  sing N N 115 
HIS N   CA   sing N N 116 
HIS N   H    sing N N 117 
HIS N   H2   sing N N 118 
HIS CA  C    sing N N 119 
HIS CA  CB   sing N N 120 
HIS CA  HA   sing N N 121 
HIS C   O    doub N N 122 
HIS C   OXT  sing N N 123 
HIS CB  CG   sing N N 124 
HIS CB  HB2  sing N N 125 
HIS CB  HB3  sing N N 126 
HIS CG  ND1  sing Y N 127 
HIS CG  CD2  doub Y N 128 
HIS ND1 CE1  doub Y N 129 
HIS ND1 HD1  sing N N 130 
HIS CD2 NE2  sing Y N 131 
HIS CD2 HD2  sing N N 132 
HIS CE1 NE2  sing Y N 133 
HIS CE1 HE1  sing N N 134 
HIS NE2 HE2  sing N N 135 
HIS OXT HXT  sing N N 136 
HOH O   H1   sing N N 137 
HOH O   H2   sing N N 138 
ILE N   CA   sing N N 139 
ILE N   H    sing N N 140 
ILE N   H2   sing N N 141 
ILE CA  C    sing N N 142 
ILE CA  CB   sing N N 143 
ILE CA  HA   sing N N 144 
ILE C   O    doub N N 145 
ILE C   OXT  sing N N 146 
ILE CB  CG1  sing N N 147 
ILE CB  CG2  sing N N 148 
ILE CB  HB   sing N N 149 
ILE CG1 CD1  sing N N 150 
ILE CG1 HG12 sing N N 151 
ILE CG1 HG13 sing N N 152 
ILE CG2 HG21 sing N N 153 
ILE CG2 HG22 sing N N 154 
ILE CG2 HG23 sing N N 155 
ILE CD1 HD11 sing N N 156 
ILE CD1 HD12 sing N N 157 
ILE CD1 HD13 sing N N 158 
ILE OXT HXT  sing N N 159 
LEU N   CA   sing N N 160 
LEU N   H    sing N N 161 
LEU N   H2   sing N N 162 
LEU CA  C    sing N N 163 
LEU CA  CB   sing N N 164 
LEU CA  HA   sing N N 165 
LEU C   O    doub N N 166 
LEU C   OXT  sing N N 167 
LEU CB  CG   sing N N 168 
LEU CB  HB2  sing N N 169 
LEU CB  HB3  sing N N 170 
LEU CG  CD1  sing N N 171 
LEU CG  CD2  sing N N 172 
LEU CG  HG   sing N N 173 
LEU CD1 HD11 sing N N 174 
LEU CD1 HD12 sing N N 175 
LEU CD1 HD13 sing N N 176 
LEU CD2 HD21 sing N N 177 
LEU CD2 HD22 sing N N 178 
LEU CD2 HD23 sing N N 179 
LEU OXT HXT  sing N N 180 
LYS N   CA   sing N N 181 
LYS N   H    sing N N 182 
LYS N   H2   sing N N 183 
LYS CA  C    sing N N 184 
LYS CA  CB   sing N N 185 
LYS CA  HA   sing N N 186 
LYS C   O    doub N N 187 
LYS C   OXT  sing N N 188 
LYS CB  CG   sing N N 189 
LYS CB  HB2  sing N N 190 
LYS CB  HB3  sing N N 191 
LYS CG  CD   sing N N 192 
LYS CG  HG2  sing N N 193 
LYS CG  HG3  sing N N 194 
LYS CD  CE   sing N N 195 
LYS CD  HD2  sing N N 196 
LYS CD  HD3  sing N N 197 
LYS CE  NZ   sing N N 198 
LYS CE  HE2  sing N N 199 
LYS CE  HE3  sing N N 200 
LYS NZ  HZ1  sing N N 201 
LYS NZ  HZ2  sing N N 202 
LYS NZ  HZ3  sing N N 203 
LYS OXT HXT  sing N N 204 
MET N   CA   sing N N 205 
MET N   H    sing N N 206 
MET N   H2   sing N N 207 
MET CA  C    sing N N 208 
MET CA  CB   sing N N 209 
MET CA  HA   sing N N 210 
MET C   O    doub N N 211 
MET C   OXT  sing N N 212 
MET CB  CG   sing N N 213 
MET CB  HB2  sing N N 214 
MET CB  HB3  sing N N 215 
MET CG  SD   sing N N 216 
MET CG  HG2  sing N N 217 
MET CG  HG3  sing N N 218 
MET SD  CE   sing N N 219 
MET CE  HE1  sing N N 220 
MET CE  HE2  sing N N 221 
MET CE  HE3  sing N N 222 
MET OXT HXT  sing N N 223 
PHE N   CA   sing N N 224 
PHE N   H    sing N N 225 
PHE N   H2   sing N N 226 
PHE CA  C    sing N N 227 
PHE CA  CB   sing N N 228 
PHE CA  HA   sing N N 229 
PHE C   O    doub N N 230 
PHE C   OXT  sing N N 231 
PHE CB  CG   sing N N 232 
PHE CB  HB2  sing N N 233 
PHE CB  HB3  sing N N 234 
PHE CG  CD1  doub Y N 235 
PHE CG  CD2  sing Y N 236 
PHE CD1 CE1  sing Y N 237 
PHE CD1 HD1  sing N N 238 
PHE CD2 CE2  doub Y N 239 
PHE CD2 HD2  sing N N 240 
PHE CE1 CZ   doub Y N 241 
PHE CE1 HE1  sing N N 242 
PHE CE2 CZ   sing Y N 243 
PHE CE2 HE2  sing N N 244 
PHE CZ  HZ   sing N N 245 
PHE OXT HXT  sing N N 246 
PRO N   CA   sing N N 247 
PRO N   CD   sing N N 248 
PRO N   H    sing N N 249 
PRO CA  C    sing N N 250 
PRO CA  CB   sing N N 251 
PRO CA  HA   sing N N 252 
PRO C   O    doub N N 253 
PRO C   OXT  sing N N 254 
PRO CB  CG   sing N N 255 
PRO CB  HB2  sing N N 256 
PRO CB  HB3  sing N N 257 
PRO CG  CD   sing N N 258 
PRO CG  HG2  sing N N 259 
PRO CG  HG3  sing N N 260 
PRO CD  HD2  sing N N 261 
PRO CD  HD3  sing N N 262 
PRO OXT HXT  sing N N 263 
SER N   CA   sing N N 264 
SER N   H    sing N N 265 
SER N   H2   sing N N 266 
SER CA  C    sing N N 267 
SER CA  CB   sing N N 268 
SER CA  HA   sing N N 269 
SER C   O    doub N N 270 
SER C   OXT  sing N N 271 
SER CB  OG   sing N N 272 
SER CB  HB2  sing N N 273 
SER CB  HB3  sing N N 274 
SER OG  HG   sing N N 275 
SER OXT HXT  sing N N 276 
THR N   CA   sing N N 277 
THR N   H    sing N N 278 
THR N   H2   sing N N 279 
THR CA  C    sing N N 280 
THR CA  CB   sing N N 281 
THR CA  HA   sing N N 282 
THR C   O    doub N N 283 
THR C   OXT  sing N N 284 
THR CB  OG1  sing N N 285 
THR CB  CG2  sing N N 286 
THR CB  HB   sing N N 287 
THR OG1 HG1  sing N N 288 
THR CG2 HG21 sing N N 289 
THR CG2 HG22 sing N N 290 
THR CG2 HG23 sing N N 291 
THR OXT HXT  sing N N 292 
TYR N   CA   sing N N 293 
TYR N   H    sing N N 294 
TYR N   H2   sing N N 295 
TYR CA  C    sing N N 296 
TYR CA  CB   sing N N 297 
TYR CA  HA   sing N N 298 
TYR C   O    doub N N 299 
TYR C   OXT  sing N N 300 
TYR CB  CG   sing N N 301 
TYR CB  HB2  sing N N 302 
TYR CB  HB3  sing N N 303 
TYR CG  CD1  doub Y N 304 
TYR CG  CD2  sing Y N 305 
TYR CD1 CE1  sing Y N 306 
TYR CD1 HD1  sing N N 307 
TYR CD2 CE2  doub Y N 308 
TYR CD2 HD2  sing N N 309 
TYR CE1 CZ   doub Y N 310 
TYR CE1 HE1  sing N N 311 
TYR CE2 CZ   sing Y N 312 
TYR CE2 HE2  sing N N 313 
TYR CZ  OH   sing N N 314 
TYR OH  HH   sing N N 315 
TYR OXT HXT  sing N N 316 
VAL N   CA   sing N N 317 
VAL N   H    sing N N 318 
VAL N   H2   sing N N 319 
VAL CA  C    sing N N 320 
VAL CA  CB   sing N N 321 
VAL CA  HA   sing N N 322 
VAL C   O    doub N N 323 
VAL C   OXT  sing N N 324 
VAL CB  CG1  sing N N 325 
VAL CB  CG2  sing N N 326 
VAL CB  HB   sing N N 327 
VAL CG1 HG11 sing N N 328 
VAL CG1 HG12 sing N N 329 
VAL CG1 HG13 sing N N 330 
VAL CG2 HG21 sing N N 331 
VAL CG2 HG22 sing N N 332 
VAL CG2 HG23 sing N N 333 
VAL OXT HXT  sing N N 334 
# 
_atom_sites.entry_id                    3QC7 
_atom_sites.fract_transf_matrix[1][1]   -0.01032234 
_atom_sites.fract_transf_matrix[1][2]   0.02213396 
_atom_sites.fract_transf_matrix[1][3]   0.00090702 
_atom_sites.fract_transf_matrix[2][1]   0.00721890 
_atom_sites.fract_transf_matrix[2][2]   0.01616895 
_atom_sites.fract_transf_matrix[2][3]   0.01684391 
_atom_sites.fract_transf_matrix[3][1]   0.00162996 
_atom_sites.fract_transf_matrix[3][2]   0.00082107 
_atom_sites.fract_transf_matrix[3][3]   -0.00148673 
_atom_sites.fract_transf_vector[1]      0.120704 
_atom_sites.fract_transf_vector[2]      0.024306 
_atom_sites.fract_transf_vector[3]      0.235553 
# 
loop_
_atom_type.symbol 
C 
N 
O 
S 
# 
loop_
_atom_site.group_PDB 
_atom_site.id 
_atom_site.type_symbol 
_atom_site.label_atom_id 
_atom_site.label_alt_id 
_atom_site.label_comp_id 
_atom_site.label_asym_id 
_atom_site.label_entity_id 
_atom_site.label_seq_id 
_atom_site.pdbx_PDB_ins_code 
_atom_site.Cartn_x 
_atom_site.Cartn_y 
_atom_site.Cartn_z 
_atom_site.occupancy 
_atom_site.B_iso_or_equiv 
_atom_site.pdbx_formal_charge 
_atom_site.auth_seq_id 
_atom_site.auth_comp_id 
_atom_site.auth_asym_id 
_atom_site.auth_atom_id 
_atom_site.pdbx_PDB_model_num 
ATOM   1    N N   . ILE A 1 9   ? 58.048  21.156  -40.959 1.00 45.53 ? 118 ILE A N   1 
ATOM   2    C CA  . ILE A 1 9   ? 57.557  22.564  -40.816 1.00 45.20 ? 118 ILE A CA  1 
ATOM   3    C C   . ILE A 1 9   ? 56.556  22.710  -39.675 1.00 44.18 ? 118 ILE A C   1 
ATOM   4    O O   . ILE A 1 9   ? 56.389  21.795  -38.861 1.00 44.59 ? 118 ILE A O   1 
ATOM   5    C CB  . ILE A 1 9   ? 56.882  23.110  -42.120 1.00 45.83 ? 118 ILE A CB  1 
ATOM   6    C CG1 . ILE A 1 9   ? 56.009  22.032  -42.784 1.00 46.07 ? 118 ILE A CG1 1 
ATOM   7    C CG2 . ILE A 1 9   ? 57.929  23.717  -43.073 1.00 46.21 ? 118 ILE A CG2 1 
ATOM   8    C CD1 . ILE A 1 9   ? 54.954  22.605  -43.705 1.00 47.02 ? 118 ILE A CD1 1 
ATOM   9    N N   . SER A 1 10  ? 55.914  23.880  -39.628 1.00 42.62 ? 119 SER A N   1 
ATOM   10   C CA  . SER A 1 10  ? 54.821  24.171  -38.701 1.00 40.34 ? 119 SER A CA  1 
ATOM   11   C C   . SER A 1 10  ? 53.544  24.493  -39.474 1.00 38.01 ? 119 SER A C   1 
ATOM   12   O O   . SER A 1 10  ? 53.503  25.430  -40.283 1.00 38.59 ? 119 SER A O   1 
ATOM   13   C CB  . SER A 1 10  ? 55.186  25.365  -37.803 1.00 41.10 ? 119 SER A CB  1 
ATOM   14   O OG  . SER A 1 10  ? 56.251  25.054  -36.905 1.00 43.12 ? 119 SER A OG  1 
ATOM   15   N N   . ILE A 1 11  ? 52.499  23.711  -39.228 1.00 33.78 ? 120 ILE A N   1 
ATOM   16   C CA  . ILE A 1 11  ? 51.189  24.060  -39.722 1.00 29.53 ? 120 ILE A CA  1 
ATOM   17   C C   . ILE A 1 11  ? 50.279  24.335  -38.512 1.00 26.22 ? 120 ILE A C   1 
ATOM   18   O O   . ILE A 1 11  ? 50.651  24.056  -37.367 1.00 25.96 ? 120 ILE A O   1 
ATOM   19   C CB  . ILE A 1 11  ? 50.599  22.944  -40.619 1.00 30.72 ? 120 ILE A CB  1 
ATOM   20   C CG1 . ILE A 1 11  ? 50.345  21.685  -39.812 1.00 29.69 ? 120 ILE A CG1 1 
ATOM   21   C CG2 . ILE A 1 11  ? 51.523  22.602  -41.809 1.00 30.95 ? 120 ILE A CG2 1 
ATOM   22   C CD1 . ILE A 1 11  ? 49.034  21.072  -40.107 1.00 33.16 ? 120 ILE A CD1 1 
ATOM   23   N N   . GLU A 1 12  ? 49.118  24.911  -38.778 1.00 23.34 ? 121 GLU A N   1 
ATOM   24   C CA  A GLU A 1 12  ? 48.102  25.118  -37.746 0.50 22.14 ? 121 GLU A CA  1 
ATOM   25   C CA  B GLU A 1 12  ? 48.107  25.119  -37.747 0.50 22.27 ? 121 GLU A CA  1 
ATOM   26   C C   . GLU A 1 12  ? 46.848  24.355  -38.129 1.00 20.43 ? 121 GLU A C   1 
ATOM   27   O O   . GLU A 1 12  ? 46.719  23.898  -39.257 1.00 20.45 ? 121 GLU A O   1 
ATOM   28   C CB  A GLU A 1 12  ? 47.796  26.604  -37.535 0.50 22.99 ? 121 GLU A CB  1 
ATOM   29   C CB  B GLU A 1 12  ? 47.850  26.613  -37.512 0.50 23.29 ? 121 GLU A CB  1 
ATOM   30   C CG  A GLU A 1 12  ? 47.185  27.307  -38.714 0.50 24.13 ? 121 GLU A CG  1 
ATOM   31   C CG  B GLU A 1 12  ? 49.013  27.261  -36.754 0.50 24.78 ? 121 GLU A CG  1 
ATOM   32   C CD  A GLU A 1 12  ? 47.017  28.790  -38.449 0.50 26.77 ? 121 GLU A CD  1 
ATOM   33   C CD  B GLU A 1 12  ? 48.830  28.738  -36.479 0.50 29.21 ? 121 GLU A CD  1 
ATOM   34   O OE1 A GLU A 1 12  ? 48.047  29.509  -38.479 0.50 29.18 ? 121 GLU A OE1 1 
ATOM   35   O OE1 B GLU A 1 12  ? 49.524  29.253  -35.569 0.50 31.05 ? 121 GLU A OE1 1 
ATOM   36   O OE2 A GLU A 1 12  ? 45.866  29.222  -38.201 0.50 25.94 ? 121 GLU A OE2 1 
ATOM   37   O OE2 B GLU A 1 12  ? 48.003  29.379  -37.169 0.50 29.54 ? 121 GLU A OE2 1 
ATOM   38   N N   . VAL A 1 13  ? 45.944  24.200  -37.166 1.00 18.59 ? 122 VAL A N   1 
ATOM   39   C CA  . VAL A 1 13  ? 44.713  23.408  -37.351 1.00 17.30 ? 122 VAL A CA  1 
ATOM   40   C C   . VAL A 1 13  ? 43.935  23.854  -38.597 1.00 19.49 ? 122 VAL A C   1 
ATOM   41   O O   . VAL A 1 13  ? 43.522  23.022  -39.418 1.00 19.07 ? 122 VAL A O   1 
ATOM   42   C CB  . VAL A 1 13  ? 43.853  23.387  -36.064 1.00 16.13 ? 122 VAL A CB  1 
ATOM   43   C CG1 . VAL A 1 13  ? 42.510  22.699  -36.333 1.00 17.39 ? 122 VAL A CG1 1 
ATOM   44   C CG2 . VAL A 1 13  ? 44.608  22.683  -34.900 1.00 16.12 ? 122 VAL A CG2 1 
ATOM   45   N N   . GLU A 1 14  ? 43.813  25.160  -38.793 1.00 21.68 ? 123 GLU A N   1 
ATOM   46   C CA  . GLU A 1 14  ? 43.048  25.630  -39.934 1.00 23.65 ? 123 GLU A CA  1 
ATOM   47   C C   . GLU A 1 14  ? 43.728  25.443  -41.303 1.00 23.13 ? 123 GLU A C   1 
ATOM   48   O O   . GLU A 1 14  ? 43.086  25.626  -42.347 1.00 25.45 ? 123 GLU A O   1 
ATOM   49   C CB  . GLU A 1 14  ? 42.547  27.053  -39.671 1.00 24.99 ? 123 GLU A CB  1 
ATOM   50   C CG  . GLU A 1 14  ? 41.098  27.000  -39.140 1.00 30.28 ? 123 GLU A CG  1 
ATOM   51   C CD  . GLU A 1 14  ? 40.970  26.963  -37.617 1.00 36.16 ? 123 GLU A CD  1 
ATOM   52   O OE1 . GLU A 1 14  ? 41.618  27.803  -36.933 1.00 39.53 ? 123 GLU A OE1 1 
ATOM   53   O OE2 . GLU A 1 14  ? 40.172  26.128  -37.099 1.00 38.39 ? 123 GLU A OE2 1 
ATOM   54   N N   . ASP A 1 15  ? 44.995  25.025  -41.328 1.00 22.62 ? 124 ASP A N   1 
ATOM   55   C CA  . ASP A 1 15  ? 45.674  24.626  -42.569 1.00 22.16 ? 124 ASP A CA  1 
ATOM   56   C C   . ASP A 1 15  ? 45.183  23.260  -43.097 1.00 20.66 ? 124 ASP A C   1 
ATOM   57   O O   . ASP A 1 15  ? 45.482  22.879  -44.237 1.00 21.40 ? 124 ASP A O   1 
ATOM   58   C CB  . ASP A 1 15  ? 47.206  24.552  -42.402 1.00 22.83 ? 124 ASP A CB  1 
ATOM   59   C CG  . ASP A 1 15  ? 47.852  25.904  -42.022 1.00 24.85 ? 124 ASP A CG  1 
ATOM   60   O OD1 . ASP A 1 15  ? 47.222  26.975  -42.222 1.00 31.78 ? 124 ASP A OD1 1 
ATOM   61   O OD2 . ASP A 1 15  ? 48.997  25.868  -41.516 1.00 26.15 ? 124 ASP A OD2 1 
ATOM   62   N N   . ILE A 1 16  ? 44.471  22.489  -42.250 1.00 17.90 ? 125 ILE A N   1 
ATOM   63   C CA  . ILE A 1 16  ? 44.069  21.128  -42.620 1.00 16.83 ? 125 ILE A CA  1 
ATOM   64   C C   . ILE A 1 16  ? 42.734  21.274  -43.339 1.00 16.91 ? 125 ILE A C   1 
ATOM   65   O O   . ILE A 1 16  ? 41.676  21.479  -42.746 1.00 18.08 ? 125 ILE A O   1 
ATOM   66   C CB  . ILE A 1 16  ? 43.950  20.242  -41.361 1.00 14.70 ? 125 ILE A CB  1 
ATOM   67   C CG1 . ILE A 1 16  ? 45.266  20.285  -40.595 1.00 16.20 ? 125 ILE A CG1 1 
ATOM   68   C CG2 . ILE A 1 16  ? 43.641  18.801  -41.766 1.00 14.68 ? 125 ILE A CG2 1 
ATOM   69   C CD1 . ILE A 1 16  ? 45.146  19.690  -39.207 1.00 15.97 ? 125 ILE A CD1 1 
ATOM   70   N N   . LYS A 1 17  ? 42.827  21.185  -44.659 1.00 18.26 ? 126 LYS A N   1 
ATOM   71   C CA  . LYS A 1 17  ? 41.738  21.679  -45.481 1.00 19.89 ? 126 LYS A CA  1 
ATOM   72   C C   . LYS A 1 17  ? 40.479  20.832  -45.482 1.00 18.67 ? 126 LYS A C   1 
ATOM   73   O O   . LYS A 1 17  ? 39.403  21.353  -45.760 1.00 20.87 ? 126 LYS A O   1 
ATOM   74   C CB  . LYS A 1 17  ? 42.244  21.955  -46.896 1.00 21.84 ? 126 LYS A CB  1 
ATOM   75   C CG  . LYS A 1 17  ? 43.226  23.161  -46.944 1.00 25.72 ? 126 LYS A CG  1 
ATOM   76   C CD  . LYS A 1 17  ? 42.697  24.393  -46.153 1.00 28.90 ? 126 LYS A CD  1 
ATOM   77   C CE  . LYS A 1 17  ? 43.688  25.579  -46.170 1.00 32.50 ? 126 LYS A CE  1 
ATOM   78   N NZ  . LYS A 1 17  ? 43.325  26.631  -45.183 1.00 35.24 ? 126 LYS A NZ  1 
ATOM   79   N N   . ASP A 1 18  ? 40.608  19.550  -45.146 1.00 16.42 ? 127 ASP A N   1 
ATOM   80   C CA  . ASP A 1 18  ? 39.457  18.643  -45.093 1.00 16.71 ? 127 ASP A CA  1 
ATOM   81   C C   . ASP A 1 18  ? 39.086  18.242  -43.683 1.00 15.70 ? 127 ASP A C   1 
ATOM   82   O O   . ASP A 1 18  ? 38.293  17.323  -43.486 1.00 17.55 ? 127 ASP A O   1 
ATOM   83   C CB  . ASP A 1 18  ? 39.663  17.408  -45.971 1.00 16.80 ? 127 ASP A CB  1 
ATOM   84   C CG  . ASP A 1 18  ? 40.846  16.556  -45.542 1.00 18.29 ? 127 ASP A CG  1 
ATOM   85   O OD1 . ASP A 1 18  ? 41.714  17.088  -44.829 1.00 17.89 ? 127 ASP A OD1 1 
ATOM   86   O OD2 . ASP A 1 18  ? 40.945  15.395  -45.986 1.00 22.81 ? 127 ASP A OD2 1 
ATOM   87   N N   . ALA A 1 19  ? 39.562  19.019  -42.720 1.00 14.46 ? 128 ALA A N   1 
ATOM   88   C CA  . ALA A 1 19  ? 39.079  18.825  -41.363 1.00 13.41 ? 128 ALA A CA  1 
ATOM   89   C C   . ALA A 1 19  ? 37.668  19.382  -41.201 1.00 12.42 ? 128 ALA A C   1 
ATOM   90   O O   . ALA A 1 19  ? 37.299  20.419  -41.797 1.00 15.17 ? 128 ALA A O   1 
ATOM   91   C CB  . ALA A 1 19  ? 40.005  19.438  -40.390 1.00 13.06 ? 128 ALA A CB  1 
ATOM   92   N N   . GLY A 1 20  ? 36.877  18.681  -40.392 1.00 11.42 ? 129 GLY A N   1 
ATOM   93   C CA  . GLY A 1 20  ? 35.494  19.098  -40.118 1.00 10.56 ? 129 GLY A CA  1 
ATOM   94   C C   . GLY A 1 20  ? 35.422  20.134  -39.023 1.00 10.33 ? 129 GLY A C   1 
ATOM   95   O O   . GLY A 1 20  ? 36.428  20.369  -38.321 1.00 12.72 ? 129 GLY A O   1 
ATOM   96   N N   . ASP A 1 21  ? 34.258  20.759  -38.841 1.00 11.78 ? 130 ASP A N   1 
ATOM   97   C CA  . ASP A 1 21  ? 34.155  21.794  -37.800 1.00 11.36 ? 130 ASP A CA  1 
ATOM   98   C C   . ASP A 1 21  ? 34.366  21.220  -36.400 1.00 11.53 ? 130 ASP A C   1 
ATOM   99   O O   . ASP A 1 21  ? 35.163  21.784  -35.621 1.00 11.68 ? 130 ASP A O   1 
ATOM   100  C CB  . ASP A 1 21  ? 32.786  22.459  -37.833 1.00 12.15 ? 130 ASP A CB  1 
ATOM   101  C CG  . ASP A 1 21  ? 32.546  23.269  -39.102 1.00 16.09 ? 130 ASP A CG  1 
ATOM   102  O OD1 . ASP A 1 21  ? 33.493  23.613  -39.841 1.00 17.08 ? 130 ASP A OD1 1 
ATOM   103  O OD2 . ASP A 1 21  ? 31.348  23.618  -39.326 1.00 19.02 ? 130 ASP A OD2 1 
ATOM   104  N N   . THR A 1 22  ? 33.676  20.135  -36.054 1.00 10.70 ? 131 THR A N   1 
ATOM   105  C CA  . THR A 1 22  ? 33.889  19.498  -34.749 1.00 10.41 ? 131 THR A CA  1 
ATOM   106  C C   . THR A 1 22  ? 35.298  18.937  -34.675 1.00 10.59 ? 131 THR A C   1 
ATOM   107  O O   . THR A 1 22  ? 35.952  19.045  -33.620 1.00 11.31 ? 131 THR A O   1 
ATOM   108  C CB  . THR A 1 22  ? 32.834  18.404  -34.538 1.00 11.21 ? 131 THR A CB  1 
ATOM   109  O OG1 . THR A 1 22  ? 31.576  19.041  -34.387 1.00 11.91 ? 131 THR A OG1 1 
ATOM   110  C CG2 . THR A 1 22  ? 33.126  17.541  -33.271 1.00 12.28 ? 131 THR A CG2 1 
ATOM   111  N N   . GLY A 1 23  ? 35.790  18.369  -35.778 1.00 10.04 ? 132 GLY A N   1 
ATOM   112  C CA  . GLY A 1 23  ? 37.150  17.834  -35.775 1.00 10.67 ? 132 GLY A CA  1 
ATOM   113  C C   . GLY A 1 23  ? 38.197  18.888  -35.422 1.00 10.28 ? 132 GLY A C   1 
ATOM   114  O O   . GLY A 1 23  ? 39.113  18.612  -34.621 1.00 11.00 ? 132 GLY A O   1 
ATOM   115  N N   . LYS A 1 24  ? 38.073  20.088  -35.972 1.00 11.19 ? 133 LYS A N   1 
ATOM   116  C CA  . LYS A 1 24  ? 39.052  21.136  -35.641 1.00 10.73 ? 133 LYS A CA  1 
ATOM   117  C C   . LYS A 1 24  ? 38.894  21.573  -34.208 1.00 10.13 ? 133 LYS A C   1 
ATOM   118  O O   . LYS A 1 24  ? 39.919  21.809  -33.546 1.00 11.58 ? 133 LYS A O   1 
ATOM   119  C CB  . LYS A 1 24  ? 38.900  22.344  -36.589 1.00 11.96 ? 133 LYS A CB  1 
ATOM   120  C CG  . LYS A 1 24  ? 39.300  22.112  -38.030 1.00 14.44 ? 133 LYS A CG  1 
ATOM   121  C CD  . LYS A 1 24  ? 38.955  23.357  -38.846 1.00 21.04 ? 133 LYS A CD  1 
ATOM   122  C CE  . LYS A 1 24  ? 39.328  23.168  -40.281 1.00 25.61 ? 133 LYS A CE  1 
ATOM   123  N NZ  . LYS A 1 24  ? 38.647  24.273  -41.006 1.00 30.98 ? 133 LYS A NZ  1 
ATOM   124  N N   . ARG A 1 25  ? 37.645  21.660  -33.704 1.00 10.68 ? 134 ARG A N   1 
ATOM   125  C CA  . ARG A 1 25  ? 37.459  22.041  -32.300 1.00 10.98 ? 134 ARG A CA  1 
ATOM   126  C C   . ARG A 1 25  ? 38.131  21.018  -31.383 1.00 11.28 ? 134 ARG A C   1 
ATOM   127  O O   . ARG A 1 25  ? 38.780  21.390  -30.376 1.00 12.16 ? 134 ARG A O   1 
ATOM   128  C CB  . ARG A 1 25  ? 35.982  22.203  -31.949 1.00 12.11 ? 134 ARG A CB  1 
ATOM   129  C CG  . ARG A 1 25  ? 35.339  23.441  -32.588 1.00 14.14 ? 134 ARG A CG  1 
ATOM   130  C CD  . ARG A 1 25  ? 33.925  23.566  -32.076 1.00 18.12 ? 134 ARG A CD  1 
ATOM   131  N NE  . ARG A 1 25  ? 33.868  23.982  -30.666 1.00 23.36 ? 134 ARG A NE  1 
ATOM   132  C CZ  . ARG A 1 25  ? 32.889  23.680  -29.792 1.00 26.93 ? 134 ARG A CZ  1 
ATOM   133  N NH1 . ARG A 1 25  ? 31.833  22.923  -30.132 1.00 25.37 ? 134 ARG A NH1 1 
ATOM   134  N NH2 . ARG A 1 25  ? 32.971  24.138  -28.543 1.00 27.92 ? 134 ARG A NH2 1 
ATOM   135  N N   . LEU A 1 26  ? 37.994  19.733  -31.678 1.00 10.86 ? 135 LEU A N   1 
ATOM   136  C CA  . LEU A 1 26  ? 38.611  18.701  -30.864 1.00 10.39 ? 135 LEU A CA  1 
ATOM   137  C C   . LEU A 1 26  ? 40.135  18.773  -30.947 1.00 10.35 ? 135 LEU A C   1 
ATOM   138  O O   . LEU A 1 26  ? 40.851  18.618  -29.909 1.00 11.51 ? 135 LEU A O   1 
ATOM   139  C CB  . LEU A 1 26  ? 38.166  17.300  -31.295 1.00 11.97 ? 135 LEU A CB  1 
ATOM   140  C CG  . LEU A 1 26  ? 36.745  16.967  -30.849 1.00 13.03 ? 135 LEU A CG  1 
ATOM   141  C CD1 . LEU A 1 26  ? 36.297  15.690  -31.536 1.00 13.38 ? 135 LEU A CD1 1 
ATOM   142  C CD2 . LEU A 1 26  ? 36.671  16.824  -29.312 1.00 14.23 ? 135 LEU A CD2 1 
ATOM   143  N N   . LEU A 1 27  ? 40.681  19.006  -32.136 1.00 9.84  ? 136 LEU A N   1 
ATOM   144  C CA  . LEU A 1 27  ? 42.138  19.029  -32.254 1.00 10.49 ? 136 LEU A CA  1 
ATOM   145  C C   . LEU A 1 27  ? 42.742  20.163  -31.424 1.00 10.71 ? 136 LEU A C   1 
ATOM   146  O O   . LEU A 1 27  ? 43.843  19.991  -30.845 1.00 10.83 ? 136 LEU A O   1 
ATOM   147  C CB  . LEU A 1 27  ? 42.546  19.088  -33.729 1.00 10.20 ? 136 LEU A CB  1 
ATOM   148  C CG  . LEU A 1 27  ? 44.055  19.031  -34.001 1.00 11.09 ? 136 LEU A CG  1 
ATOM   149  C CD1 . LEU A 1 27  ? 44.730  17.833  -33.312 1.00 11.90 ? 136 LEU A CD1 1 
ATOM   150  C CD2 . LEU A 1 27  ? 44.257  18.893  -35.520 1.00 13.87 ? 136 LEU A CD2 1 
ATOM   151  N N   . LYS A 1 28  ? 42.004  21.271  -31.317 1.00 10.01 ? 137 LYS A N   1 
ATOM   152  C CA  . LYS A 1 28  ? 42.475  22.416  -30.525 1.00 11.60 ? 137 LYS A CA  1 
ATOM   153  C C   . LYS A 1 28  ? 42.300  22.237  -29.040 1.00 11.02 ? 137 LYS A C   1 
ATOM   154  O O   . LYS A 1 28  ? 42.936  22.995  -28.271 1.00 13.20 ? 137 LYS A O   1 
ATOM   155  C CB  . LYS A 1 28  ? 41.738  23.682  -30.982 1.00 11.40 ? 137 LYS A CB  1 
ATOM   156  C CG  . LYS A 1 28  ? 42.143  24.149  -32.382 1.00 13.98 ? 137 LYS A CG  1 
ATOM   157  C CD  . LYS A 1 28  ? 41.288  25.375  -32.760 1.00 17.07 ? 137 LYS A CD  1 
ATOM   158  C CE  . LYS A 1 28  ? 41.671  25.906  -34.059 1.00 22.54 ? 137 LYS A CE  1 
ATOM   159  N NZ  . LYS A 1 28  ? 41.013  27.247  -34.191 1.00 28.71 ? 137 LYS A NZ  1 
ATOM   160  N N   . ILE A 1 29  ? 41.463  21.302  -28.597 1.00 10.62 ? 138 ILE A N   1 
ATOM   161  C CA  . ILE A 1 29  ? 41.101  21.239  -27.205 1.00 11.19 ? 138 ILE A CA  1 
ATOM   162  C C   . ILE A 1 29  ? 42.230  20.647  -26.367 1.00 10.43 ? 138 ILE A C   1 
ATOM   163  O O   . ILE A 1 29  ? 42.963  19.769  -26.820 1.00 11.90 ? 138 ILE A O   1 
ATOM   164  C CB  . ILE A 1 29  ? 39.757  20.488  -27.045 1.00 11.03 ? 138 ILE A CB  1 
ATOM   165  C CG1 . ILE A 1 29  ? 38.982  21.033  -25.863 1.00 12.14 ? 138 ILE A CG1 1 
ATOM   166  C CG2 . ILE A 1 29  ? 39.958  18.977  -26.825 1.00 12.43 ? 138 ILE A CG2 1 
ATOM   167  C CD1 . ILE A 1 29  ? 38.486  22.434  -26.053 1.00 13.12 ? 138 ILE A CD1 1 
ATOM   168  N N   . ASN A 1 30  ? 42.368  21.156  -25.145 1.00 10.20 ? 139 ASN A N   1 
ATOM   169  C CA  . ASN A 1 30  ? 43.514  20.771  -24.310 1.00 10.49 ? 139 ASN A CA  1 
ATOM   170  C C   . ASN A 1 30  ? 43.256  19.712  -23.286 1.00 10.84 ? 139 ASN A C   1 
ATOM   171  O O   . ASN A 1 30  ? 44.229  19.071  -22.860 1.00 12.27 ? 139 ASN A O   1 
ATOM   172  C CB  . ASN A 1 30  ? 44.064  22.017  -23.596 1.00 10.49 ? 139 ASN A CB  1 
ATOM   173  C CG  . ASN A 1 30  ? 45.532  21.947  -23.306 1.00 10.36 ? 139 ASN A CG  1 
ATOM   174  O OD1 . ASN A 1 30  ? 46.345  21.613  -24.150 1.00 12.16 ? 139 ASN A OD1 1 
ATOM   175  N ND2 . ASN A 1 30  ? 45.917  22.352  -22.091 1.00 11.85 ? 139 ASN A ND2 1 
ATOM   176  N N   . THR A 1 31  ? 42.004  19.542  -22.859 1.00 10.59 ? 140 THR A N   1 
ATOM   177  C CA  . THR A 1 31  ? 41.682  18.636  -21.748 1.00 10.70 ? 140 THR A CA  1 
ATOM   178  C C   . THR A 1 31  ? 40.505  17.739  -22.104 1.00 10.57 ? 140 THR A C   1 
ATOM   179  O O   . THR A 1 31  ? 39.685  18.059  -23.001 1.00 10.92 ? 140 THR A O   1 
ATOM   180  C CB  . THR A 1 31  ? 41.278  19.409  -20.457 1.00 10.19 ? 140 THR A CB  1 
ATOM   181  O OG1 . THR A 1 31  ? 40.015  20.087  -20.668 1.00 12.42 ? 140 THR A OG1 1 
ATOM   182  C CG2 . THR A 1 31  ? 42.378  20.425  -20.067 1.00 12.56 ? 140 THR A CG2 1 
ATOM   183  N N   . PRO A 1 32  ? 40.358  16.641  -21.371 1.00 10.06 ? 141 PRO A N   1 
ATOM   184  C CA  . PRO A 1 32  ? 39.189  15.753  -21.560 1.00 10.09 ? 141 PRO A CA  1 
ATOM   185  C C   . PRO A 1 32  ? 37.865  16.445  -21.299 1.00 10.59 ? 141 PRO A C   1 
ATOM   186  O O   . PRO A 1 32  ? 36.891  16.199  -22.042 1.00 10.67 ? 141 PRO A O   1 
ATOM   187  C CB  . PRO A 1 32  ? 39.469  14.591  -20.601 1.00 10.55 ? 141 PRO A CB  1 
ATOM   188  C CG  . PRO A 1 32  ? 40.991  14.554  -20.553 1.00 11.75 ? 141 PRO A CG  1 
ATOM   189  C CD  . PRO A 1 32  ? 41.399  16.025  -20.529 1.00 10.27 ? 141 PRO A CD  1 
ATOM   190  N N   . SER A 1 33  ? 37.801  17.332  -20.292 1.00 10.64 ? 142 SER A N   1 
ATOM   191  C CA  A SER A 1 33  ? 36.575  18.065  -20.016 0.50 11.60 ? 142 SER A CA  1 
ATOM   192  C CA  B SER A 1 33  ? 36.547  18.043  -20.025 0.50 10.54 ? 142 SER A CA  1 
ATOM   193  C C   . SER A 1 33  ? 36.180  18.914  -21.204 1.00 11.24 ? 142 SER A C   1 
ATOM   194  O O   . SER A 1 33  ? 35.017  18.993  -21.564 1.00 12.01 ? 142 SER A O   1 
ATOM   195  C CB  A SER A 1 33  ? 36.781  18.965  -18.809 0.50 12.22 ? 142 SER A CB  1 
ATOM   196  C CB  B SER A 1 33  ? 36.618  18.896  -18.753 0.50 10.90 ? 142 SER A CB  1 
ATOM   197  O OG  A SER A 1 33  ? 35.601  19.667  -18.522 0.50 17.46 ? 142 SER A OG  1 
ATOM   198  O OG  B SER A 1 33  ? 36.970  18.125  -17.609 0.50 10.61 ? 142 SER A OG  1 
ATOM   199  N N   . GLY A 1 34  ? 37.169  19.556  -21.826 1.00 11.43 ? 143 GLY A N   1 
ATOM   200  C CA  . GLY A 1 34  ? 36.893  20.358  -23.000 1.00 10.49 ? 143 GLY A CA  1 
ATOM   201  C C   . GLY A 1 34  ? 36.376  19.492  -24.126 1.00 10.83 ? 143 GLY A C   1 
ATOM   202  O O   . GLY A 1 34  ? 35.455  19.895  -24.857 1.00 12.10 ? 143 GLY A O   1 
ATOM   203  N N   . ALA A 1 35  ? 36.958  18.302  -24.271 1.00 10.63 ? 144 ALA A N   1 
ATOM   204  C CA  . ALA A 1 35  ? 36.474  17.404  -25.318 1.00 9.51  ? 144 ALA A CA  1 
ATOM   205  C C   . ALA A 1 35  ? 35.044  16.954  -25.080 1.00 10.26 ? 144 ALA A C   1 
ATOM   206  O O   . ALA A 1 35  ? 34.238  16.885  -26.037 1.00 10.54 ? 144 ALA A O   1 
ATOM   207  C CB  . ALA A 1 35  ? 37.421  16.176  -25.465 1.00 9.99  ? 144 ALA A CB  1 
ATOM   208  N N   . ARG A 1 36  ? 34.695  16.661  -23.836 1.00 10.14 ? 145 ARG A N   1 
ATOM   209  C CA  . ARG A 1 36  ? 33.334  16.260  -23.510 1.00 10.84 ? 145 ARG A CA  1 
ATOM   210  C C   . ARG A 1 36  ? 32.324  17.384  -23.786 1.00 11.36 ? 145 ARG A C   1 
ATOM   211  O O   . ARG A 1 36  ? 31.179  17.116  -24.242 1.00 12.18 ? 145 ARG A O   1 
ATOM   212  C CB  . ARG A 1 36  ? 33.217  15.827  -22.058 1.00 11.92 ? 145 ARG A CB  1 
ATOM   213  C CG  . ARG A 1 36  ? 33.963  14.536  -21.783 1.00 11.08 ? 145 ARG A CG  1 
ATOM   214  C CD  . ARG A 1 36  ? 33.648  13.956  -20.456 1.00 13.17 ? 145 ARG A CD  1 
ATOM   215  N NE  . ARG A 1 36  ? 33.934  14.837  -19.316 1.00 12.58 ? 145 ARG A NE  1 
ATOM   216  C CZ  . ARG A 1 36  ? 35.099  14.945  -18.679 1.00 13.53 ? 145 ARG A CZ  1 
ATOM   217  N NH1 . ARG A 1 36  ? 36.183  14.308  -19.111 1.00 12.74 ? 145 ARG A NH1 1 
ATOM   218  N NH2 . ARG A 1 36  ? 35.209  15.743  -17.618 1.00 18.02 ? 145 ARG A NH2 1 
ATOM   219  N N   . ASN A 1 37  ? 32.719  18.621  -23.539 1.00 11.19 ? 146 ASN A N   1 
ATOM   220  C CA  A ASN A 1 37  ? 31.866  19.769  -23.807 0.50 10.86 ? 146 ASN A CA  1 
ATOM   221  C CA  B ASN A 1 37  ? 31.855  19.773  -23.805 0.50 11.69 ? 146 ASN A CA  1 
ATOM   222  C C   . ASN A 1 37  ? 31.580  19.899  -25.299 1.00 11.63 ? 146 ASN A C   1 
ATOM   223  O O   . ASN A 1 37  ? 30.508  20.341  -25.694 1.00 13.32 ? 146 ASN A O   1 
ATOM   224  C CB  A ASN A 1 37  ? 32.516  21.048  -23.272 0.50 11.44 ? 146 ASN A CB  1 
ATOM   225  C CB  B ASN A 1 37  ? 32.479  21.073  -23.269 0.50 12.80 ? 146 ASN A CB  1 
ATOM   226  C CG  A ASN A 1 37  ? 31.664  22.256  -23.510 0.50 10.63 ? 146 ASN A CG  1 
ATOM   227  C CG  B ASN A 1 37  ? 32.394  21.197  -21.757 0.50 15.72 ? 146 ASN A CG  1 
ATOM   228  O OD1 A ASN A 1 37  ? 30.482  22.275  -23.133 0.50 13.79 ? 146 ASN A OD1 1 
ATOM   229  O OD1 B ASN A 1 37  ? 31.551  20.582  -21.095 0.50 22.63 ? 146 ASN A OD1 1 
ATOM   230  N ND2 A ASN A 1 37  ? 32.245  23.283  -24.110 0.50 13.24 ? 146 ASN A ND2 1 
ATOM   231  N ND2 B ASN A 1 37  ? 33.268  22.036  -21.197 0.50 18.25 ? 146 ASN A ND2 1 
ATOM   232  N N   . ILE A 1 38  ? 32.552  19.522  -26.142 1.00 10.81 ? 147 ILE A N   1 
ATOM   233  C CA  . ILE A 1 38  ? 32.304  19.562  -27.594 1.00 11.43 ? 147 ILE A CA  1 
ATOM   234  C C   . ILE A 1 38  ? 31.379  18.415  -28.022 1.00 11.64 ? 147 ILE A C   1 
ATOM   235  O O   . ILE A 1 38  ? 30.433  18.624  -28.807 1.00 12.78 ? 147 ILE A O   1 
ATOM   236  C CB  . ILE A 1 38  ? 33.652  19.464  -28.358 1.00 12.40 ? 147 ILE A CB  1 
ATOM   237  C CG1 . ILE A 1 38  ? 34.467  20.752  -28.128 1.00 12.10 ? 147 ILE A CG1 1 
ATOM   238  C CG2 . ILE A 1 38  ? 33.416  19.234  -29.879 1.00 12.74 ? 147 ILE A CG2 1 
ATOM   239  C CD1 . ILE A 1 38  ? 35.955  20.561  -28.418 1.00 12.09 ? 147 ILE A CD1 1 
ATOM   240  N N   . ILE A 1 39  ? 31.666  17.216  -27.548 1.00 11.17 ? 148 ILE A N   1 
ATOM   241  C CA  A ILE A 1 39  ? 31.065  15.983  -28.090 0.70 11.02 ? 148 ILE A CA  1 
ATOM   242  C CA  B ILE A 1 39  ? 31.023  16.053  -28.144 0.30 11.14 ? 148 ILE A CA  1 
ATOM   243  C C   . ILE A 1 39  ? 29.650  15.718  -27.588 1.00 10.82 ? 148 ILE A C   1 
ATOM   244  O O   . ILE A 1 39  ? 28.834  15.186  -28.337 1.00 10.81 ? 148 ILE A O   1 
ATOM   245  C CB  A ILE A 1 39  ? 32.008  14.791  -27.815 0.70 10.85 ? 148 ILE A CB  1 
ATOM   246  C CB  B ILE A 1 39  ? 31.940  14.811  -28.203 0.30 11.20 ? 148 ILE A CB  1 
ATOM   247  C CG1 A ILE A 1 39  ? 33.259  14.924  -28.678 0.70 11.89 ? 148 ILE A CG1 1 
ATOM   248  C CG1 B ILE A 1 39  ? 32.222  14.250  -26.810 0.30 12.32 ? 148 ILE A CG1 1 
ATOM   249  C CG2 A ILE A 1 39  ? 31.344  13.444  -28.088 0.70 11.75 ? 148 ILE A CG2 1 
ATOM   250  C CG2 B ILE A 1 39  ? 33.235  15.139  -28.958 0.30 10.86 ? 148 ILE A CG2 1 
ATOM   251  C CD1 A ILE A 1 39  ? 34.425  14.125  -28.155 0.70 14.11 ? 148 ILE A CD1 1 
ATOM   252  C CD1 B ILE A 1 39  ? 32.679  12.818  -26.817 0.30 14.51 ? 148 ILE A CD1 1 
ATOM   253  N N   . ILE A 1 40  ? 29.372  16.014  -26.324 1.00 10.46 ? 149 ILE A N   1 
ATOM   254  C CA  A ILE A 1 40  ? 28.075  15.646  -25.738 0.50 10.90 ? 149 ILE A CA  1 
ATOM   255  C CA  B ILE A 1 40  ? 28.096  15.635  -25.702 0.50 10.20 ? 149 ILE A CA  1 
ATOM   256  C C   . ILE A 1 40  ? 27.153  16.847  -25.703 1.00 12.09 ? 149 ILE A C   1 
ATOM   257  O O   . ILE A 1 40  ? 27.379  17.825  -24.990 1.00 15.32 ? 149 ILE A O   1 
ATOM   258  C CB  A ILE A 1 40  ? 28.165  15.051  -24.344 0.50 11.49 ? 149 ILE A CB  1 
ATOM   259  C CB  B ILE A 1 40  ? 28.305  15.075  -24.284 0.50 10.42 ? 149 ILE A CB  1 
ATOM   260  C CG1 A ILE A 1 40  ? 28.941  13.722  -24.325 0.50 12.87 ? 149 ILE A CG1 1 
ATOM   261  C CG1 B ILE A 1 40  ? 29.482  14.097  -24.229 0.50 8.17  ? 149 ILE A CG1 1 
ATOM   262  C CG2 A ILE A 1 40  ? 26.733  14.878  -23.781 0.50 9.27  ? 149 ILE A CG2 1 
ATOM   263  C CG2 B ILE A 1 40  ? 27.062  14.347  -23.799 0.50 9.56  ? 149 ILE A CG2 1 
ATOM   264  C CD1 A ILE A 1 40  ? 30.415  13.885  -24.455 0.50 20.67 ? 149 ILE A CD1 1 
ATOM   265  C CD1 B ILE A 1 40  ? 29.627  13.353  -22.917 0.50 7.92  ? 149 ILE A CD1 1 
ATOM   266  N N   . GLU A 1 41  ? 26.096  16.775  -26.506 1.00 11.56 ? 150 GLU A N   1 
ATOM   267  C CA  . GLU A 1 41  ? 25.159  17.908  -26.625 1.00 12.14 ? 150 GLU A CA  1 
ATOM   268  C C   . GLU A 1 41  ? 24.056  17.849  -25.592 1.00 11.40 ? 150 GLU A C   1 
ATOM   269  O O   . GLU A 1 41  ? 23.590  18.932  -25.146 1.00 14.37 ? 150 GLU A O   1 
ATOM   270  C CB  . GLU A 1 41  ? 24.570  17.938  -28.035 1.00 12.78 ? 150 GLU A CB  1 
ATOM   271  C CG  . GLU A 1 41  ? 25.608  18.355  -29.087 1.00 14.56 ? 150 GLU A CG  1 
ATOM   272  C CD  . GLU A 1 41  ? 25.113  18.155  -30.474 1.00 17.43 ? 150 GLU A CD  1 
ATOM   273  O OE1 . GLU A 1 41  ? 24.924  16.994  -30.900 1.00 16.82 ? 150 GLU A OE1 1 
ATOM   274  O OE2 . GLU A 1 41  ? 24.847  19.192  -31.145 1.00 25.36 ? 150 GLU A OE2 1 
ATOM   275  N N   . ASN A 1 42  ? 23.594  16.669  -25.211 1.00 11.89 ? 151 ASN A N   1 
ATOM   276  C CA  . ASN A 1 42  ? 22.538  16.526  -24.229 1.00 10.38 ? 151 ASN A CA  1 
ATOM   277  C C   . ASN A 1 42  ? 23.108  16.884  -22.869 1.00 11.64 ? 151 ASN A C   1 
ATOM   278  O O   . ASN A 1 42  ? 24.003  16.217  -22.396 1.00 11.66 ? 151 ASN A O   1 
ATOM   279  C CB  . ASN A 1 42  ? 21.966  15.109  -24.290 1.00 11.38 ? 151 ASN A CB  1 
ATOM   280  C CG  . ASN A 1 42  ? 20.819  14.901  -23.292 1.00 11.07 ? 151 ASN A CG  1 
ATOM   281  O OD1 . ASN A 1 42  ? 21.026  14.988  -22.079 1.00 12.15 ? 151 ASN A OD1 1 
ATOM   282  N ND2 . ASN A 1 42  ? 19.608  14.688  -23.799 1.00 12.26 ? 151 ASN A ND2 1 
ATOM   283  N N   . GLU A 1 43  ? 22.536  17.904  -22.234 1.00 12.87 ? 152 GLU A N   1 
ATOM   284  C CA  . GLU A 1 43  ? 23.109  18.447  -21.011 1.00 13.17 ? 152 GLU A CA  1 
ATOM   285  C C   . GLU A 1 43  ? 22.983  17.476  -19.851 1.00 11.90 ? 152 GLU A C   1 
ATOM   286  O O   . GLU A 1 43  ? 23.832  17.467  -18.965 1.00 12.81 ? 152 GLU A O   1 
ATOM   287  C CB  . GLU A 1 43  ? 22.504  19.813  -20.671 1.00 14.38 ? 152 GLU A CB  1 
ATOM   288  C CG  . GLU A 1 43  ? 23.006  20.942  -21.612 1.00 19.68 ? 152 GLU A CG  1 
ATOM   289  C CD  . GLU A 1 43  ? 24.473  21.307  -21.404 1.00 26.36 ? 152 GLU A CD  1 
ATOM   290  O OE1 . GLU A 1 43  ? 24.950  21.328  -20.241 1.00 25.48 ? 152 GLU A OE1 1 
ATOM   291  O OE2 . GLU A 1 43  ? 25.169  21.598  -22.418 1.00 32.86 ? 152 GLU A OE2 1 
ATOM   292  N N   . ASP A 1 44  ? 21.942  16.645  -19.868 1.00 10.54 ? 153 ASP A N   1 
ATOM   293  C CA  . ASP A 1 44  ? 21.758  15.657  -18.796 1.00 11.49 ? 153 ASP A CA  1 
ATOM   294  C C   . ASP A 1 44  ? 22.751  14.527  -18.929 1.00 10.87 ? 153 ASP A C   1 
ATOM   295  O O   . ASP A 1 44  ? 23.352  14.096  -17.933 1.00 10.69 ? 153 ASP A O   1 
ATOM   296  C CB  . ASP A 1 44  ? 20.301  15.183  -18.799 1.00 12.44 ? 153 ASP A CB  1 
ATOM   297  C CG  . ASP A 1 44  ? 19.338  16.379  -18.734 1.00 13.53 ? 153 ASP A CG  1 
ATOM   298  O OD1 . ASP A 1 44  ? 19.428  17.145  -17.742 1.00 14.46 ? 153 ASP A OD1 1 
ATOM   299  O OD2 . ASP A 1 44  ? 18.513  16.588  -19.697 1.00 15.48 ? 153 ASP A OD2 1 
ATOM   300  N N   . ALA A 1 45  ? 22.937  14.036  -20.161 1.00 10.87 ? 154 ALA A N   1 
ATOM   301  C CA  . ALA A 1 45  ? 23.975  13.043  -20.413 1.00 10.30 ? 154 ALA A CA  1 
ATOM   302  C C   . ALA A 1 45  ? 25.376  13.572  -20.100 1.00 10.34 ? 154 ALA A C   1 
ATOM   303  O O   . ALA A 1 45  ? 26.197  12.839  -19.511 1.00 11.33 ? 154 ALA A O   1 
ATOM   304  C CB  . ALA A 1 45  ? 23.893  12.538  -21.861 1.00 11.82 ? 154 ALA A CB  1 
ATOM   305  N N   . LYS A 1 46  ? 25.641  14.845  -20.436 1.00 10.69 ? 155 LYS A N   1 
ATOM   306  C CA  . LYS A 1 46  ? 26.968  15.428  -20.160 1.00 11.06 ? 155 LYS A CA  1 
ATOM   307  C C   . LYS A 1 46  ? 27.181  15.468  -18.665 1.00 11.18 ? 155 LYS A C   1 
ATOM   308  O O   . LYS A 1 46  ? 28.270  15.121  -18.186 1.00 11.00 ? 155 LYS A O   1 
ATOM   309  C CB  . LYS A 1 46  ? 27.088  16.790  -20.811 1.00 12.76 ? 155 LYS A CB  1 
ATOM   310  C CG  . LYS A 1 46  ? 28.514  17.323  -20.645 1.00 14.97 ? 155 LYS A CG  1 
ATOM   311  C CD  . LYS A 1 46  ? 28.795  18.533  -21.441 1.00 16.53 ? 155 LYS A CD  1 
ATOM   312  C CE  . LYS A 1 46  ? 28.011  19.670  -20.947 1.00 19.39 ? 155 LYS A CE  1 
ATOM   313  N NZ  . LYS A 1 46  ? 28.449  20.959  -21.666 1.00 21.52 ? 155 LYS A NZ  1 
ATOM   314  N N   . ALA A 1 47  ? 26.131  15.829  -17.928 1.00 11.09 ? 156 ALA A N   1 
ATOM   315  C CA  . ALA A 1 47  ? 26.218  15.894  -16.469 1.00 11.16 ? 156 ALA A CA  1 
ATOM   316  C C   . ALA A 1 47  ? 26.533  14.527  -15.861 1.00 11.41 ? 156 ALA A C   1 
ATOM   317  O O   . ALA A 1 47  ? 27.386  14.433  -14.976 1.00 10.83 ? 156 ALA A O   1 
ATOM   318  C CB  . ALA A 1 47  ? 24.930  16.474  -15.883 1.00 11.29 ? 156 ALA A CB  1 
ATOM   319  N N   . LEU A 1 48  ? 25.891  13.454  -16.353 1.00 9.98  ? 157 LEU A N   1 
ATOM   320  C CA  . LEU A 1 48  ? 26.205  12.103  -15.888 1.00 9.92  ? 157 LEU A CA  1 
ATOM   321  C C   . LEU A 1 48  ? 27.650  11.749  -16.150 1.00 10.38 ? 157 LEU A C   1 
ATOM   322  O O   . LEU A 1 48  ? 28.339  11.254  -15.241 1.00 11.29 ? 157 LEU A O   1 
ATOM   323  C CB  . LEU A 1 48  ? 25.263  11.096  -16.609 1.00 9.77  ? 157 LEU A CB  1 
ATOM   324  C CG  . LEU A 1 48  ? 25.563  9.627   -16.312 1.00 10.26 ? 157 LEU A CG  1 
ATOM   325  C CD1 . LEU A 1 48  ? 25.355  9.263   -14.837 1.00 12.29 ? 157 LEU A CD1 1 
ATOM   326  C CD2 . LEU A 1 48  ? 24.660  8.784   -17.191 1.00 12.57 ? 157 LEU A CD2 1 
ATOM   327  N N   . ILE A 1 49  ? 28.132  12.025  -17.356 1.00 10.59 ? 158 ILE A N   1 
ATOM   328  C CA  A ILE A 1 49  ? 29.501  11.667  -17.732 0.50 11.63 ? 158 ILE A CA  1 
ATOM   329  C CA  B ILE A 1 49  ? 29.494  11.622  -17.703 0.50 11.33 ? 158 ILE A CA  1 
ATOM   330  C C   . ILE A 1 49  ? 30.525  12.454  -16.930 1.00 11.23 ? 158 ILE A C   1 
ATOM   331  O O   . ILE A 1 49  ? 31.630  11.940  -16.626 1.00 11.38 ? 158 ILE A O   1 
ATOM   332  C CB  A ILE A 1 49  ? 29.706  11.847  -19.244 0.50 11.62 ? 158 ILE A CB  1 
ATOM   333  C CB  B ILE A 1 49  ? 29.686  11.612  -19.243 0.50 11.14 ? 158 ILE A CB  1 
ATOM   334  C CG1 A ILE A 1 49  ? 28.865  10.808  -19.978 0.50 13.17 ? 158 ILE A CG1 1 
ATOM   335  C CG1 B ILE A 1 49  ? 28.585  10.753  -19.888 0.50 12.00 ? 158 ILE A CG1 1 
ATOM   336  C CG2 A ILE A 1 49  ? 31.141  11.623  -19.632 0.50 11.14 ? 158 ILE A CG2 1 
ATOM   337  C CG2 B ILE A 1 49  ? 31.056  11.070  -19.654 0.50 10.20 ? 158 ILE A CG2 1 
ATOM   338  C CD1 A ILE A 1 49  ? 28.788  11.032  -21.436 0.50 13.51 ? 158 ILE A CD1 1 
ATOM   339  C CD1 B ILE A 1 49  ? 28.593  9.293   -19.470 0.50 9.80  ? 158 ILE A CD1 1 
ATOM   340  N N   . ASN A 1 50  ? 30.140  13.685  -16.533 1.00 10.73 ? 159 ASN A N   1 
ATOM   341  C CA  . ASN A 1 50  ? 31.014  14.539  -15.699 1.00 11.31 ? 159 ASN A CA  1 
ATOM   342  C C   . ASN A 1 50  ? 30.887  14.144  -14.217 1.00 12.74 ? 159 ASN A C   1 
ATOM   343  O O   . ASN A 1 50  ? 31.606  14.681  -13.375 1.00 15.05 ? 159 ASN A O   1 
ATOM   344  C CB  . ASN A 1 50  ? 30.590  15.998  -15.883 1.00 11.25 ? 159 ASN A CB  1 
ATOM   345  C CG  . ASN A 1 50  ? 31.182  16.656  -17.112 1.00 13.91 ? 159 ASN A CG  1 
ATOM   346  O OD1 . ASN A 1 50  ? 30.621  17.626  -17.648 1.00 20.52 ? 159 ASN A OD1 1 
ATOM   347  N ND2 . ASN A 1 50  ? 32.289  16.166  -17.554 1.00 17.78 ? 159 ASN A ND2 1 
ATOM   348  N N   . GLY A 1 51  ? 30.012  13.196  -13.894 1.00 11.84 ? 160 GLY A N   1 
ATOM   349  C CA  . GLY A 1 51  ? 29.782  12.819  -12.494 1.00 11.13 ? 160 GLY A CA  1 
ATOM   350  C C   . GLY A 1 51  ? 29.238  13.939  -11.615 1.00 11.03 ? 160 GLY A C   1 
ATOM   351  O O   . GLY A 1 51  ? 29.488  13.951  -10.414 1.00 11.81 ? 160 GLY A O   1 
ATOM   352  N N   . GLU A 1 52  ? 28.454  14.841  -12.198 1.00 10.53 ? 161 GLU A N   1 
ATOM   353  C CA  . GLU A 1 52  ? 27.959  16.054  -11.523 1.00 10.49 ? 161 GLU A CA  1 
ATOM   354  C C   . GLU A 1 52  ? 26.526  16.362  -11.960 1.00 11.29 ? 161 GLU A C   1 
ATOM   355  O O   . GLU A 1 52  ? 26.315  17.036  -12.978 1.00 12.69 ? 161 GLU A O   1 
ATOM   356  C CB  . GLU A 1 52  ? 28.867  17.195  -11.938 1.00 11.05 ? 161 GLU A CB  1 
ATOM   357  C CG  . GLU A 1 52  ? 28.560  18.555  -11.243 1.00 13.04 ? 161 GLU A CG  1 
ATOM   358  C CD  . GLU A 1 52  ? 28.876  18.544  -9.792  1.00 13.02 ? 161 GLU A CD  1 
ATOM   359  O OE1 . GLU A 1 52  ? 30.088  18.731  -9.468  1.00 13.20 ? 161 GLU A OE1 1 
ATOM   360  O OE2 . GLU A 1 52  ? 27.939  18.355  -8.987  1.00 14.35 ? 161 GLU A OE2 1 
ATOM   361  N N   . THR A 1 53  ? 25.564  15.789  -11.230 1.00 10.45 ? 162 THR A N   1 
ATOM   362  C CA  . THR A 1 53  ? 24.164  15.872  -11.639 1.00 10.40 ? 162 THR A CA  1 
ATOM   363  C C   . THR A 1 53  ? 23.326  16.612  -10.592 1.00 11.37 ? 162 THR A C   1 
ATOM   364  O O   . THR A 1 53  ? 23.457  16.357  -9.384  1.00 13.02 ? 162 THR A O   1 
ATOM   365  C CB  . THR A 1 53  ? 23.561  14.469  -11.897 1.00 11.33 ? 162 THR A CB  1 
ATOM   366  O OG1 . THR A 1 53  ? 23.739  13.678  -10.725 1.00 11.24 ? 162 THR A OG1 1 
ATOM   367  C CG2 . THR A 1 53  ? 24.238  13.780  -13.101 1.00 12.17 ? 162 THR A CG2 1 
ATOM   368  N N   . THR A 1 54  ? 22.506  17.531  -11.068 1.00 11.39 ? 163 THR A N   1 
ATOM   369  C CA  . THR A 1 54  ? 21.478  18.151  -10.223 1.00 11.37 ? 163 THR A CA  1 
ATOM   370  C C   . THR A 1 54  ? 20.253  17.249  -10.108 1.00 11.43 ? 163 THR A C   1 
ATOM   371  O O   . THR A 1 54  ? 20.161  16.219  -10.815 1.00 11.26 ? 163 THR A O   1 
ATOM   372  C CB  . THR A 1 54  ? 20.997  19.484  -10.830 1.00 12.57 ? 163 THR A CB  1 
ATOM   373  O OG1 . THR A 1 54  ? 20.364  19.202  -12.087 1.00 12.35 ? 163 THR A OG1 1 
ATOM   374  C CG2 . THR A 1 54  ? 22.170  20.431  -11.059 1.00 14.81 ? 163 THR A CG2 1 
ATOM   375  N N   . ASN A 1 55  ? 19.316  17.601  -9.238  1.00 12.05 ? 164 ASN A N   1 
ATOM   376  C CA  . ASN A 1 55  ? 18.074  16.827  -9.180  1.00 11.94 ? 164 ASN A CA  1 
ATOM   377  C C   . ASN A 1 55  ? 17.339  16.856  -10.532 1.00 11.74 ? 164 ASN A C   1 
ATOM   378  O O   . ASN A 1 55  ? 16.744  15.842  -10.929 1.00 12.73 ? 164 ASN A O   1 
ATOM   379  C CB  . ASN A 1 55  ? 17.150  17.387  -8.090  1.00 12.76 ? 164 ASN A CB  1 
ATOM   380  C CG  . ASN A 1 55  ? 17.574  16.961  -6.695  1.00 15.28 ? 164 ASN A CG  1 
ATOM   381  O OD1 . ASN A 1 55  ? 18.443  16.103  -6.495  1.00 18.24 ? 164 ASN A OD1 1 
ATOM   382  N ND2 . ASN A 1 55  ? 16.894  17.543  -5.692  1.00 21.84 ? 164 ASN A ND2 1 
ATOM   383  N N   . THR A 1 56  ? 17.364  17.991  -11.241 1.00 11.47 ? 165 THR A N   1 
ATOM   384  C CA  . THR A 1 56  ? 16.762  18.084  -12.575 1.00 12.61 ? 165 THR A CA  1 
ATOM   385  C C   . THR A 1 56  ? 17.500  17.150  -13.567 1.00 12.13 ? 165 THR A C   1 
ATOM   386  O O   . THR A 1 56  ? 16.863  16.404  -14.336 1.00 11.87 ? 165 THR A O   1 
ATOM   387  C CB  . THR A 1 56  ? 16.791  19.506  -13.085 1.00 13.89 ? 165 THR A CB  1 
ATOM   388  O OG1 . THR A 1 56  ? 15.929  20.289  -12.259 1.00 17.92 ? 165 THR A OG1 1 
ATOM   389  C CG2 . THR A 1 56  ? 16.217  19.591  -14.498 1.00 15.46 ? 165 THR A CG2 1 
ATOM   390  N N   . ASN A 1 57  ? 18.827  17.174  -13.556 1.00 11.92 ? 166 ASN A N   1 
ATOM   391  C CA  . ASN A 1 57  ? 19.547  16.234  -14.412 1.00 11.09 ? 166 ASN A CA  1 
ATOM   392  C C   . ASN A 1 57  ? 19.157  14.787  -14.116 1.00 10.80 ? 166 ASN A C   1 
ATOM   393  O O   . ASN A 1 57  ? 18.956  14.009  -15.039 1.00 11.90 ? 166 ASN A O   1 
ATOM   394  C CB  . ASN A 1 57  ? 21.076  16.320  -14.249 1.00 10.39 ? 166 ASN A CB  1 
ATOM   395  C CG  . ASN A 1 57  ? 21.676  17.611  -14.702 1.00 10.96 ? 166 ASN A CG  1 
ATOM   396  O OD1 . ASN A 1 57  ? 21.349  18.173  -15.786 1.00 15.92 ? 166 ASN A OD1 1 
ATOM   397  N ND2 . ASN A 1 57  ? 22.638  18.055  -13.952 1.00 8.64  ? 166 ASN A ND2 1 
ATOM   398  N N   . LYS A 1 58  ? 19.026  14.448  -12.832 1.00 10.87 ? 167 LYS A N   1 
ATOM   399  C CA  . LYS A 1 58  ? 18.700  13.076  -12.400 1.00 10.28 ? 167 LYS A CA  1 
ATOM   400  C C   . LYS A 1 58  ? 17.320  12.704  -12.926 1.00 10.39 ? 167 LYS A C   1 
ATOM   401  O O   . LYS A 1 58  ? 17.154  11.577  -13.484 1.00 10.82 ? 167 LYS A O   1 
ATOM   402  C CB  . LYS A 1 58  ? 18.795  12.921  -10.871 1.00 11.08 ? 167 LYS A CB  1 
ATOM   403  C CG  . LYS A 1 58  ? 20.232  12.989  -10.336 1.00 11.71 ? 167 LYS A CG  1 
ATOM   404  C CD  . LYS A 1 58  ? 20.173  12.865  -8.804  1.00 12.65 ? 167 LYS A CD  1 
ATOM   405  C CE  . LYS A 1 58  ? 21.559  12.570  -8.185  1.00 12.72 ? 167 LYS A CE  1 
ATOM   406  N NZ  . LYS A 1 58  ? 22.403  13.806  -8.233  1.00 13.81 ? 167 LYS A NZ  1 
ATOM   407  N N   . LYS A 1 59  ? 16.332  13.602  -12.772 1.00 11.52 ? 168 LYS A N   1 
ATOM   408  C CA  . LYS A 1 59  ? 14.977  13.309  -13.249 1.00 11.88 ? 168 LYS A CA  1 
ATOM   409  C C   . LYS A 1 59  ? 14.995  13.096  -14.755 1.00 11.02 ? 168 LYS A C   1 
ATOM   410  O O   . LYS A 1 59  ? 14.412  12.123  -15.286 1.00 11.60 ? 168 LYS A O   1 
ATOM   411  C CB  . LYS A 1 59  ? 14.036  14.452  -12.855 1.00 11.68 ? 168 LYS A CB  1 
ATOM   412  C CG  . LYS A 1 59  ? 12.584  14.120  -13.194 1.00 14.04 ? 168 LYS A CG  1 
ATOM   413  C CD  . LYS A 1 59  ? 11.600  15.157  -12.667 1.00 22.48 ? 168 LYS A CD  1 
ATOM   414  C CE  . LYS A 1 59  ? 10.161  14.743  -12.954 1.00 27.27 ? 168 LYS A CE  1 
ATOM   415  N NZ  . LYS A 1 59  ? 10.037  14.365  -14.384 1.00 32.05 ? 168 LYS A NZ  1 
ATOM   416  N N   . ASN A 1 60  ? 15.729  13.961  -15.446 1.00 11.26 ? 169 ASN A N   1 
ATOM   417  C CA  . ASN A 1 60  ? 15.781  13.855  -16.907 1.00 10.55 ? 169 ASN A CA  1 
ATOM   418  C C   . ASN A 1 60  ? 16.489  12.579  -17.360 1.00 10.17 ? 169 ASN A C   1 
ATOM   419  O O   . ASN A 1 60  ? 16.085  11.950  -18.343 1.00 11.46 ? 169 ASN A O   1 
ATOM   420  C CB  . ASN A 1 60  ? 16.480  15.090  -17.494 1.00 11.48 ? 169 ASN A CB  1 
ATOM   421  C CG  . ASN A 1 60  ? 15.660  16.346  -17.358 1.00 12.81 ? 169 ASN A CG  1 
ATOM   422  O OD1 . ASN A 1 60  ? 14.491  16.307  -17.038 1.00 14.52 ? 169 ASN A OD1 1 
ATOM   423  N ND2 . ASN A 1 60  ? 16.297  17.469  -17.565 1.00 15.63 ? 169 ASN A ND2 1 
ATOM   424  N N   . LEU A 1 61  ? 17.531  12.165  -16.639 1.00 9.94  ? 170 LEU A N   1 
ATOM   425  C CA  . LEU A 1 61  ? 18.196  10.886  -16.971 1.00 9.98  ? 170 LEU A CA  1 
ATOM   426  C C   . LEU A 1 61  ? 17.294  9.679   -16.707 1.00 10.13 ? 170 LEU A C   1 
ATOM   427  O O   . LEU A 1 61  ? 17.275  8.727   -17.476 1.00 10.79 ? 170 LEU A O   1 
ATOM   428  C CB  . LEU A 1 61  ? 19.491  10.782  -16.155 1.00 10.05 ? 170 LEU A CB  1 
ATOM   429  C CG  . LEU A 1 61  ? 20.586  11.716  -16.616 1.00 10.32 ? 170 LEU A CG  1 
ATOM   430  C CD1 . LEU A 1 61  ? 21.669  11.906  -15.547 1.00 11.94 ? 170 LEU A CD1 1 
ATOM   431  C CD2 . LEU A 1 61  ? 21.195  11.208  -17.916 1.00 11.85 ? 170 LEU A CD2 1 
ATOM   432  N N   . GLN A 1 62  ? 16.489  9.784   -15.646 1.00 10.45 ? 171 GLN A N   1 
ATOM   433  C CA  . GLN A 1 62  ? 15.509  8.743   -15.336 1.00 10.72 ? 171 GLN A CA  1 
ATOM   434  C C   . GLN A 1 62  ? 14.463  8.645   -16.442 1.00 10.32 ? 171 GLN A C   1 
ATOM   435  O O   . GLN A 1 62  ? 14.073  7.545   -16.803 1.00 10.81 ? 171 GLN A O   1 
ATOM   436  C CB  . GLN A 1 62  ? 14.907  8.987   -13.953 1.00 10.86 ? 171 GLN A CB  1 
ATOM   437  C CG  . GLN A 1 62  ? 15.875  8.723   -12.805 1.00 12.18 ? 171 GLN A CG  1 
ATOM   438  C CD  . GLN A 1 62  ? 15.438  9.406   -11.524 1.00 11.65 ? 171 GLN A CD  1 
ATOM   439  O OE1 . GLN A 1 62  ? 14.248  9.618   -11.258 1.00 13.20 ? 171 GLN A OE1 1 
ATOM   440  N NE2 . GLN A 1 62  ? 16.414  9.772   -10.716 1.00 11.35 ? 171 GLN A NE2 1 
ATOM   441  N N   . ASP A 1 63  ? 14.096  9.776   -17.031 1.00 11.22 ? 172 ASP A N   1 
ATOM   442  C CA  A ASP A 1 63  ? 13.192  9.759   -18.191 0.50 11.21 ? 172 ASP A CA  1 
ATOM   443  C CA  B ASP A 1 63  ? 13.196  9.736   -18.176 0.50 11.37 ? 172 ASP A CA  1 
ATOM   444  C C   . ASP A 1 63  ? 13.811  9.031   -19.384 1.00 11.31 ? 172 ASP A C   1 
ATOM   445  O O   . ASP A 1 63  ? 13.084  8.383   -20.159 1.00 12.35 ? 172 ASP A O   1 
ATOM   446  C CB  A ASP A 1 63  ? 12.776  11.175  -18.591 0.50 11.72 ? 172 ASP A CB  1 
ATOM   447  C CB  B ASP A 1 63  ? 12.715  11.132  -18.533 0.50 11.83 ? 172 ASP A CB  1 
ATOM   448  C CG  A ASP A 1 63  ? 11.849  11.827  -17.596 0.50 13.86 ? 172 ASP A CG  1 
ATOM   449  C CG  B ASP A 1 63  ? 11.550  11.097  -19.474 0.50 14.99 ? 172 ASP A CG  1 
ATOM   450  O OD1 A ASP A 1 63  ? 11.189  11.116  -16.819 0.50 16.67 ? 172 ASP A OD1 1 
ATOM   451  O OD1 B ASP A 1 63  ? 10.496  10.605  -19.034 0.50 18.97 ? 172 ASP A OD1 1 
ATOM   452  O OD2 A ASP A 1 63  ? 11.774  13.070  -17.606 0.50 15.53 ? 172 ASP A OD2 1 
ATOM   453  O OD2 B ASP A 1 63  ? 11.666  11.526  -20.634 0.50 19.96 ? 172 ASP A OD2 1 
ATOM   454  N N   . LEU A 1 64  ? 15.131  9.132   -19.560 1.00 10.97 ? 173 LEU A N   1 
ATOM   455  C CA  . LEU A 1 64  ? 15.824  8.427   -20.658 1.00 11.56 ? 173 LEU A CA  1 
ATOM   456  C C   . LEU A 1 64  ? 16.021  6.953   -20.358 1.00 11.50 ? 173 LEU A C   1 
ATOM   457  O O   . LEU A 1 64  ? 16.232  6.152   -21.255 1.00 11.49 ? 173 LEU A O   1 
ATOM   458  C CB  . LEU A 1 64  ? 17.215  9.038   -20.869 1.00 12.10 ? 173 LEU A CB  1 
ATOM   459  C CG  . LEU A 1 64  ? 17.169  10.506  -21.283 1.00 11.10 ? 173 LEU A CG  1 
ATOM   460  C CD1 . LEU A 1 64  ? 18.589  10.970  -21.491 1.00 11.96 ? 173 LEU A CD1 1 
ATOM   461  C CD2 . LEU A 1 64  ? 16.413  10.686  -22.551 1.00 12.23 ? 173 LEU A CD2 1 
ATOM   462  N N   . LEU A 1 65  ? 15.989  6.591   -19.074 1.00 10.78 ? 174 LEU A N   1 
ATOM   463  C CA  . LEU A 1 65  ? 16.323  5.216   -18.679 1.00 12.07 ? 174 LEU A CA  1 
ATOM   464  C C   . LEU A 1 65  ? 15.176  4.287   -18.408 1.00 11.44 ? 174 LEU A C   1 
ATOM   465  O O   . LEU A 1 65  ? 15.375  3.077   -18.459 1.00 12.20 ? 174 LEU A O   1 
ATOM   466  C CB  . LEU A 1 65  ? 17.200  5.237   -17.418 1.00 11.21 ? 174 LEU A CB  1 
ATOM   467  C CG  . LEU A 1 65  ? 18.619  5.742   -17.660 1.00 11.48 ? 174 LEU A CG  1 
ATOM   468  C CD1 . LEU A 1 65  ? 19.292  6.052   -16.359 1.00 13.02 ? 174 LEU A CD1 1 
ATOM   469  C CD2 . LEU A 1 65  ? 19.448  4.719   -18.414 1.00 12.93 ? 174 LEU A CD2 1 
ATOM   470  N N   . PHE A 1 66  ? 13.992  4.831   -18.078 1.00 11.48 ? 175 PHE A N   1 
ATOM   471  C CA  . PHE A 1 66  ? 12.863  4.004   -17.667 1.00 12.59 ? 175 PHE A CA  1 
ATOM   472  C C   . PHE A 1 66  ? 11.609  4.394   -18.409 1.00 12.86 ? 175 PHE A C   1 
ATOM   473  O O   . PHE A 1 66  ? 11.271  5.606   -18.490 1.00 13.94 ? 175 PHE A O   1 
ATOM   474  C CB  . PHE A 1 66  ? 12.609  4.179   -16.154 1.00 12.83 ? 175 PHE A CB  1 
ATOM   475  C CG  . PHE A 1 66  ? 13.792  3.829   -15.323 1.00 12.11 ? 175 PHE A CG  1 
ATOM   476  C CD1 . PHE A 1 66  ? 14.075  2.502   -15.017 1.00 11.30 ? 175 PHE A CD1 1 
ATOM   477  C CD2 . PHE A 1 66  ? 14.670  4.817   -14.904 1.00 11.41 ? 175 PHE A CD2 1 
ATOM   478  C CE1 . PHE A 1 66  ? 15.223  2.183   -14.282 1.00 13.02 ? 175 PHE A CE1 1 
ATOM   479  C CE2 . PHE A 1 66  ? 15.806  4.518   -14.179 1.00 10.90 ? 175 PHE A CE2 1 
ATOM   480  C CZ  . PHE A 1 66  ? 16.069  3.177   -13.867 1.00 12.11 ? 175 PHE A CZ  1 
ATOM   481  N N   . SER A 1 67  ? 10.873  3.396   -18.873 1.00 12.93 ? 176 SER A N   1 
ATOM   482  C CA  . SER A 1 67  ? 9.624   3.731   -19.604 1.00 14.29 ? 176 SER A CA  1 
ATOM   483  C C   . SER A 1 67  ? 8.415   3.849   -18.708 1.00 14.46 ? 176 SER A C   1 
ATOM   484  O O   . SER A 1 67  ? 7.537   4.681   -18.998 1.00 15.39 ? 176 SER A O   1 
ATOM   485  C CB  . SER A 1 67  ? 9.393   2.737   -20.732 1.00 15.56 ? 176 SER A CB  1 
ATOM   486  O OG  . SER A 1 67  ? 9.102   1.487   -20.215 1.00 18.77 ? 176 SER A OG  1 
ATOM   487  N N   . ASP A 1 68  ? 8.349   3.056   -17.635 1.00 13.51 ? 177 ASP A N   1 
ATOM   488  C CA  . ASP A 1 68  ? 7.107   2.990   -16.851 1.00 13.78 ? 177 ASP A CA  1 
ATOM   489  C C   . ASP A 1 68  ? 6.959   4.197   -15.945 1.00 13.09 ? 177 ASP A C   1 
ATOM   490  O O   . ASP A 1 68  ? 7.837   4.477   -15.105 1.00 14.22 ? 177 ASP A O   1 
ATOM   491  C CB  . ASP A 1 68  ? 7.063   1.697   -16.061 1.00 13.76 ? 177 ASP A CB  1 
ATOM   492  C CG  . ASP A 1 68  ? 5.726   1.508   -15.362 1.00 14.79 ? 177 ASP A CG  1 
ATOM   493  O OD1 . ASP A 1 68  ? 4.854   0.789   -15.940 1.00 19.00 ? 177 ASP A OD1 1 
ATOM   494  O OD2 . ASP A 1 68  ? 5.499   2.115   -14.279 1.00 16.35 ? 177 ASP A OD2 1 
ATOM   495  N N   . GLY A 1 69  ? 5.832   4.902   -16.076 1.00 13.85 ? 178 GLY A N   1 
ATOM   496  C CA  . GLY A 1 69  ? 5.611   6.118   -15.293 1.00 12.20 ? 178 GLY A CA  1 
ATOM   497  C C   . GLY A 1 69  ? 5.408   5.889   -13.819 1.00 12.91 ? 178 GLY A C   1 
ATOM   498  O O   . GLY A 1 69  ? 5.743   6.755   -13.023 1.00 14.38 ? 178 GLY A O   1 
ATOM   499  N N   . ASN A 1 70  ? 4.887   4.724   -13.439 1.00 13.01 ? 179 ASN A N   1 
ATOM   500  C CA  . ASN A 1 70  ? 4.692   4.475   -12.027 1.00 13.68 ? 179 ASN A CA  1 
ATOM   501  C C   . ASN A 1 70  ? 6.040   4.158   -11.372 1.00 13.54 ? 179 ASN A C   1 
ATOM   502  O O   . ASN A 1 70  ? 6.322   4.652   -10.271 1.00 12.72 ? 179 ASN A O   1 
ATOM   503  C CB  . ASN A 1 70  ? 3.694   3.332   -11.854 1.00 13.39 ? 179 ASN A CB  1 
ATOM   504  C CG  . ASN A 1 70  ? 2.366   3.607   -12.537 1.00 15.97 ? 179 ASN A CG  1 
ATOM   505  O OD1 . ASN A 1 70  ? 1.969   2.853   -13.430 1.00 21.41 ? 179 ASN A OD1 1 
ATOM   506  N ND2 . ASN A 1 70  ? 1.698   4.634   -12.133 1.00 14.96 ? 179 ASN A ND2 1 
ATOM   507  N N   . VAL A 1 71  ? 6.894   3.407   -12.090 1.00 13.34 ? 180 VAL A N   1 
ATOM   508  C CA  . VAL A 1 71  ? 8.257   3.176   -11.649 1.00 13.03 ? 180 VAL A CA  1 
ATOM   509  C C   . VAL A 1 71  ? 8.980   4.511   -11.550 1.00 12.67 ? 180 VAL A C   1 
ATOM   510  O O   . VAL A 1 71  ? 9.698   4.762   -10.570 1.00 12.98 ? 180 VAL A O   1 
ATOM   511  C CB  . VAL A 1 71  ? 8.960   2.201   -12.611 1.00 12.34 ? 180 VAL A CB  1 
ATOM   512  C CG1 . VAL A 1 71  ? 10.458  2.100   -12.321 1.00 14.20 ? 180 VAL A CG1 1 
ATOM   513  C CG2 . VAL A 1 71  ? 8.352   0.832   -12.428 1.00 15.21 ? 180 VAL A CG2 1 
ATOM   514  N N   . LYS A 1 72  ? 8.806   5.373   -12.545 1.00 13.06 ? 181 LYS A N   1 
ATOM   515  C CA  . LYS A 1 72  ? 9.511   6.669   -12.479 1.00 13.32 ? 181 LYS A CA  1 
ATOM   516  C C   . LYS A 1 72  ? 9.092   7.513   -11.288 1.00 13.14 ? 181 LYS A C   1 
ATOM   517  O O   . LYS A 1 72  ? 9.937   8.185   -10.670 1.00 13.78 ? 181 LYS A O   1 
ATOM   518  C CB  . LYS A 1 72  ? 9.368   7.465   -13.786 1.00 13.23 ? 181 LYS A CB  1 
ATOM   519  C CG  . LYS A 1 72  ? 10.284  6.907   -14.891 1.00 15.31 ? 181 LYS A CG  1 
ATOM   520  C CD  . LYS A 1 72  ? 10.249  7.755   -16.160 1.00 17.69 ? 181 LYS A CD  1 
ATOM   521  C CE  . LYS A 1 72  ? 8.971   7.546   -16.953 1.00 21.73 ? 181 LYS A CE  1 
ATOM   522  N NZ  . LYS A 1 72  ? 8.763   8.702   -17.923 1.00 27.57 ? 181 LYS A NZ  1 
ATOM   523  N N   . ALA A 1 73  ? 7.816   7.435   -10.912 1.00 13.23 ? 182 ALA A N   1 
ATOM   524  C CA  . ALA A 1 73  ? 7.375   8.203   -9.752  1.00 13.16 ? 182 ALA A CA  1 
ATOM   525  C C   . ALA A 1 73  ? 7.982   7.658   -8.449  1.00 13.03 ? 182 ALA A C   1 
ATOM   526  O O   . ALA A 1 73  ? 8.401   8.412   -7.573  1.00 13.96 ? 182 ALA A O   1 
ATOM   527  C CB  . ALA A 1 73  ? 5.839   8.199   -9.680  1.00 14.20 ? 182 ALA A CB  1 
ATOM   528  N N   . PHE A 1 74  ? 8.044   6.339   -8.339  1.00 12.59 ? 183 PHE A N   1 
ATOM   529  C CA  . PHE A 1 74  ? 8.738   5.702   -7.240  1.00 13.54 ? 183 PHE A CA  1 
ATOM   530  C C   . PHE A 1 74  ? 10.196  6.148   -7.158  1.00 13.25 ? 183 PHE A C   1 
ATOM   531  O O   . PHE A 1 74  ? 10.672  6.531   -6.083  1.00 13.27 ? 183 PHE A O   1 
ATOM   532  C CB  . PHE A 1 74  ? 8.602   4.195   -7.388  1.00 14.19 ? 183 PHE A CB  1 
ATOM   533  C CG  . PHE A 1 74  ? 9.409   3.404   -6.393  1.00 15.90 ? 183 PHE A CG  1 
ATOM   534  C CD1 . PHE A 1 74  ? 8.863   3.069   -5.140  1.00 17.97 ? 183 PHE A CD1 1 
ATOM   535  C CD2 . PHE A 1 74  ? 10.709  3.007   -6.705  1.00 14.59 ? 183 PHE A CD2 1 
ATOM   536  C CE1 . PHE A 1 74  ? 9.616   2.335   -4.229  1.00 18.47 ? 183 PHE A CE1 1 
ATOM   537  C CE2 . PHE A 1 74  ? 11.461  2.271   -5.769  1.00 15.46 ? 183 PHE A CE2 1 
ATOM   538  C CZ  . PHE A 1 74  ? 10.919  1.939   -4.581  1.00 15.57 ? 183 PHE A CZ  1 
ATOM   539  N N   . LEU A 1 75  ? 10.889  6.175   -8.291  1.00 12.90 ? 184 LEU A N   1 
ATOM   540  C CA  . LEU A 1 75  ? 12.308  6.550   -8.280  1.00 12.35 ? 184 LEU A CA  1 
ATOM   541  C C   . LEU A 1 75  ? 12.541  8.020   -7.893  1.00 12.46 ? 184 LEU A C   1 
ATOM   542  O O   . LEU A 1 75  ? 13.571  8.328   -7.299  1.00 14.27 ? 184 LEU A O   1 
ATOM   543  C CB  . LEU A 1 75  ? 12.949  6.252   -9.647  1.00 12.12 ? 184 LEU A CB  1 
ATOM   544  C CG  . LEU A 1 75  ? 12.946  4.779   -10.079 1.00 11.68 ? 184 LEU A CG  1 
ATOM   545  C CD1 . LEU A 1 75  ? 13.326  4.626   -11.562 1.00 13.42 ? 184 LEU A CD1 1 
ATOM   546  C CD2 . LEU A 1 75  ? 13.857  3.928   -9.179  1.00 12.04 ? 184 LEU A CD2 1 
ATOM   547  N N   . GLN A 1 76  ? 11.540  8.866   -8.171  1.00 13.07 ? 185 GLN A N   1 
ATOM   548  C CA  . GLN A 1 76  ? 11.519  10.286  -7.742  1.00 14.01 ? 185 GLN A CA  1 
ATOM   549  C C   . GLN A 1 76  ? 11.045  10.459  -6.312  1.00 15.64 ? 185 GLN A C   1 
ATOM   550  O O   . GLN A 1 76  ? 11.021  11.583  -5.781  1.00 16.19 ? 185 GLN A O   1 
ATOM   551  C CB  . GLN A 1 76  ? 10.616  11.089  -8.691  1.00 13.21 ? 185 GLN A CB  1 
ATOM   552  C CG  . GLN A 1 76  ? 11.277  11.400  -10.023 1.00 13.04 ? 185 GLN A CG  1 
ATOM   553  C CD  . GLN A 1 76  ? 12.327  12.469  -9.820  1.00 14.47 ? 185 GLN A CD  1 
ATOM   554  O OE1 . GLN A 1 76  ? 12.005  13.605  -9.459  1.00 17.46 ? 185 GLN A OE1 1 
ATOM   555  N NE2 . GLN A 1 76  ? 13.607  12.117  -10.017 1.00 13.70 ? 185 GLN A NE2 1 
ATOM   556  N N   . ALA A 1 77  ? 10.649  9.352   -5.677  1.00 15.72 ? 186 ALA A N   1 
ATOM   557  C CA  . ALA A 1 77  ? 10.150  9.354   -4.293  1.00 16.69 ? 186 ALA A CA  1 
ATOM   558  C C   . ALA A 1 77  ? 8.960   10.283  -4.158  1.00 17.79 ? 186 ALA A C   1 
ATOM   559  O O   . ALA A 1 77  ? 8.782   10.943  -3.107  1.00 18.66 ? 186 ALA A O   1 
ATOM   560  C CB  . ALA A 1 77  ? 11.271  9.657   -3.277  1.00 17.05 ? 186 ALA A CB  1 
ATOM   561  N N   . THR A 1 78  ? 8.133   10.335  -5.195  1.00 16.78 ? 187 THR A N   1 
ATOM   562  C CA  . THR A 1 78  ? 6.890   11.114  -5.132  1.00 19.24 ? 187 THR A CA  1 
ATOM   563  C C   . THR A 1 78  ? 5.815   10.360  -5.891  1.00 17.23 ? 187 THR A C   1 
ATOM   564  O O   . THR A 1 78  ? 5.811   10.315  -7.109  1.00 17.97 ? 187 THR A O   1 
ATOM   565  C CB  . THR A 1 78  ? 7.060   12.489  -5.787  1.00 20.24 ? 187 THR A CB  1 
ATOM   566  O OG1 . THR A 1 78  ? 8.107   13.219  -5.132  1.00 27.52 ? 187 THR A OG1 1 
ATOM   567  C CG2 . THR A 1 78  ? 5.750   13.300  -5.694  1.00 21.77 ? 187 THR A CG2 1 
ATOM   568  N N   . THR A 1 79  ? 4.914   9.711   -5.152  1.00 17.24 ? 188 THR A N   1 
ATOM   569  C CA  . THR A 1 79  ? 3.888   8.891   -5.774  1.00 16.36 ? 188 THR A CA  1 
ATOM   570  C C   . THR A 1 79  ? 2.497   9.389   -5.440  1.00 16.26 ? 188 THR A C   1 
ATOM   571  O O   . THR A 1 79  ? 2.204   9.737   -4.310  1.00 18.52 ? 188 THR A O   1 
ATOM   572  C CB  . THR A 1 79  ? 3.992   7.435   -5.339  1.00 16.43 ? 188 THR A CB  1 
ATOM   573  O OG1 . THR A 1 79  ? 3.985   7.378   -3.905  1.00 16.94 ? 188 THR A OG1 1 
ATOM   574  C CG2 . THR A 1 79  ? 5.323   6.806   -5.853  1.00 15.56 ? 188 THR A CG2 1 
ATOM   575  N N   . THR A 1 80  ? 1.659   9.401   -6.457  1.00 17.10 ? 189 THR A N   1 
ATOM   576  C CA  . THR A 1 80  ? 0.234   9.652   -6.251  1.00 18.44 ? 189 THR A CA  1 
ATOM   577  C C   . THR A 1 80  ? -0.441  8.370   -5.824  1.00 19.22 ? 189 THR A C   1 
ATOM   578  O O   . THR A 1 80  ? 0.124   7.270   -5.886  1.00 19.35 ? 189 THR A O   1 
ATOM   579  C CB  . THR A 1 80  ? -0.447  10.159  -7.527  1.00 19.01 ? 189 THR A CB  1 
ATOM   580  O OG1 . THR A 1 80  ? -0.350  9.160   -8.551  1.00 18.93 ? 189 THR A OG1 1 
ATOM   581  C CG2 . THR A 1 80  ? 0.182   11.506  -7.987  1.00 20.99 ? 189 THR A CG2 1 
ATOM   582  N N   . ASP A 1 81  ? -1.703  8.510   -5.423  1.00 20.65 ? 190 ASP A N   1 
ATOM   583  C CA  . ASP A 1 81  ? -2.484  7.338   -5.075  1.00 21.64 ? 190 ASP A CA  1 
ATOM   584  C C   . ASP A 1 81  ? -2.606  6.371   -6.259  1.00 20.93 ? 190 ASP A C   1 
ATOM   585  O O   . ASP A 1 81  ? -2.526  5.175   -6.077  1.00 20.95 ? 190 ASP A O   1 
ATOM   586  C CB  . ASP A 1 81  ? -3.870  7.734   -4.525  1.00 23.16 ? 190 ASP A CB  1 
ATOM   587  C CG  . ASP A 1 81  ? -3.822  8.251   -3.068  1.00 28.41 ? 190 ASP A CG  1 
ATOM   588  O OD1 . ASP A 1 81  ? -2.966  7.811   -2.262  1.00 31.71 ? 190 ASP A OD1 1 
ATOM   589  O OD2 . ASP A 1 81  ? -4.698  9.078   -2.709  1.00 34.77 ? 190 ASP A OD2 1 
ATOM   590  N N   . GLU A 1 82  ? -2.753  6.884   -7.482  1.00 21.01 ? 191 GLU A N   1 
ATOM   591  C CA  . GLU A 1 82  ? -2.762  6.049   -8.671  1.00 21.23 ? 191 GLU A CA  1 
ATOM   592  C C   . GLU A 1 82  ? -1.405  5.343   -8.893  1.00 19.09 ? 191 GLU A C   1 
ATOM   593  O O   . GLU A 1 82  ? -1.354  4.176   -9.278  1.00 18.73 ? 191 GLU A O   1 
ATOM   594  C CB  . GLU A 1 82  ? -3.109  6.889   -9.905  1.00 23.01 ? 191 GLU A CB  1 
ATOM   595  C CG  . GLU A 1 82  ? -4.273  6.336   -10.709 1.00 31.34 ? 191 GLU A CG  1 
ATOM   596  C CD  . GLU A 1 82  ? -4.963  7.413   -11.534 1.00 35.03 ? 191 GLU A CD  1 
ATOM   597  O OE1 . GLU A 1 82  ? -6.183  7.640   -11.333 1.00 38.82 ? 191 GLU A OE1 1 
ATOM   598  O OE2 . GLU A 1 82  ? -4.276  8.044   -12.371 1.00 38.60 ? 191 GLU A OE2 1 
ATOM   599  N N   . ASN A 1 83  ? -0.303  6.064   -8.663  1.00 17.92 ? 192 ASN A N   1 
ATOM   600  C CA  . ASN A 1 83  ? 1.013   5.438   -8.818  1.00 16.80 ? 192 ASN A CA  1 
ATOM   601  C C   . ASN A 1 83  ? 1.125   4.312   -7.792  1.00 16.13 ? 192 ASN A C   1 
ATOM   602  O O   . ASN A 1 83  ? 1.630   3.232   -8.114  1.00 16.33 ? 192 ASN A O   1 
ATOM   603  C CB  . ASN A 1 83  ? 2.179   6.399   -8.537  1.00 16.07 ? 192 ASN A CB  1 
ATOM   604  C CG  . ASN A 1 83  ? 2.341   7.532   -9.552  1.00 15.12 ? 192 ASN A CG  1 
ATOM   605  O OD1 . ASN A 1 83  ? 2.632   8.658   -9.143  1.00 17.37 ? 192 ASN A OD1 1 
ATOM   606  N ND2 . ASN A 1 83  ? 2.246   7.227   -10.835 1.00 16.63 ? 192 ASN A ND2 1 
ATOM   607  N N   . LYS A 1 84  ? 0.667   4.583   -6.566  1.00 16.11 ? 193 LYS A N   1 
ATOM   608  C CA  . LYS A 1 84  ? 0.761   3.590   -5.486  1.00 16.56 ? 193 LYS A CA  1 
ATOM   609  C C   . LYS A 1 84  ? -0.045  2.325   -5.836  1.00 16.75 ? 193 LYS A C   1 
ATOM   610  O O   . LYS A 1 84  ? 0.443   1.212   -5.644  1.00 16.83 ? 193 LYS A O   1 
ATOM   611  C CB  . LYS A 1 84  ? 0.297   4.207   -4.157  1.00 16.06 ? 193 LYS A CB  1 
ATOM   612  C CG  . LYS A 1 84  ? 1.239   5.251   -3.563  1.00 17.47 ? 193 LYS A CG  1 
ATOM   613  C CD  . LYS A 1 84  ? 0.726   5.700   -2.174  1.00 16.69 ? 193 LYS A CD  1 
ATOM   614  C CE  . LYS A 1 84  ? 1.664   6.583   -1.389  1.00 18.32 ? 193 LYS A CE  1 
ATOM   615  N NZ  . LYS A 1 84  ? 1.883   7.897   -2.087  1.00 19.16 ? 193 LYS A NZ  1 
ATOM   616  N N   . THR A 1 85  ? -1.256  2.489   -6.370  1.00 17.59 ? 194 THR A N   1 
ATOM   617  C CA  . THR A 1 85  ? -2.034  1.322   -6.820  1.00 18.95 ? 194 THR A CA  1 
ATOM   618  C C   . THR A 1 85  ? -1.256  0.476   -7.835  1.00 18.11 ? 194 THR A C   1 
ATOM   619  O O   . THR A 1 85  ? -1.185  -0.751  -7.743  1.00 18.28 ? 194 THR A O   1 
ATOM   620  C CB  . THR A 1 85  ? -3.393  1.768   -7.396  1.00 20.01 ? 194 THR A CB  1 
ATOM   621  O OG1 . THR A 1 85  ? -4.094  2.504   -6.388  1.00 23.27 ? 194 THR A OG1 1 
ATOM   622  C CG2 . THR A 1 85  ? -4.222  0.571   -7.831  1.00 22.47 ? 194 THR A CG2 1 
ATOM   623  N N   . ALA A 1 86  ? -0.610  1.130   -8.803  1.00 17.39 ? 195 ALA A N   1 
ATOM   624  C CA  . ALA A 1 86  ? 0.108   0.385   -9.788  1.00 17.01 ? 195 ALA A CA  1 
ATOM   625  C C   . ALA A 1 86  ? 1.357   -0.291  -9.213  1.00 16.03 ? 195 ALA A C   1 
ATOM   626  O O   . ALA A 1 86  ? 1.697   -1.403  -9.581  1.00 18.12 ? 195 ALA A O   1 
ATOM   627  C CB  . ALA A 1 86  ? 0.519   1.320   -10.923 1.00 16.93 ? 195 ALA A CB  1 
ATOM   628  N N   . LEU A 1 87  ? 2.022   0.394   -8.299  1.00 16.08 ? 196 LEU A N   1 
ATOM   629  C CA  . LEU A 1 87  ? 3.242   -0.165  -7.722  1.00 15.58 ? 196 LEU A CA  1 
ATOM   630  C C   . LEU A 1 87  ? 2.906   -1.349  -6.811  1.00 15.93 ? 196 LEU A C   1 
ATOM   631  O O   . LEU A 1 87  ? 3.641   -2.327  -6.784  1.00 15.98 ? 196 LEU A O   1 
ATOM   632  C CB  . LEU A 1 87  ? 4.013   0.918   -6.972  1.00 14.90 ? 196 LEU A CB  1 
ATOM   633  C CG  . LEU A 1 87  ? 4.639   1.976   -7.875  1.00 15.11 ? 196 LEU A CG  1 
ATOM   634  C CD1 . LEU A 1 87  ? 4.919   3.197   -7.028  1.00 16.06 ? 196 LEU A CD1 1 
ATOM   635  C CD2 . LEU A 1 87  ? 5.914   1.444   -8.585  1.00 17.71 ? 196 LEU A CD2 1 
ATOM   636  N N   . GLN A 1 88  ? 1.790   -1.246  -6.086  1.00 15.86 ? 197 GLN A N   1 
ATOM   637  C CA  . GLN A 1 88  ? 1.294   -2.377  -5.272  1.00 16.59 ? 197 GLN A CA  1 
ATOM   638  C C   . GLN A 1 88  ? 1.106   -3.614  -6.141  1.00 16.84 ? 197 GLN A C   1 
ATOM   639  O O   . GLN A 1 88  ? 1.533   -4.716  -5.761  1.00 16.63 ? 197 GLN A O   1 
ATOM   640  C CB  . GLN A 1 88  ? 0.011   -2.002  -4.542  1.00 15.04 ? 197 GLN A CB  1 
ATOM   641  C CG  . GLN A 1 88  ? 0.276   -0.984  -3.428  1.00 15.51 ? 197 GLN A CG  1 
ATOM   642  C CD  . GLN A 1 88  ? -0.969  -0.183  -3.030  1.00 16.41 ? 197 GLN A CD  1 
ATOM   643  O OE1 . GLN A 1 88  ? -2.112  -0.543  -3.390  1.00 21.63 ? 197 GLN A OE1 1 
ATOM   644  N NE2 . GLN A 1 88  ? -0.751  0.910   -2.320  1.00 19.14 ? 197 GLN A NE2 1 
ATOM   645  N N   . GLN A 1 89  ? 0.516   -3.418  -7.318  1.00 17.87 ? 198 GLN A N   1 
ATOM   646  C CA  . GLN A 1 89  ? 0.298   -4.510  -8.266  1.00 19.59 ? 198 GLN A CA  1 
ATOM   647  C C   . GLN A 1 89  ? 1.594   -5.136  -8.783  1.00 19.35 ? 198 GLN A C   1 
ATOM   648  O O   . GLN A 1 89  ? 1.601   -6.315  -9.108  1.00 20.28 ? 198 GLN A O   1 
ATOM   649  C CB  . GLN A 1 89  ? -0.614  -4.065  -9.414  1.00 20.19 ? 198 GLN A CB  1 
ATOM   650  C CG  . GLN A 1 89  ? -2.026  -3.850  -8.931  1.00 25.41 ? 198 GLN A CG  1 
ATOM   651  C CD  . GLN A 1 89  ? -2.938  -3.314  -10.015 1.00 31.64 ? 198 GLN A CD  1 
ATOM   652  O OE1 . GLN A 1 89  ? -2.721  -3.558  -11.214 1.00 35.54 ? 198 GLN A OE1 1 
ATOM   653  N NE2 . GLN A 1 89  ? -3.976  -2.590  -9.600  1.00 34.71 ? 198 GLN A NE2 1 
ATOM   654  N N   . LEU A 1 90  ? 2.699   -4.375  -8.852  1.00 18.99 ? 199 LEU A N   1 
ATOM   655  C CA  . LEU A 1 90  ? 3.979   -4.960  -9.200  1.00 19.35 ? 199 LEU A CA  1 
ATOM   656  C C   . LEU A 1 90  ? 4.596   -5.761  -8.085  1.00 17.82 ? 199 LEU A C   1 
ATOM   657  O O   . LEU A 1 90  ? 5.491   -6.576  -8.305  1.00 19.25 ? 199 LEU A O   1 
ATOM   658  C CB  . LEU A 1 90  ? 5.018   -3.875  -9.601  1.00 19.60 ? 199 LEU A CB  1 
ATOM   659  C CG  . LEU A 1 90  ? 4.700   -3.023  -10.803 1.00 24.21 ? 199 LEU A CG  1 
ATOM   660  C CD1 . LEU A 1 90  ? 5.853   -2.029  -10.960 1.00 23.48 ? 199 LEU A CD1 1 
ATOM   661  C CD2 . LEU A 1 90  ? 4.588   -3.939  -12.029 1.00 25.23 ? 199 LEU A CD2 1 
ATOM   662  N N   . LEU A 1 91  ? 4.148   -5.518  -6.847  1.00 18.05 ? 200 LEU A N   1 
ATOM   663  C CA  . LEU A 1 91  ? 4.783   -6.095  -5.676  1.00 17.70 ? 200 LEU A CA  1 
ATOM   664  C C   . LEU A 1 91  ? 4.028   -7.291  -5.074  1.00 17.63 ? 200 LEU A C   1 
ATOM   665  O O   . LEU A 1 91  ? 4.617   -8.105  -4.379  1.00 17.73 ? 200 LEU A O   1 
ATOM   666  C CB  . LEU A 1 91  ? 4.972   -4.992  -4.641  1.00 18.01 ? 200 LEU A CB  1 
ATOM   667  C CG  . LEU A 1 91  ? 5.964   -3.924  -5.087  1.00 18.76 ? 200 LEU A CG  1 
ATOM   668  C CD1 . LEU A 1 91  ? 5.824   -2.718  -4.188  1.00 20.81 ? 200 LEU A CD1 1 
ATOM   669  C CD2 . LEU A 1 91  ? 7.387   -4.480  -5.063  1.00 17.76 ? 200 LEU A CD2 1 
ATOM   670  N N   . VAL A 1 92  ? 2.721   -7.365  -5.317  1.00 16.76 ? 201 VAL A N   1 
ATOM   671  C CA  . VAL A 1 92  ? 1.840   -8.333  -4.633  1.00 17.76 ? 201 VAL A CA  1 
ATOM   672  C C   . VAL A 1 92  ? 0.853   -8.873  -5.657  1.00 17.85 ? 201 VAL A C   1 
ATOM   673  O O   . VAL A 1 92  ? 0.258   -8.090  -6.399  1.00 17.56 ? 201 VAL A O   1 
ATOM   674  C CB  . VAL A 1 92  ? 1.057   -7.646  -3.482  1.00 17.47 ? 201 VAL A CB  1 
ATOM   675  C CG1 . VAL A 1 92  ? -0.069  -8.539  -2.935  1.00 18.04 ? 201 VAL A CG1 1 
ATOM   676  C CG2 . VAL A 1 92  ? 1.988   -7.230  -2.328  1.00 18.95 ? 201 VAL A CG2 1 
ATOM   677  N N   . SER A 1 93  ? 0.677   -10.196 -5.703  1.00 19.06 ? 202 SER A N   1 
ATOM   678  C CA  . SER A 1 93  ? -0.259  -10.781 -6.679  1.00 20.87 ? 202 SER A CA  1 
ATOM   679  C C   . SER A 1 93  ? -1.657  -11.113 -6.146  1.00 20.65 ? 202 SER A C   1 
ATOM   680  O O   . SER A 1 93  ? -2.625  -11.190 -6.914  1.00 21.58 ? 202 SER A O   1 
ATOM   681  C CB  . SER A 1 93  ? 0.387   -11.975 -7.392  1.00 22.06 ? 202 SER A CB  1 
ATOM   682  O OG  . SER A 1 93  ? 0.696   -13.007 -6.484  1.00 25.58 ? 202 SER A OG  1 
ATOM   683  N N   . ASN A 1 94  ? -1.774  -11.289 -4.832  1.00 18.93 ? 203 ASN A N   1 
ATOM   684  C CA  . ASN A 1 94  ? -3.060  -11.692 -4.256  1.00 18.78 ? 203 ASN A CA  1 
ATOM   685  C C   . ASN A 1 94  ? -4.043  -10.523 -4.241  1.00 18.69 ? 203 ASN A C   1 
ATOM   686  O O   . ASN A 1 94  ? -3.773  -9.451  -3.679  1.00 17.56 ? 203 ASN A O   1 
ATOM   687  C CB  . ASN A 1 94  ? -2.876  -12.310 -2.872  1.00 18.66 ? 203 ASN A CB  1 
ATOM   688  C CG  . ASN A 1 94  ? -4.196  -12.722 -2.239  1.00 18.66 ? 203 ASN A CG  1 
ATOM   689  O OD1 . ASN A 1 94  ? -4.994  -11.884 -1.824  1.00 19.00 ? 203 ASN A OD1 1 
ATOM   690  N ND2 . ASN A 1 94  ? -4.411  -14.029 -2.141  1.00 22.19 ? 203 ASN A ND2 1 
ATOM   691  N N   . ALA A 1 95  ? -5.188  -10.725 -4.883  1.00 19.47 ? 204 ALA A N   1 
ATOM   692  C CA  . ALA A 1 95  ? -6.145  -9.658  -5.092  1.00 20.02 ? 204 ALA A CA  1 
ATOM   693  C C   . ALA A 1 95  ? -6.727  -9.125  -3.800  1.00 19.36 ? 204 ALA A C   1 
ATOM   694  O O   . ALA A 1 95  ? -7.051  -7.966  -3.717  1.00 19.74 ? 204 ALA A O   1 
ATOM   695  C CB  . ALA A 1 95  ? -7.284  -10.153 -6.022  1.00 20.79 ? 204 ALA A CB  1 
ATOM   696  N N   . ASP A 1 96  ? -6.865  -9.982  -2.785  1.00 19.37 ? 205 ASP A N   1 
ATOM   697  C CA  . ASP A 1 96  ? -7.458  -9.559  -1.524  1.00 18.87 ? 205 ASP A CA  1 
ATOM   698  C C   . ASP A 1 96  ? -6.449  -8.753  -0.707  1.00 17.51 ? 205 ASP A C   1 
ATOM   699  O O   . ASP A 1 96  ? -6.810  -7.762  -0.096  1.00 17.64 ? 205 ASP A O   1 
ATOM   700  C CB  . ASP A 1 96  ? -8.036  -10.784 -0.805  1.00 19.46 ? 205 ASP A CB  1 
ATOM   701  C CG  . ASP A 1 96  ? -9.068  -11.489 -1.677  1.00 21.32 ? 205 ASP A CG  1 
ATOM   702  O OD1 . ASP A 1 96  ? -10.065 -10.813 -2.023  1.00 22.67 ? 205 ASP A OD1 1 
ATOM   703  O OD2 . ASP A 1 96  ? -8.855  -12.673 -2.059  1.00 24.78 ? 205 ASP A OD2 1 
ATOM   704  N N   . VAL A 1 97  ? -5.172  -9.134  -0.806  1.00 17.01 ? 206 VAL A N   1 
ATOM   705  C CA  . VAL A 1 97  ? -4.092  -8.366  -0.187  1.00 15.85 ? 206 VAL A CA  1 
ATOM   706  C C   . VAL A 1 97  ? -3.972  -6.994  -0.881  1.00 16.18 ? 206 VAL A C   1 
ATOM   707  O O   . VAL A 1 97  ? -3.774  -5.980  -0.207  1.00 15.79 ? 206 VAL A O   1 
ATOM   708  C CB  . VAL A 1 97  ? -2.775  -9.156  -0.183  1.00 16.39 ? 206 VAL A CB  1 
ATOM   709  C CG1 . VAL A 1 97  ? -1.630  -8.308  0.429   1.00 15.20 ? 206 VAL A CG1 1 
ATOM   710  C CG2 . VAL A 1 97  ? -2.955  -10.453 0.630   1.00 17.02 ? 206 VAL A CG2 1 
ATOM   711  N N   . LEU A 1 98  ? -4.102  -6.960  -2.202  1.00 16.72 ? 207 LEU A N   1 
ATOM   712  C CA  . LEU A 1 98  ? -4.109  -5.670  -2.889  1.00 17.02 ? 207 LEU A CA  1 
ATOM   713  C C   . LEU A 1 98  ? -5.248  -4.799  -2.411  1.00 17.94 ? 207 LEU A C   1 
ATOM   714  O O   . LEU A 1 98  ? -5.097  -3.595  -2.273  1.00 18.50 ? 207 LEU A O   1 
ATOM   715  C CB  . LEU A 1 98  ? -4.178  -5.865  -4.433  1.00 16.89 ? 207 LEU A CB  1 
ATOM   716  C CG  . LEU A 1 98  ? -2.957  -6.527  -5.074  1.00 17.64 ? 207 LEU A CG  1 
ATOM   717  C CD1 . LEU A 1 98  ? -3.275  -6.935  -6.489  1.00 19.89 ? 207 LEU A CD1 1 
ATOM   718  C CD2 . LEU A 1 98  ? -1.758  -5.564  -5.049  1.00 17.33 ? 207 LEU A CD2 1 
ATOM   719  N N   . GLY A 1 99  ? -6.414  -5.411  -2.141  1.00 17.97 ? 208 GLY A N   1 
ATOM   720  C CA  . GLY A 1 99  ? -7.526  -4.690  -1.524  1.00 18.42 ? 208 GLY A CA  1 
ATOM   721  C C   . GLY A 1 99  ? -7.162  -4.083  -0.187  1.00 17.92 ? 208 GLY A C   1 
ATOM   722  O O   . GLY A 1 99  ? -7.486  -2.924  0.079   1.00 18.48 ? 208 GLY A O   1 
ATOM   723  N N   . LEU A 1 100 ? -6.473  -4.858  0.655   1.00 18.12 ? 209 LEU A N   1 
ATOM   724  C CA  . LEU A 1 100 ? -6.011  -4.335  1.941   1.00 17.54 ? 209 LEU A CA  1 
ATOM   725  C C   . LEU A 1 100 ? -5.033  -3.165  1.757   1.00 17.61 ? 209 LEU A C   1 
ATOM   726  O O   . LEU A 1 100 ? -5.158  -2.153  2.454   1.00 18.15 ? 209 LEU A O   1 
ATOM   727  C CB  . LEU A 1 100 ? -5.382  -5.455  2.770   1.00 16.98 ? 209 LEU A CB  1 
ATOM   728  C CG  . LEU A 1 100 ? -4.777  -5.045  4.126   1.00 19.57 ? 209 LEU A CG  1 
ATOM   729  C CD1 . LEU A 1 100 ? -5.840  -4.583  5.146   1.00 17.60 ? 209 LEU A CD1 1 
ATOM   730  C CD2 . LEU A 1 100 ? -3.963  -6.176  4.694   1.00 22.17 ? 209 LEU A CD2 1 
ATOM   731  N N   . LEU A 1 101 ? -4.082  -3.312  0.832   1.00 17.68 ? 210 LEU A N   1 
ATOM   732  C CA  . LEU A 1 101 ? -3.059  -2.271  0.673   1.00 17.67 ? 210 LEU A CA  1 
ATOM   733  C C   . LEU A 1 101 ? -3.674  -0.950  0.210   1.00 18.54 ? 210 LEU A C   1 
ATOM   734  O O   . LEU A 1 101 ? -3.159  0.109   0.567   1.00 18.41 ? 210 LEU A O   1 
ATOM   735  C CB  . LEU A 1 101 ? -1.964  -2.742  -0.289  1.00 17.23 ? 210 LEU A CB  1 
ATOM   736  C CG  . LEU A 1 101 ? -1.132  -3.938  0.208   1.00 16.28 ? 210 LEU A CG  1 
ATOM   737  C CD1 . LEU A 1 101 ? -0.114  -4.372  -0.851  1.00 18.96 ? 210 LEU A CD1 1 
ATOM   738  C CD2 . LEU A 1 101 ? -0.424  -3.610  1.488   1.00 20.22 ? 210 LEU A CD2 1 
ATOM   739  N N   . SER A 1 102 ? -4.810  -1.009  -0.486  1.00 19.15 ? 211 SER A N   1 
ATOM   740  C CA  . SER A 1 102 ? -5.536  0.203   -0.934  1.00 21.12 ? 211 SER A CA  1 
ATOM   741  C C   . SER A 1 102 ? -6.147  0.986   0.213   1.00 21.79 ? 211 SER A C   1 
ATOM   742  O O   . SER A 1 102 ? -6.479  2.162   0.041   1.00 23.34 ? 211 SER A O   1 
ATOM   743  C CB  . SER A 1 102 ? -6.662  -0.168  -1.926  1.00 20.30 ? 211 SER A CB  1 
ATOM   744  O OG  . SER A 1 102 ? -7.836  -0.611  -1.256  1.00 22.47 ? 211 SER A OG  1 
ATOM   745  N N   . GLY A 1 103 ? -6.336  0.334   1.363   1.00 21.31 ? 212 GLY A N   1 
ATOM   746  C CA  . GLY A 1 103 ? -7.026  0.940   2.514   1.00 22.60 ? 212 GLY A CA  1 
ATOM   747  C C   . GLY A 1 103 ? -8.537  0.903   2.372   1.00 23.12 ? 212 GLY A C   1 
ATOM   748  O O   . GLY A 1 103 ? -9.264  1.222   3.318   1.00 24.23 ? 212 GLY A O   1 
ATOM   749  N N   . ASN A 1 104 ? -9.000  0.460   1.206   1.00 22.96 ? 213 ASN A N   1 
ATOM   750  C CA  . ASN A 1 104 ? -10.441 0.394   0.924   1.00 23.43 ? 213 ASN A CA  1 
ATOM   751  C C   . ASN A 1 104 ? -10.827 -0.949  0.296   1.00 22.34 ? 213 ASN A C   1 
ATOM   752  O O   . ASN A 1 104 ? -11.287 -1.002  -0.844  1.00 22.80 ? 213 ASN A O   1 
ATOM   753  C CB  . ASN A 1 104 ? -10.815 1.551   -0.002  1.00 24.23 ? 213 ASN A CB  1 
ATOM   754  C CG  . ASN A 1 104 ? -12.333 1.713   -0.177  1.00 28.78 ? 213 ASN A CG  1 
ATOM   755  O OD1 . ASN A 1 104 ? -13.133 1.383   0.714   1.00 33.77 ? 213 ASN A OD1 1 
ATOM   756  N ND2 . ASN A 1 104 ? -12.733 2.229   -1.338  1.00 32.19 ? 213 ASN A ND2 1 
ATOM   757  N N   . PRO A 1 105 ? -10.658 -2.053  1.046   1.00 22.16 ? 214 PRO A N   1 
ATOM   758  C CA  . PRO A 1 105 ? -11.004 -3.356  0.474   1.00 21.61 ? 214 PRO A CA  1 
ATOM   759  C C   . PRO A 1 105 ? -12.504 -3.467  0.171   1.00 22.25 ? 214 PRO A C   1 
ATOM   760  O O   . PRO A 1 105 ? -13.321 -2.913  0.881   1.00 23.79 ? 214 PRO A O   1 
ATOM   761  C CB  . PRO A 1 105 ? -10.613 -4.348  1.582   1.00 21.98 ? 214 PRO A CB  1 
ATOM   762  C CG  . PRO A 1 105 ? -10.501 -3.546  2.842   1.00 20.82 ? 214 PRO A CG  1 
ATOM   763  C CD  . PRO A 1 105 ? -10.087 -2.163  2.402   1.00 22.00 ? 214 PRO A CD  1 
ATOM   764  N N   . THR A 1 106 ? -12.839 -4.184  -0.887  1.00 22.38 ? 215 THR A N   1 
ATOM   765  C CA  . THR A 1 106 ? -14.249 -4.470  -1.174  1.00 23.24 ? 215 THR A CA  1 
ATOM   766  C C   . THR A 1 106 ? -14.811 -5.454  -0.141  1.00 23.89 ? 215 THR A C   1 
ATOM   767  O O   . THR A 1 106 ? -14.058 -6.074  0.644   1.00 23.41 ? 215 THR A O   1 
ATOM   768  C CB  . THR A 1 106 ? -14.383 -5.094  -2.556  1.00 23.14 ? 215 THR A CB  1 
ATOM   769  O OG1 . THR A 1 106 ? -13.759 -6.381  -2.552  1.00 24.12 ? 215 THR A OG1 1 
ATOM   770  C CG2 . THR A 1 106 ? -13.731 -4.228  -3.670  1.00 24.27 ? 215 THR A CG2 1 
ATOM   771  N N   . SER A 1 107 ? -16.135 -5.632  -0.150  1.00 24.72 ? 216 SER A N   1 
ATOM   772  C CA  A SER A 1 107 ? -16.780 -6.600  0.738   0.50 24.97 ? 216 SER A CA  1 
ATOM   773  C CA  B SER A 1 107 ? -16.782 -6.594  0.740   0.50 25.09 ? 216 SER A CA  1 
ATOM   774  C C   . SER A 1 107 ? -16.170 -7.995  0.587   1.00 24.56 ? 216 SER A C   1 
ATOM   775  O O   . SER A 1 107 ? -15.876 -8.662  1.590   1.00 25.03 ? 216 SER A O   1 
ATOM   776  C CB  A SER A 1 107 ? -18.288 -6.648  0.470   0.50 25.56 ? 216 SER A CB  1 
ATOM   777  C CB  B SER A 1 107 ? -18.296 -6.630  0.479   0.50 25.69 ? 216 SER A CB  1 
ATOM   778  O OG  A SER A 1 107 ? -18.907 -5.489  0.979   0.50 26.29 ? 216 SER A OG  1 
ATOM   779  O OG  B SER A 1 107 ? -18.889 -7.733  1.142   0.50 27.20 ? 216 SER A OG  1 
ATOM   780  N N   . ASP A 1 108 ? -15.959 -8.411  -0.665  1.00 25.11 ? 217 ASP A N   1 
ATOM   781  C CA  . ASP A 1 108 ? -15.336 -9.698  -0.982  1.00 25.04 ? 217 ASP A CA  1 
ATOM   782  C C   . ASP A 1 108 ? -13.895 -9.776  -0.459  1.00 23.33 ? 217 ASP A C   1 
ATOM   783  O O   . ASP A 1 108 ? -13.477 -10.798 0.078   1.00 23.36 ? 217 ASP A O   1 
ATOM   784  C CB  . ASP A 1 108 ? -15.350 -9.962  -2.484  1.00 26.58 ? 217 ASP A CB  1 
ATOM   785  C CG  . ASP A 1 108 ? -16.737 -10.319 -3.004  1.00 31.36 ? 217 ASP A CG  1 
ATOM   786  O OD1 . ASP A 1 108 ? -17.710 -10.387 -2.195  1.00 33.69 ? 217 ASP A OD1 1 
ATOM   787  O OD2 . ASP A 1 108 ? -16.838 -10.538 -4.236  1.00 37.58 ? 217 ASP A OD2 1 
ATOM   788  N N   . ASN A 1 109 ? -13.121 -8.712  -0.660  1.00 21.94 ? 218 ASN A N   1 
ATOM   789  C CA  . ASN A 1 109 ? -11.779 -8.657  -0.090  1.00 20.56 ? 218 ASN A CA  1 
ATOM   790  C C   . ASN A 1 109 ? -11.775 -8.841  1.427   1.00 20.22 ? 218 ASN A C   1 
ATOM   791  O O   . ASN A 1 109 ? -10.938 -9.562  1.953   1.00 19.23 ? 218 ASN A O   1 
ATOM   792  C CB  . ASN A 1 109 ? -11.105 -7.307  -0.383  1.00 19.96 ? 218 ASN A CB  1 
ATOM   793  C CG  . ASN A 1 109 ? -10.790 -7.058  -1.861  1.00 20.39 ? 218 ASN A CG  1 
ATOM   794  O OD1 . ASN A 1 109 ? -10.618 -7.975  -2.697  1.00 23.17 ? 218 ASN A OD1 1 
ATOM   795  N ND2 . ASN A 1 109 ? -10.661 -5.777  -2.174  1.00 19.97 ? 218 ASN A ND2 1 
ATOM   796  N N   . LYS A 1 110 ? -12.702 -8.179  2.120   1.00 20.94 ? 219 LYS A N   1 
ATOM   797  C CA  . LYS A 1 110 ? -12.784 -8.259  3.570   1.00 20.51 ? 219 LYS A CA  1 
ATOM   798  C C   . LYS A 1 110 ? -13.032 -9.680  4.041   1.00 21.20 ? 219 LYS A C   1 
ATOM   799  O O   . LYS A 1 110 ? -12.336 -10.179 4.919   1.00 20.52 ? 219 LYS A O   1 
ATOM   800  C CB  . LYS A 1 110 ? -13.850 -7.301  4.110   1.00 21.16 ? 219 LYS A CB  1 
ATOM   801  C CG  . LYS A 1 110 ? -13.496 -5.833  3.879   1.00 21.37 ? 219 LYS A CG  1 
ATOM   802  C CD  . LYS A 1 110 ? -14.699 -4.932  4.128   1.00 25.75 ? 219 LYS A CD  1 
ATOM   803  C CE  . LYS A 1 110 ? -15.046 -4.834  5.592   1.00 29.08 ? 219 LYS A CE  1 
ATOM   804  N NZ  . LYS A 1 110 ? -16.159 -3.844  5.773   1.00 33.74 ? 219 LYS A NZ  1 
ATOM   805  N N   . ILE A 1 111 ? -14.018 -10.342 3.432   1.00 21.20 ? 220 ILE A N   1 
ATOM   806  C CA  . ILE A 1 111 ? -14.286 -11.755 3.744   1.00 22.14 ? 220 ILE A CA  1 
ATOM   807  C C   . ILE A 1 111 ? -13.047 -12.631 3.525   1.00 21.48 ? 220 ILE A C   1 
ATOM   808  O O   . ILE A 1 111 ? -12.642 -13.414 4.405   1.00 21.53 ? 220 ILE A O   1 
ATOM   809  C CB  . ILE A 1 111 ? -15.480 -12.288 2.905   1.00 22.77 ? 220 ILE A CB  1 
ATOM   810  C CG1 . ILE A 1 111 ? -16.790 -11.591 3.310   1.00 24.74 ? 220 ILE A CG1 1 
ATOM   811  C CG2 . ILE A 1 111 ? -15.612 -13.811 3.044   1.00 25.11 ? 220 ILE A CG2 1 
ATOM   812  C CD1 . ILE A 1 111 ? -17.844 -11.594 2.219   1.00 25.74 ? 220 ILE A CD1 1 
ATOM   813  N N   . ASN A 1 112 ? -12.407 -12.452 2.363   1.00 20.44 ? 221 ASN A N   1 
ATOM   814  C CA  . ASN A 1 112 ? -11.212 -13.225 2.044   1.00 20.56 ? 221 ASN A CA  1 
ATOM   815  C C   . ASN A 1 112 ? -9.991  -12.922 2.928   1.00 20.08 ? 221 ASN A C   1 
ATOM   816  O O   . ASN A 1 112 ? -9.200  -13.812 3.191   1.00 20.07 ? 221 ASN A O   1 
ATOM   817  C CB  . ASN A 1 112 ? -10.858 -13.088 0.567   1.00 20.71 ? 221 ASN A CB  1 
ATOM   818  C CG  . ASN A 1 112 ? -11.757 -13.914 -0.331  1.00 23.20 ? 221 ASN A CG  1 
ATOM   819  O OD1 . ASN A 1 112 ? -12.483 -14.797 0.136   1.00 23.40 ? 221 ASN A OD1 1 
ATOM   820  N ND2 . ASN A 1 112 ? -11.675 -13.676 -1.629  1.00 26.33 ? 221 ASN A ND2 1 
ATOM   821  N N   . LEU A 1 113 ? -9.865  -11.675 3.382   1.00 19.78 ? 222 LEU A N   1 
ATOM   822  C CA  . LEU A 1 113 ? -8.762  -11.292 4.279   1.00 18.60 ? 222 LEU A CA  1 
ATOM   823  C C   . LEU A 1 113 ? -8.957  -11.935 5.650   1.00 18.92 ? 222 LEU A C   1 
ATOM   824  O O   . LEU A 1 113 ? -8.004  -12.431 6.271   1.00 18.25 ? 222 LEU A O   1 
ATOM   825  C CB  . LEU A 1 113 ? -8.630  -9.754  4.391   1.00 18.39 ? 222 LEU A CB  1 
ATOM   826  C CG  . LEU A 1 113 ? -8.018  -9.109  3.140   1.00 19.07 ? 222 LEU A CG  1 
ATOM   827  C CD1 . LEU A 1 113 ? -8.387  -7.632  3.094   1.00 19.54 ? 222 LEU A CD1 1 
ATOM   828  C CD2 . LEU A 1 113 ? -6.518  -9.314  3.060   1.00 20.58 ? 222 LEU A CD2 1 
ATOM   829  N N   . ARG A 1 114 ? -10.198 -11.981 6.115   1.00 19.43 ? 223 ARG A N   1 
ATOM   830  C CA  . ARG A 1 114 ? -10.449 -12.659 7.379   1.00 20.21 ? 223 ARG A CA  1 
ATOM   831  C C   . ARG A 1 114 ? -10.164 -14.149 7.257   1.00 20.35 ? 223 ARG A C   1 
ATOM   832  O O   . ARG A 1 114 ? -9.517  -14.726 8.117   1.00 21.34 ? 223 ARG A O   1 
ATOM   833  C CB  . ARG A 1 114 ? -11.890 -12.454 7.821   1.00 19.42 ? 223 ARG A CB  1 
ATOM   834  C CG  . ARG A 1 114 ? -12.228 -11.039 8.202   1.00 20.53 ? 223 ARG A CG  1 
ATOM   835  C CD  . ARG A 1 114 ? -13.561 -10.923 8.956   1.00 23.55 ? 223 ARG A CD  1 
ATOM   836  N NE  . ARG A 1 114 ? -14.746 -11.421 8.241   1.00 23.35 ? 223 ARG A NE  1 
ATOM   837  C CZ  . ARG A 1 114 ? -15.533 -10.713 7.433   1.00 23.36 ? 223 ARG A CZ  1 
ATOM   838  N NH1 . ARG A 1 114 ? -15.282 -9.436  7.130   1.00 24.88 ? 223 ARG A NH1 1 
ATOM   839  N NH2 . ARG A 1 114 ? -16.588 -11.300 6.884   1.00 25.28 ? 223 ARG A NH2 1 
ATOM   840  N N   . THR A 1 115 ? -10.628 -14.770 6.186   1.00 21.37 ? 224 THR A N   1 
ATOM   841  C CA  . THR A 1 115 ? -10.319 -16.168 5.939   1.00 22.29 ? 224 THR A CA  1 
ATOM   842  C C   . THR A 1 115 ? -8.811  -16.399 5.927   1.00 22.49 ? 224 THR A C   1 
ATOM   843  O O   . THR A 1 115 ? -8.304  -17.342 6.540   1.00 22.69 ? 224 THR A O   1 
ATOM   844  C CB  . THR A 1 115 ? -10.959 -16.620 4.607   1.00 23.40 ? 224 THR A CB  1 
ATOM   845  O OG1 . THR A 1 115 ? -12.378 -16.524 4.740   1.00 25.52 ? 224 THR A OG1 1 
ATOM   846  C CG2 . THR A 1 115 ? -10.568 -18.065 4.221   1.00 25.75 ? 224 THR A CG2 1 
ATOM   847  N N   . MET A 1 116 ? -8.103  -15.526 5.206   1.00 21.25 ? 225 MET A N   1 
ATOM   848  C CA  . MET A 1 116 ? -6.657  -15.625 5.057   1.00 21.43 ? 225 MET A CA  1 
ATOM   849  C C   . MET A 1 116 ? -5.915  -15.702 6.396   1.00 21.56 ? 225 MET A C   1 
ATOM   850  O O   . MET A 1 116 ? -4.929  -16.449 6.518   1.00 21.26 ? 225 MET A O   1 
ATOM   851  C CB  . MET A 1 116 ? -6.153  -14.447 4.205   1.00 20.45 ? 225 MET A CB  1 
ATOM   852  C CG  . MET A 1 116 ? -4.716  -14.602 3.783   1.00 20.90 ? 225 MET A CG  1 
ATOM   853  S SD  . MET A 1 116 ? -4.256  -13.194 2.744   1.00 24.19 ? 225 MET A SD  1 
ATOM   854  C CE  . MET A 1 116 ? -5.289  -13.459 1.313   1.00 23.62 ? 225 MET A CE  1 
ATOM   855  N N   . ILE A 1 117 ? -6.367  -14.935 7.397   1.00 20.60 ? 226 ILE A N   1 
ATOM   856  C CA  . ILE A 1 117 ? -5.701  -14.928 8.711   1.00 21.54 ? 226 ILE A CA  1 
ATOM   857  C C   . ILE A 1 117 ? -6.447  -15.711 9.798   1.00 22.09 ? 226 ILE A C   1 
ATOM   858  O O   . ILE A 1 117 ? -5.990  -15.782 10.937  1.00 22.60 ? 226 ILE A O   1 
ATOM   859  C CB  . ILE A 1 117 ? -5.314  -13.483 9.195   1.00 20.80 ? 226 ILE A CB  1 
ATOM   860  C CG1 . ILE A 1 117 ? -6.554  -12.665 9.586   1.00 22.56 ? 226 ILE A CG1 1 
ATOM   861  C CG2 . ILE A 1 117 ? -4.439  -12.752 8.104   1.00 22.66 ? 226 ILE A CG2 1 
ATOM   862  C CD1 . ILE A 1 117 ? -6.206  -11.360 10.289  1.00 19.86 ? 226 ILE A CD1 1 
ATOM   863  N N   . GLY A 1 118 ? -7.562  -16.319 9.406   1.00 21.96 ? 227 GLY A N   1 
ATOM   864  C CA  . GLY A 1 118 ? -8.399  -17.109 10.333  1.00 22.66 ? 227 GLY A CA  1 
ATOM   865  C C   . GLY A 1 118 ? -9.096  -16.241 11.379  1.00 22.43 ? 227 GLY A C   1 
ATOM   866  O O   . GLY A 1 118 ? -9.355  -16.712 12.514  1.00 23.43 ? 227 GLY A O   1 
ATOM   867  N N   . ALA A 1 119 ? -9.432  -14.997 11.022  1.00 21.96 ? 228 ALA A N   1 
ATOM   868  C CA  . ALA A 1 119 ? -10.103 -14.094 11.937  1.00 22.34 ? 228 ALA A CA  1 
ATOM   869  C C   . ALA A 1 119 ? -11.617 -14.262 11.827  1.00 22.74 ? 228 ALA A C   1 
ATOM   870  O O   . ALA A 1 119 ? -12.139 -14.592 10.764  1.00 23.04 ? 228 ALA A O   1 
ATOM   871  C CB  . ALA A 1 119 ? -9.737  -12.657 11.625  1.00 22.30 ? 228 ALA A CB  1 
ATOM   872  N N   . GLY A 1 120 ? -12.312 -13.976 12.927  1.00 23.56 ? 229 GLY A N   1 
ATOM   873  C CA  . GLY A 1 120 ? -13.783 -13.945 12.927  1.00 24.15 ? 229 GLY A CA  1 
ATOM   874  C C   . GLY A 1 120 ? -14.327 -12.529 12.869  1.00 24.54 ? 229 GLY A C   1 
ATOM   875  O O   . GLY A 1 120 ? -13.559 -11.549 12.963  1.00 24.63 ? 229 GLY A O   1 
ATOM   876  N N   . VAL A 1 121 ? -15.648 -12.413 12.694  1.00 24.84 ? 230 VAL A N   1 
ATOM   877  C CA  . VAL A 1 121 ? -16.329 -11.104 12.758  1.00 24.73 ? 230 VAL A CA  1 
ATOM   878  C C   . VAL A 1 121 ? -16.622 -10.738 14.223  1.00 24.34 ? 230 VAL A C   1 
ATOM   879  O O   . VAL A 1 121 ? -16.491 -11.597 15.091  1.00 24.95 ? 230 VAL A O   1 
ATOM   880  C CB  . VAL A 1 121 ? -17.619 -11.052 11.905  1.00 24.68 ? 230 VAL A CB  1 
ATOM   881  C CG1 . VAL A 1 121 ? -17.295 -11.280 10.442  1.00 24.85 ? 230 VAL A CG1 1 
ATOM   882  C CG2 . VAL A 1 121 ? -18.680 -12.087 12.376  1.00 26.32 ? 230 VAL A CG2 1 
ATOM   883  N N   . PRO A 1 122 ? -16.986 -9.467  14.506  1.00 24.72 ? 231 PRO A N   1 
ATOM   884  C CA  . PRO A 1 122 ? -17.413 -9.105  15.861  1.00 24.82 ? 231 PRO A CA  1 
ATOM   885  C C   . PRO A 1 122 ? -18.599 -9.959  16.296  1.00 25.46 ? 231 PRO A C   1 
ATOM   886  O O   . PRO A 1 122 ? -19.610 -10.019 15.595  1.00 24.88 ? 231 PRO A O   1 
ATOM   887  C CB  . PRO A 1 122 ? -17.849 -7.642  15.707  1.00 25.60 ? 231 PRO A CB  1 
ATOM   888  C CG  . PRO A 1 122 ? -16.973 -7.143  14.562  1.00 24.32 ? 231 PRO A CG  1 
ATOM   889  C CD  . PRO A 1 122 ? -16.962 -8.288  13.611  1.00 24.84 ? 231 PRO A CD  1 
ATOM   890  N N   . TYR A 1 123 ? -18.446 -10.645 17.420  1.00 25.25 ? 232 TYR A N   1 
ATOM   891  C CA  . TYR A 1 123 ? -19.501 -11.554 17.864  1.00 25.63 ? 232 TYR A CA  1 
ATOM   892  C C   . TYR A 1 123 ? -20.459 -10.867 18.798  1.00 26.25 ? 232 TYR A C   1 
ATOM   893  O O   . TYR A 1 123 ? -20.044 -10.230 19.772  1.00 26.55 ? 232 TYR A O   1 
ATOM   894  C CB  . TYR A 1 123 ? -18.929 -12.757 18.582  1.00 24.55 ? 232 TYR A CB  1 
ATOM   895  C CG  . TYR A 1 123 ? -20.002 -13.711 19.062  1.00 24.21 ? 232 TYR A CG  1 
ATOM   896  C CD1 . TYR A 1 123 ? -20.652 -14.566 18.160  1.00 24.01 ? 232 TYR A CD1 1 
ATOM   897  C CD2 . TYR A 1 123 ? -20.340 -13.771 20.408  1.00 22.56 ? 232 TYR A CD2 1 
ATOM   898  C CE1 . TYR A 1 123 ? -21.631 -15.455 18.588  1.00 23.82 ? 232 TYR A CE1 1 
ATOM   899  C CE2 . TYR A 1 123 ? -21.335 -14.665 20.845  1.00 20.95 ? 232 TYR A CE2 1 
ATOM   900  C CZ  . TYR A 1 123 ? -21.954 -15.495 19.934  1.00 25.15 ? 232 TYR A CZ  1 
ATOM   901  O OH  . TYR A 1 123 ? -22.926 -16.367 20.378  1.00 24.17 ? 232 TYR A OH  1 
ATOM   902  N N   . SER A 1 124 ? -21.746 -11.022 18.497  1.00 27.26 ? 233 SER A N   1 
ATOM   903  C CA  . SER A 1 124 ? -22.795 -10.543 19.377  1.00 28.30 ? 233 SER A CA  1 
ATOM   904  C C   . SER A 1 124 ? -23.576 -11.746 19.903  1.00 27.16 ? 233 SER A C   1 
ATOM   905  O O   . SER A 1 124 ? -24.126 -12.541 19.126  1.00 27.70 ? 233 SER A O   1 
ATOM   906  C CB  . SER A 1 124 ? -23.718 -9.581  18.639  1.00 29.34 ? 233 SER A CB  1 
ATOM   907  O OG  . SER A 1 124 ? -24.487 -8.850  19.568  1.00 35.03 ? 233 SER A OG  1 
ATOM   908  N N   . LEU A 1 125 ? -23.610 -11.860 21.222  1.00 26.31 ? 234 LEU A N   1 
ATOM   909  C CA  . LEU A 1 125 ? -24.305 -12.975 21.897  1.00 25.87 ? 234 LEU A CA  1 
ATOM   910  C C   . LEU A 1 125 ? -25.827 -12.843 21.742  1.00 25.64 ? 234 LEU A C   1 
ATOM   911  O O   . LEU A 1 125 ? -26.401 -11.885 22.222  1.00 25.93 ? 234 LEU A O   1 
ATOM   912  C CB  . LEU A 1 125 ? -23.890 -13.031 23.378  1.00 24.78 ? 234 LEU A CB  1 
ATOM   913  C CG  . LEU A 1 125 ? -24.535 -14.136 24.241  1.00 24.17 ? 234 LEU A CG  1 
ATOM   914  C CD1 . LEU A 1 125 ? -24.064 -15.526 23.837  1.00 23.94 ? 234 LEU A CD1 1 
ATOM   915  C CD2 . LEU A 1 125 ? -24.289 -13.904 25.708  1.00 20.81 ? 234 LEU A CD2 1 
ATOM   916  N N   . PRO A 1 126 ? -26.465 -13.799 21.024  1.00 25.27 ? 235 PRO A N   1 
ATOM   917  C CA  . PRO A 1 126 ? -27.915 -13.713 20.826  1.00 24.85 ? 235 PRO A CA  1 
ATOM   918  C C   . PRO A 1 126 ? -28.647 -14.294 22.021  1.00 25.05 ? 235 PRO A C   1 
ATOM   919  O O   . PRO A 1 126 ? -28.085 -15.141 22.714  1.00 25.27 ? 235 PRO A O   1 
ATOM   920  C CB  . PRO A 1 126 ? -28.153 -14.589 19.605  1.00 25.00 ? 235 PRO A CB  1 
ATOM   921  C CG  . PRO A 1 126 ? -27.047 -15.643 19.666  1.00 25.83 ? 235 PRO A CG  1 
ATOM   922  C CD  . PRO A 1 126 ? -25.863 -14.957 20.330  1.00 25.97 ? 235 PRO A CD  1 
ATOM   923  N N   . ALA A 1 127 ? -29.864 -13.821 22.271  1.00 24.27 ? 236 ALA A N   1 
ATOM   924  C CA  . ALA A 1 127 ? -30.774 -14.472 23.244  1.00 24.28 ? 236 ALA A CA  1 
ATOM   925  C C   . ALA A 1 127 ? -31.090 -15.900 22.827  1.00 24.75 ? 236 ALA A C   1 
ATOM   926  O O   . ALA A 1 127 ? -31.278 -16.184 21.628  1.00 25.40 ? 236 ALA A O   1 
ATOM   927  C CB  . ALA A 1 127 ? -32.048 -13.699 23.362  1.00 24.37 ? 236 ALA A CB  1 
ATOM   928  N N   . ALA A 1 128 ? -31.158 -16.793 23.820  1.00 24.19 ? 237 ALA A N   1 
ATOM   929  C CA  . ALA A 1 128 ? -31.632 -18.165 23.618  1.00 23.47 ? 237 ALA A CA  1 
ATOM   930  C C   . ALA A 1 128 ? -32.985 -18.176 22.942  1.00 23.98 ? 237 ALA A C   1 
ATOM   931  O O   . ALA A 1 128 ? -33.861 -17.368 23.296  1.00 23.83 ? 237 ALA A O   1 
ATOM   932  C CB  . ALA A 1 128 ? -31.732 -18.864 24.956  1.00 23.30 ? 237 ALA A CB  1 
ATOM   933  N N   . THR A 1 129 ? -33.156 -19.090 21.983  1.00 24.29 ? 238 THR A N   1 
ATOM   934  C CA  . THR A 1 129 ? -34.517 -19.422 21.470  1.00 25.26 ? 238 THR A CA  1 
ATOM   935  C C   . THR A 1 129 ? -34.809 -20.918 21.643  1.00 25.81 ? 238 THR A C   1 
ATOM   936  O O   . THR A 1 129 ? -33.928 -21.699 22.023  1.00 24.06 ? 238 THR A O   1 
ATOM   937  C CB  . THR A 1 129 ? -34.722 -19.074 19.968  1.00 25.05 ? 238 THR A CB  1 
ATOM   938  O OG1 . THR A 1 129 ? -33.934 -19.955 19.156  1.00 25.17 ? 238 THR A OG1 1 
ATOM   939  C CG2 . THR A 1 129 ? -34.361 -17.624 19.686  1.00 27.15 ? 238 THR A CG2 1 
ATOM   940  N N   . THR A 1 130 ? -36.045 -21.325 21.339  1.00 27.05 ? 239 THR A N   1 
ATOM   941  C CA  . THR A 1 130 ? -36.363 -22.738 21.461  1.00 28.71 ? 239 THR A CA  1 
ATOM   942  C C   . THR A 1 130 ? -35.581 -23.616 20.466  1.00 28.52 ? 239 THR A C   1 
ATOM   943  O O   . THR A 1 130 ? -35.495 -24.828 20.671  1.00 28.17 ? 239 THR A O   1 
ATOM   944  C CB  . THR A 1 130 ? -37.860 -23.034 21.320  1.00 29.53 ? 239 THR A CB  1 
ATOM   945  O OG1 . THR A 1 130 ? -38.368 -22.327 20.185  1.00 32.36 ? 239 THR A OG1 1 
ATOM   946  C CG2 . THR A 1 130 ? -38.616 -22.634 22.583  1.00 30.34 ? 239 THR A CG2 1 
ATOM   947  N N   . THR A 1 131 ? -34.999 -23.013 19.422  1.00 28.43 ? 240 THR A N   1 
ATOM   948  C CA  . THR A 1 131 ? -34.221 -23.768 18.424  1.00 28.37 ? 240 THR A CA  1 
ATOM   949  C C   . THR A 1 131 ? -32.713 -23.510 18.457  1.00 27.82 ? 240 THR A C   1 
ATOM   950  O O   . THR A 1 131 ? -31.926 -24.328 17.956  1.00 28.57 ? 240 THR A O   1 
ATOM   951  C CB  . THR A 1 131 ? -34.687 -23.469 16.980  1.00 28.72 ? 240 THR A CB  1 
ATOM   952  O OG1 . THR A 1 131 ? -34.538 -22.066 16.718  1.00 30.28 ? 240 THR A OG1 1 
ATOM   953  C CG2 . THR A 1 131 ? -36.134 -23.870 16.782  1.00 28.79 ? 240 THR A CG2 1 
ATOM   954  N N   . THR A 1 132 ? -32.314 -22.378 19.030  1.00 26.48 ? 241 THR A N   1 
ATOM   955  C CA  . THR A 1 132 ? -30.939 -21.910 18.875  1.00 26.77 ? 241 THR A CA  1 
ATOM   956  C C   . THR A 1 132 ? -30.297 -21.575 20.218  1.00 25.24 ? 241 THR A C   1 
ATOM   957  O O   . THR A 1 132 ? -30.866 -20.824 21.021  1.00 24.97 ? 241 THR A O   1 
ATOM   958  C CB  . THR A 1 132 ? -30.861 -20.706 17.906  1.00 26.74 ? 241 THR A CB  1 
ATOM   959  O OG1 . THR A 1 132 ? -31.531 -21.048 16.680  1.00 30.13 ? 241 THR A OG1 1 
ATOM   960  C CG2 . THR A 1 132 ? -29.407 -20.346 17.586  1.00 28.67 ? 241 THR A CG2 1 
ATOM   961  N N   . LEU A 1 133 ? -29.110 -22.135 20.443  1.00 24.16 ? 242 LEU A N   1 
ATOM   962  C CA  . LEU A 1 133 ? -28.312 -21.800 21.613  1.00 23.93 ? 242 LEU A CA  1 
ATOM   963  C C   . LEU A 1 133 ? -28.147 -20.287 21.718  1.00 23.42 ? 242 LEU A C   1 
ATOM   964  O O   . LEU A 1 133 ? -27.954 -19.598 20.692  1.00 23.30 ? 242 LEU A O   1 
ATOM   965  C CB  . LEU A 1 133 ? -26.931 -22.464 21.553  1.00 24.54 ? 242 LEU A CB  1 
ATOM   966  C CG  . LEU A 1 133 ? -26.843 -23.971 21.789  1.00 25.71 ? 242 LEU A CG  1 
ATOM   967  C CD1 . LEU A 1 133 ? -25.402 -24.417 21.594  1.00 26.35 ? 242 LEU A CD1 1 
ATOM   968  C CD2 . LEU A 1 133 ? -27.369 -24.373 23.183  1.00 24.67 ? 242 LEU A CD2 1 
ATOM   969  N N   . GLY A 1 134 ? -28.226 -19.774 22.949  1.00 23.17 ? 243 GLY A N   1 
ATOM   970  C CA  . GLY A 1 134 ? -28.045 -18.348 23.221  1.00 22.88 ? 243 GLY A CA  1 
ATOM   971  C C   . GLY A 1 134 ? -27.808 -18.027 24.677  1.00 23.27 ? 243 GLY A C   1 
ATOM   972  O O   . GLY A 1 134 ? -27.758 -18.918 25.521  1.00 23.48 ? 243 GLY A O   1 
ATOM   973  N N   . GLY A 1 135 ? -27.638 -16.738 24.963  1.00 23.35 ? 244 GLY A N   1 
ATOM   974  C CA  . GLY A 1 135 ? -27.453 -16.285 26.335  1.00 22.50 ? 244 GLY A CA  1 
ATOM   975  C C   . GLY A 1 135 ? -28.781 -16.128 27.040  1.00 23.32 ? 244 GLY A C   1 
ATOM   976  O O   . GLY A 1 135 ? -29.831 -16.064 26.389  1.00 23.91 ? 244 GLY A O   1 
ATOM   977  N N   . VAL A 1 136 ? -28.735 -16.084 28.358  1.00 22.44 ? 245 VAL A N   1 
ATOM   978  C CA  . VAL A 1 136 ? -29.908 -15.758 29.148  1.00 23.30 ? 245 VAL A CA  1 
ATOM   979  C C   . VAL A 1 136 ? -29.524 -14.669 30.110  1.00 24.08 ? 245 VAL A C   1 
ATOM   980  O O   . VAL A 1 136 ? -28.339 -14.370 30.301  1.00 24.10 ? 245 VAL A O   1 
ATOM   981  C CB  . VAL A 1 136 ? -30.524 -16.980 29.933  1.00 22.89 ? 245 VAL A CB  1 
ATOM   982  C CG1 . VAL A 1 136 ? -31.085 -17.997 28.956  1.00 23.28 ? 245 VAL A CG1 1 
ATOM   983  C CG2 . VAL A 1 136 ? -29.496 -17.651 30.880  1.00 22.84 ? 245 VAL A CG2 1 
ATOM   984  N N   . LYS A 1 137 ? -30.527 -14.044 30.699  1.00 25.29 ? 246 LYS A N   1 
ATOM   985  C CA  . LYS A 1 137 ? -30.259 -13.187 31.827  1.00 26.64 ? 246 LYS A CA  1 
ATOM   986  C C   . LYS A 1 137 ? -30.411 -14.038 33.056  1.00 27.46 ? 246 LYS A C   1 
ATOM   987  O O   . LYS A 1 137 ? -31.112 -15.061 33.038  1.00 28.89 ? 246 LYS A O   1 
ATOM   988  C CB  . LYS A 1 137 ? -31.183 -11.953 31.829  1.00 26.48 ? 246 LYS A CB  1 
ATOM   989  C CG  . LYS A 1 137 ? -30.900 -11.051 30.639  1.00 28.51 ? 246 LYS A CG  1 
ATOM   990  C CD  . LYS A 1 137 ? -31.418 -9.634  30.804  1.00 32.13 ? 246 LYS A CD  1 
ATOM   991  C CE  . LYS A 1 137 ? -31.083 -8.813  29.551  1.00 32.01 ? 246 LYS A CE  1 
ATOM   992  N NZ  . LYS A 1 137 ? -31.522 -7.390  29.713  1.00 32.57 ? 246 LYS A NZ  1 
ATOM   993  N N   . LYS A 1 138 ? -29.702 -13.677 34.112  1.00 28.00 ? 247 LYS A N   1 
ATOM   994  C CA  . LYS A 1 138 ? -29.814 -14.417 35.358  1.00 28.67 ? 247 LYS A CA  1 
ATOM   995  C C   . LYS A 1 138 ? -31.147 -14.091 36.039  1.00 29.60 ? 247 LYS A C   1 
ATOM   996  O O   . LYS A 1 138 ? -31.536 -12.931 36.132  1.00 29.18 ? 247 LYS A O   1 
ATOM   997  C CB  . LYS A 1 138 ? -28.656 -14.066 36.277  1.00 28.69 ? 247 LYS A CB  1 
ATOM   998  C CG  . LYS A 1 138 ? -28.532 -14.947 37.493  1.00 29.20 ? 247 LYS A CG  1 
ATOM   999  C CD  . LYS A 1 138 ? -27.301 -14.495 38.270  1.00 31.44 ? 247 LYS A CD  1 
ATOM   1000 C CE  . LYS A 1 138 ? -27.023 -15.369 39.457  1.00 35.30 ? 247 LYS A CE  1 
ATOM   1001 N NZ  . LYS A 1 138 ? -25.723 -14.927 40.024  1.00 37.20 ? 247 LYS A NZ  1 
ATOM   1002 N N   . GLY A 1 139 ? -31.840 -15.117 36.525  1.00 29.98 ? 248 GLY A N   1 
ATOM   1003 C CA  . GLY A 1 139 ? -33.098 -14.902 37.247  1.00 31.95 ? 248 GLY A CA  1 
ATOM   1004 C C   . GLY A 1 139 ? -32.952 -14.180 38.576  1.00 33.48 ? 248 GLY A C   1 
ATOM   1005 O O   . GLY A 1 139 ? -31.916 -14.314 39.265  1.00 32.92 ? 248 GLY A O   1 
ATOM   1006 N N   . ALA A 1 140 ? -34.000 -13.432 38.944  1.00 34.53 ? 249 ALA A N   1 
ATOM   1007 C CA  . ALA A 1 140 ? -34.078 -12.770 40.247  1.00 36.16 ? 249 ALA A CA  1 
ATOM   1008 C C   . ALA A 1 140 ? -33.958 -13.787 41.377  1.00 37.26 ? 249 ALA A C   1 
ATOM   1009 O O   . ALA A 1 140 ? -34.088 -14.995 41.157  1.00 37.51 ? 249 ALA A O   1 
ATOM   1010 C CB  . ALA A 1 140 ? -35.384 -11.988 40.375  1.00 35.94 ? 249 ALA A CB  1 
ATOM   1011 N N   . ALA A 1 141 ? -33.711 -13.303 42.590  1.00 38.46 ? 250 ALA A N   1 
ATOM   1012 C CA  . ALA A 1 141 ? -33.589 -14.194 43.739  1.00 39.39 ? 250 ALA A CA  1 
ATOM   1013 C C   . ALA A 1 141 ? -34.910 -14.916 44.050  1.00 39.80 ? 250 ALA A C   1 
ATOM   1014 O O   . ALA A 1 141 ? -36.009 -14.366 43.869  1.00 39.70 ? 250 ALA A O   1 
ATOM   1015 C CB  . ALA A 1 141 ? -33.090 -13.427 44.963  1.00 39.80 ? 250 ALA A CB  1 
ATOM   1016 N N   . VAL A 1 142 ? -34.791 -16.165 44.477  1.00 39.98 ? 251 VAL A N   1 
ATOM   1017 C CA  . VAL A 1 142 ? -35.943 -16.939 44.899  1.00 40.73 ? 251 VAL A CA  1 
ATOM   1018 C C   . VAL A 1 142 ? -35.604 -17.625 46.211  1.00 41.01 ? 251 VAL A C   1 
ATOM   1019 O O   . VAL A 1 142 ? -34.575 -18.294 46.350  1.00 41.66 ? 251 VAL A O   1 
ATOM   1020 C CB  . VAL A 1 142 ? -36.501 -17.904 43.792  1.00 40.94 ? 251 VAL A CB  1 
ATOM   1021 C CG1 . VAL A 1 142 ? -35.492 -18.132 42.695  1.00 41.26 ? 251 VAL A CG1 1 
ATOM   1022 C CG2 . VAL A 1 142 ? -37.012 -19.225 44.372  1.00 40.81 ? 251 VAL A CG2 1 
ATOM   1023 N N   . THR A 1 143 ? -36.490 -17.400 47.172  1.00 41.06 ? 252 THR A N   1 
ATOM   1024 C CA  . THR A 1 143 ? -36.383 -17.913 48.521  1.00 40.80 ? 252 THR A CA  1 
ATOM   1025 C C   . THR A 1 143 ? -36.682 -19.407 48.535  1.00 40.09 ? 252 THR A C   1 
ATOM   1026 O O   . THR A 1 143 ? -37.611 -19.854 47.856  1.00 40.67 ? 252 THR A O   1 
ATOM   1027 C CB  . THR A 1 143 ? -37.432 -17.203 49.406  1.00 41.30 ? 252 THR A CB  1 
ATOM   1028 O OG1 . THR A 1 143 ? -37.509 -15.820 49.028  1.00 42.41 ? 252 THR A OG1 1 
ATOM   1029 C CG2 . THR A 1 143 ? -37.073 -17.310 50.884  1.00 41.22 ? 252 THR A CG2 1 
ATOM   1030 N N   . ALA A 1 144 ? -35.910 -20.172 49.304  1.00 38.19 ? 253 ALA A N   1 
ATOM   1031 C CA  . ALA A 1 144 ? -36.234 -21.572 49.551  1.00 37.34 ? 253 ALA A CA  1 
ATOM   1032 C C   . ALA A 1 144 ? -37.630 -21.670 50.181  1.00 36.59 ? 253 ALA A C   1 
ATOM   1033 O O   . ALA A 1 144 ? -38.069 -20.730 50.861  1.00 36.96 ? 253 ALA A O   1 
ATOM   1034 C CB  . ALA A 1 144 ? -35.202 -22.205 50.440  1.00 37.33 ? 253 ALA A CB  1 
ATOM   1035 N N   . SER A 1 145 ? -38.331 -22.782 49.938  1.00 35.23 ? 254 SER A N   1 
ATOM   1036 C CA  . SER A 1 145 ? -39.710 -22.943 50.418  1.00 34.14 ? 254 SER A CA  1 
ATOM   1037 C C   . SER A 1 145 ? -39.796 -23.564 51.816  1.00 34.48 ? 254 SER A C   1 
ATOM   1038 O O   . SER A 1 145 ? -39.149 -24.594 52.114  1.00 33.11 ? 254 SER A O   1 
ATOM   1039 C CB  . SER A 1 145 ? -40.573 -23.742 49.421  1.00 34.02 ? 254 SER A CB  1 
ATOM   1040 O OG  . SER A 1 145 ? -41.871 -23.997 49.962  1.00 31.85 ? 254 SER A OG  1 
ATOM   1041 N N   . THR A 1 146 ? -40.620 -22.937 52.663  1.00 34.43 ? 255 THR A N   1 
ATOM   1042 C CA  . THR A 1 146 ? -40.936 -23.471 53.996  1.00 35.51 ? 255 THR A CA  1 
ATOM   1043 C C   . THR A 1 146 ? -42.429 -23.804 54.111  1.00 35.94 ? 255 THR A C   1 
ATOM   1044 O O   . THR A 1 146 ? -43.003 -23.809 55.202  1.00 36.55 ? 255 THR A O   1 
ATOM   1045 C CB  . THR A 1 146 ? -40.481 -22.514 55.148  1.00 34.89 ? 255 THR A CB  1 
ATOM   1046 O OG1 . THR A 1 146 ? -41.093 -21.231 54.977  1.00 35.63 ? 255 THR A OG1 1 
ATOM   1047 C CG2 . THR A 1 146 ? -38.965 -22.350 55.165  1.00 34.79 ? 255 THR A CG2 1 
ATOM   1048 N N   . ALA A 1 147 ? -43.049 -24.103 52.970  1.00 36.22 ? 256 ALA A N   1 
ATOM   1049 C CA  . ALA A 1 147 ? -44.474 -24.395 52.903  1.00 36.60 ? 256 ALA A CA  1 
ATOM   1050 C C   . ALA A 1 147 ? -44.866 -25.654 53.680  1.00 37.44 ? 256 ALA A C   1 
ATOM   1051 O O   . ALA A 1 147 ? -44.195 -26.688 53.588  1.00 37.45 ? 256 ALA A O   1 
ATOM   1052 C CB  . ALA A 1 147 ? -44.901 -24.526 51.448  1.00 36.45 ? 256 ALA A CB  1 
ATOM   1053 N N   . THR A 1 148 ? -45.961 -25.554 54.440  1.00 38.09 ? 257 THR A N   1 
ATOM   1054 C CA  . THR A 1 148 ? -46.523 -26.698 55.163  1.00 38.97 ? 257 THR A CA  1 
ATOM   1055 C C   . THR A 1 148 ? -47.903 -27.112 54.622  1.00 38.91 ? 257 THR A C   1 
ATOM   1056 O O   . THR A 1 148 ? -48.447 -28.145 55.030  1.00 39.69 ? 257 THR A O   1 
ATOM   1057 C CB  . THR A 1 148 ? -46.580 -26.455 56.693  1.00 39.01 ? 257 THR A CB  1 
ATOM   1058 O OG1 . THR A 1 148 ? -47.399 -25.313 56.971  1.00 39.77 ? 257 THR A OG1 1 
ATOM   1059 C CG2 . THR A 1 148 ? -45.177 -26.222 57.250  1.00 40.18 ? 257 THR A CG2 1 
ATOM   1060 N N   . ASP A 1 149 ? -48.448 -26.315 53.702  1.00 38.55 ? 258 ASP A N   1 
ATOM   1061 C CA  . ASP A 1 149 ? -49.686 -26.661 52.990  1.00 38.25 ? 258 ASP A CA  1 
ATOM   1062 C C   . ASP A 1 149 ? -49.553 -26.532 51.462  1.00 37.06 ? 258 ASP A C   1 
ATOM   1063 O O   . ASP A 1 149 ? -48.596 -25.926 50.954  1.00 36.98 ? 258 ASP A O   1 
ATOM   1064 C CB  . ASP A 1 149 ? -50.885 -25.845 53.507  1.00 39.04 ? 258 ASP A CB  1 
ATOM   1065 C CG  . ASP A 1 149 ? -50.670 -24.337 53.408  1.00 40.68 ? 258 ASP A CG  1 
ATOM   1066 O OD1 . ASP A 1 149 ? -50.807 -23.659 54.451  1.00 44.66 ? 258 ASP A OD1 1 
ATOM   1067 O OD2 . ASP A 1 149 ? -50.371 -23.820 52.310  1.00 41.68 ? 258 ASP A OD2 1 
ATOM   1068 N N   . VAL A 1 150 ? -50.526 -27.096 50.744  1.00 35.81 ? 259 VAL A N   1 
ATOM   1069 C CA  . VAL A 1 150 ? -50.514 -27.122 49.277  1.00 34.33 ? 259 VAL A CA  1 
ATOM   1070 C C   . VAL A 1 150 ? -50.551 -25.728 48.670  1.00 33.63 ? 259 VAL A C   1 
ATOM   1071 O O   . VAL A 1 150 ? -49.802 -25.437 47.744  1.00 32.64 ? 259 VAL A O   1 
ATOM   1072 C CB  . VAL A 1 150 ? -51.683 -27.954 48.692  1.00 34.02 ? 259 VAL A CB  1 
ATOM   1073 C CG1 . VAL A 1 150 ? -51.696 -27.880 47.160  1.00 34.30 ? 259 VAL A CG1 1 
ATOM   1074 C CG2 . VAL A 1 150 ? -51.583 -29.391 49.129  1.00 35.08 ? 259 VAL A CG2 1 
ATOM   1075 N N   . ALA A 1 151 ? -51.436 -24.880 49.185  1.00 32.83 ? 260 ALA A N   1 
ATOM   1076 C CA  . ALA A 1 151 ? -51.565 -23.502 48.726  1.00 32.07 ? 260 ALA A CA  1 
ATOM   1077 C C   . ALA A 1 151 ? -50.228 -22.750 48.718  1.00 31.59 ? 260 ALA A C   1 
ATOM   1078 O O   . ALA A 1 151 ? -49.903 -22.053 47.760  1.00 31.37 ? 260 ALA A O   1 
ATOM   1079 C CB  . ALA A 1 151 ? -52.587 -22.756 49.583  1.00 32.19 ? 260 ALA A CB  1 
ATOM   1080 N N   . THR A 1 152 ? -49.453 -22.895 49.786  1.00 30.60 ? 261 THR A N   1 
ATOM   1081 C CA  . THR A 1 152 ? -48.184 -22.193 49.874  1.00 30.23 ? 261 THR A CA  1 
ATOM   1082 C C   . THR A 1 152 ? -47.137 -22.820 48.958  1.00 28.41 ? 261 THR A C   1 
ATOM   1083 O O   . THR A 1 152 ? -46.388 -22.096 48.309  1.00 27.73 ? 261 THR A O   1 
ATOM   1084 C CB  . THR A 1 152 ? -47.658 -22.180 51.306  1.00 30.48 ? 261 THR A CB  1 
ATOM   1085 O OG1 . THR A 1 152 ? -48.718 -21.792 52.192  1.00 33.47 ? 261 THR A OG1 1 
ATOM   1086 C CG2 . THR A 1 152 ? -46.503 -21.213 51.457  1.00 31.90 ? 261 THR A CG2 1 
ATOM   1087 N N   . ALA A 1 153 ? -47.078 -24.152 48.936  1.00 27.02 ? 262 ALA A N   1 
ATOM   1088 C CA  . ALA A 1 153 ? -46.166 -24.868 48.040  1.00 26.65 ? 262 ALA A CA  1 
ATOM   1089 C C   . ALA A 1 153 ? -46.386 -24.434 46.581  1.00 26.11 ? 262 ALA A C   1 
ATOM   1090 O O   . ALA A 1 153 ? -45.421 -24.270 45.824  1.00 25.84 ? 262 ALA A O   1 
ATOM   1091 C CB  . ALA A 1 153 ? -46.340 -26.390 48.180  1.00 25.96 ? 262 ALA A CB  1 
ATOM   1092 N N   . VAL A 1 154 ? -47.653 -24.265 46.203  1.00 26.45 ? 263 VAL A N   1 
ATOM   1093 C CA  . VAL A 1 154 ? -48.020 -23.854 44.850  1.00 26.75 ? 263 VAL A CA  1 
ATOM   1094 C C   . VAL A 1 154 ? -47.615 -22.405 44.596  1.00 26.72 ? 263 VAL A C   1 
ATOM   1095 O O   . VAL A 1 154 ? -47.134 -22.068 43.515  1.00 25.94 ? 263 VAL A O   1 
ATOM   1096 C CB  . VAL A 1 154 ? -49.527 -24.070 44.590  1.00 27.42 ? 263 VAL A CB  1 
ATOM   1097 C CG1 . VAL A 1 154 ? -50.006 -23.300 43.370  1.00 27.60 ? 263 VAL A CG1 1 
ATOM   1098 C CG2 . VAL A 1 154 ? -49.789 -25.550 44.414  1.00 28.08 ? 263 VAL A CG2 1 
ATOM   1099 N N   . LYS A 1 155 ? -47.803 -21.566 45.611  1.00 27.47 ? 264 LYS A N   1 
ATOM   1100 C CA  . LYS A 1 155 ? -47.346 -20.188 45.592  1.00 28.08 ? 264 LYS A CA  1 
ATOM   1101 C C   . LYS A 1 155 ? -45.826 -20.135 45.324  1.00 27.79 ? 264 LYS A C   1 
ATOM   1102 O O   . LYS A 1 155 ? -45.374 -19.406 44.439  1.00 27.35 ? 264 LYS A O   1 
ATOM   1103 C CB  . LYS A 1 155 ? -47.724 -19.502 46.918  1.00 29.14 ? 264 LYS A CB  1 
ATOM   1104 C CG  . LYS A 1 155 ? -47.304 -18.043 47.060  1.00 31.32 ? 264 LYS A CG  1 
ATOM   1105 C CD  . LYS A 1 155 ? -47.395 -17.614 48.528  1.00 35.51 ? 264 LYS A CD  1 
ATOM   1106 C CE  . LYS A 1 155 ? -46.908 -16.183 48.760  1.00 38.91 ? 264 LYS A CE  1 
ATOM   1107 N NZ  . LYS A 1 155 ? -47.992 -15.194 48.501  1.00 40.85 ? 264 LYS A NZ  1 
ATOM   1108 N N   . ASP A 1 156 ? -45.060 -20.946 46.054  1.00 27.28 ? 265 ASP A N   1 
ATOM   1109 C CA  . ASP A 1 156 ? -43.591 -20.988 45.875  1.00 26.72 ? 265 ASP A CA  1 
ATOM   1110 C C   . ASP A 1 156 ? -43.141 -21.532 44.503  1.00 25.81 ? 265 ASP A C   1 
ATOM   1111 O O   . ASP A 1 156 ? -42.239 -20.960 43.862  1.00 25.33 ? 265 ASP A O   1 
ATOM   1112 C CB  . ASP A 1 156 ? -42.912 -21.715 47.044  1.00 27.60 ? 265 ASP A CB  1 
ATOM   1113 C CG  . ASP A 1 156 ? -43.244 -21.078 48.416  1.00 28.70 ? 265 ASP A CG  1 
ATOM   1114 O OD1 . ASP A 1 156 ? -43.611 -19.881 48.460  1.00 32.77 ? 265 ASP A OD1 1 
ATOM   1115 O OD2 . ASP A 1 156 ? -43.145 -21.775 49.449  1.00 31.35 ? 265 ASP A OD2 1 
ATOM   1116 N N   . LEU A 1 157 ? -43.776 -22.607 44.032  1.00 24.25 ? 266 LEU A N   1 
ATOM   1117 C CA  . LEU A 1 157 ? -43.540 -23.077 42.663  1.00 22.96 ? 266 LEU A CA  1 
ATOM   1118 C C   . LEU A 1 157 ? -43.799 -21.983 41.647  1.00 23.40 ? 266 LEU A C   1 
ATOM   1119 O O   . LEU A 1 157 ? -42.992 -21.750 40.756  1.00 23.88 ? 266 LEU A O   1 
ATOM   1120 C CB  . LEU A 1 157 ? -44.436 -24.277 42.343  1.00 22.52 ? 266 LEU A CB  1 
ATOM   1121 C CG  . LEU A 1 157 ? -44.446 -24.742 40.887  1.00 20.94 ? 266 LEU A CG  1 
ATOM   1122 C CD1 . LEU A 1 157 ? -43.050 -25.217 40.413  1.00 22.26 ? 266 LEU A CD1 1 
ATOM   1123 C CD2 . LEU A 1 157 ? -45.492 -25.852 40.741  1.00 23.04 ? 266 LEU A CD2 1 
ATOM   1124 N N   . ASN A 1 158 ? -44.939 -21.308 41.775  1.00 23.26 ? 267 ASN A N   1 
ATOM   1125 C CA  . ASN A 1 158 ? -45.257 -20.243 40.829  1.00 24.13 ? 267 ASN A CA  1 
ATOM   1126 C C   . ASN A 1 158 ? -44.278 -19.073 40.848  1.00 24.69 ? 267 ASN A C   1 
ATOM   1127 O O   . ASN A 1 158 ? -44.036 -18.464 39.809  1.00 24.91 ? 267 ASN A O   1 
ATOM   1128 C CB  . ASN A 1 158 ? -46.686 -19.739 41.057  1.00 24.62 ? 267 ASN A CB  1 
ATOM   1129 C CG  . ASN A 1 158 ? -47.708 -20.639 40.448  1.00 26.27 ? 267 ASN A CG  1 
ATOM   1130 O OD1 . ASN A 1 158 ? -47.434 -21.339 39.479  1.00 28.47 ? 267 ASN A OD1 1 
ATOM   1131 N ND2 . ASN A 1 158 ? -48.917 -20.625 41.007  1.00 26.43 ? 267 ASN A ND2 1 
ATOM   1132 N N   . SER A 1 159 ? -43.706 -18.786 42.015  1.00 24.57 ? 268 SER A N   1 
ATOM   1133 C CA  . SER A 1 159 ? -42.698 -17.744 42.138  1.00 25.69 ? 268 SER A CA  1 
ATOM   1134 C C   . SER A 1 159 ? -41.451 -18.097 41.347  1.00 24.85 ? 268 SER A C   1 
ATOM   1135 O O   . SER A 1 159 ? -40.880 -17.232 40.686  1.00 26.14 ? 268 SER A O   1 
ATOM   1136 C CB  . SER A 1 159 ? -42.336 -17.532 43.586  1.00 26.40 ? 268 SER A CB  1 
ATOM   1137 O OG  . SER A 1 159 ? -43.448 -16.923 44.236  1.00 30.49 ? 268 SER A OG  1 
ATOM   1138 N N   . LEU A 1 160 ? -41.053 -19.370 41.414  1.00 23.89 ? 269 LEU A N   1 
ATOM   1139 C CA  . LEU A 1 160 ? -39.939 -19.849 40.585  1.00 22.94 ? 269 LEU A CA  1 
ATOM   1140 C C   . LEU A 1 160 ? -40.236 -19.760 39.087  1.00 23.50 ? 269 LEU A C   1 
ATOM   1141 O O   . LEU A 1 160 ? -39.387 -19.319 38.298  1.00 23.17 ? 269 LEU A O   1 
ATOM   1142 C CB  . LEU A 1 160 ? -39.543 -21.278 40.986  1.00 22.31 ? 269 LEU A CB  1 
ATOM   1143 C CG  . LEU A 1 160 ? -38.422 -21.951 40.162  1.00 20.31 ? 269 LEU A CG  1 
ATOM   1144 C CD1 . LEU A 1 160 ? -37.117 -21.115 40.216  1.00 19.99 ? 269 LEU A CD1 1 
ATOM   1145 C CD2 . LEU A 1 160 ? -38.210 -23.400 40.595  1.00 20.89 ? 269 LEU A CD2 1 
ATOM   1146 N N   . ILE A 1 161 ? -41.430 -20.170 38.687  1.00 24.07 ? 270 ILE A N   1 
ATOM   1147 C CA  . ILE A 1 161 ? -41.825 -20.113 37.286  1.00 24.49 ? 270 ILE A CA  1 
ATOM   1148 C C   . ILE A 1 161 ? -41.782 -18.679 36.751  1.00 25.78 ? 270 ILE A C   1 
ATOM   1149 O O   . ILE A 1 161 ? -41.267 -18.439 35.646  1.00 24.80 ? 270 ILE A O   1 
ATOM   1150 C CB  . ILE A 1 161 ? -43.246 -20.735 37.101  1.00 24.46 ? 270 ILE A CB  1 
ATOM   1151 C CG1 . ILE A 1 161 ? -43.186 -22.241 37.388  1.00 24.63 ? 270 ILE A CG1 1 
ATOM   1152 C CG2 . ILE A 1 161 ? -43.794 -20.455 35.691  1.00 23.81 ? 270 ILE A CG2 1 
ATOM   1153 C CD1 . ILE A 1 161 ? -44.550 -22.957 37.360  1.00 23.03 ? 270 ILE A CD1 1 
ATOM   1154 N N   . THR A 1 162 ? -42.297 -17.732 37.537  1.00 27.05 ? 271 THR A N   1 
ATOM   1155 C CA  . THR A 1 162 ? -42.337 -16.354 37.067  1.00 28.55 ? 271 THR A CA  1 
ATOM   1156 C C   . THR A 1 162 ? -40.913 -15.812 36.931  1.00 28.98 ? 271 THR A C   1 
ATOM   1157 O O   . THR A 1 162 ? -40.577 -15.180 35.918  1.00 29.47 ? 271 THR A O   1 
ATOM   1158 C CB  . THR A 1 162 ? -43.193 -15.430 37.967  1.00 28.96 ? 271 THR A CB  1 
ATOM   1159 O OG1 . THR A 1 162 ? -42.542 -15.217 39.223  1.00 34.77 ? 271 THR A OG1 1 
ATOM   1160 C CG2 . THR A 1 162 ? -44.544 -16.019 38.204  1.00 25.05 ? 271 THR A CG2 1 
ATOM   1161 N N   . VAL A 1 163 ? -40.065 -16.096 37.924  1.00 29.05 ? 272 VAL A N   1 
ATOM   1162 C CA  . VAL A 1 163 ? -38.654 -15.684 37.856  1.00 29.38 ? 272 VAL A CA  1 
ATOM   1163 C C   . VAL A 1 163 ? -37.985 -16.212 36.582  1.00 29.04 ? 272 VAL A C   1 
ATOM   1164 O O   . VAL A 1 163 ? -37.311 -15.472 35.853  1.00 28.95 ? 272 VAL A O   1 
ATOM   1165 C CB  . VAL A 1 163 ? -37.873 -16.099 39.122  1.00 29.85 ? 272 VAL A CB  1 
ATOM   1166 C CG1 . VAL A 1 163 ? -36.357 -16.227 38.849  1.00 30.48 ? 272 VAL A CG1 1 
ATOM   1167 C CG2 . VAL A 1 163 ? -38.131 -15.126 40.244  1.00 28.97 ? 272 VAL A CG2 1 
ATOM   1168 N N   . LEU A 1 164 ? -38.188 -17.488 36.275  1.00 28.42 ? 273 LEU A N   1 
ATOM   1169 C CA  . LEU A 1 164 ? -37.597 -18.038 35.062  1.00 28.30 ? 273 LEU A CA  1 
ATOM   1170 C C   . LEU A 1 164 ? -38.193 -17.444 33.771  1.00 29.27 ? 273 LEU A C   1 
ATOM   1171 O O   . LEU A 1 164 ? -37.492 -17.275 32.765  1.00 29.74 ? 273 LEU A O   1 
ATOM   1172 C CB  . LEU A 1 164 ? -37.707 -19.565 35.072  1.00 27.35 ? 273 LEU A CB  1 
ATOM   1173 C CG  . LEU A 1 164 ? -36.945 -20.264 36.218  1.00 25.34 ? 273 LEU A CG  1 
ATOM   1174 C CD1 . LEU A 1 164 ? -37.407 -21.703 36.253  1.00 22.95 ? 273 LEU A CD1 1 
ATOM   1175 C CD2 . LEU A 1 164 ? -35.425 -20.228 36.088  1.00 24.34 ? 273 LEU A CD2 1 
ATOM   1176 N N   . LYS A 1 165 ? -39.480 -17.106 33.819  1.00 30.80 ? 274 LYS A N   1 
ATOM   1177 C CA  . LYS A 1 165 ? -40.146 -16.433 32.711  1.00 32.38 ? 274 LYS A CA  1 
ATOM   1178 C C   . LYS A 1 165 ? -39.628 -15.008 32.540  1.00 34.06 ? 274 LYS A C   1 
ATOM   1179 O O   . LYS A 1 165 ? -39.338 -14.595 31.417  1.00 34.87 ? 274 LYS A O   1 
ATOM   1180 C CB  . LYS A 1 165 ? -41.678 -16.492 32.857  1.00 32.46 ? 274 LYS A CB  1 
ATOM   1181 C CG  . LYS A 1 165 ? -42.247 -17.825 32.343  1.00 32.49 ? 274 LYS A CG  1 
ATOM   1182 C CD  . LYS A 1 165 ? -43.715 -17.769 31.969  1.00 36.47 ? 274 LYS A CD  1 
ATOM   1183 C CE  . LYS A 1 165 ? -44.616 -18.180 33.103  1.00 38.02 ? 274 LYS A CE  1 
ATOM   1184 N NZ  . LYS A 1 165 ? -45.783 -19.020 32.634  1.00 37.75 ? 274 LYS A NZ  1 
ATOM   1185 N N   . ASN A 1 166 ? -39.488 -14.283 33.653  1.00 35.20 ? 275 ASN A N   1 
ATOM   1186 C CA  . ASN A 1 166 ? -38.953 -12.904 33.649  1.00 36.25 ? 275 ASN A CA  1 
ATOM   1187 C C   . ASN A 1 166 ? -37.559 -12.773 33.041  1.00 36.64 ? 275 ASN A C   1 
ATOM   1188 O O   . ASN A 1 166 ? -37.251 -11.748 32.426  1.00 37.55 ? 275 ASN A O   1 
ATOM   1189 C CB  . ASN A 1 166 ? -38.906 -12.336 35.069  1.00 36.55 ? 275 ASN A CB  1 
ATOM   1190 C CG  . ASN A 1 166 ? -40.256 -11.785 35.554  1.00 36.88 ? 275 ASN A CG  1 
ATOM   1191 O OD1 . ASN A 1 166 ? -41.237 -11.703 34.814  1.00 37.56 ? 275 ASN A OD1 1 
ATOM   1192 N ND2 . ASN A 1 166 ? -40.296 -11.410 36.821  1.00 40.34 ? 275 ASN A ND2 1 
ATOM   1193 N N   . ALA A 1 167 ? -36.714 -13.793 33.244  1.00 36.84 ? 276 ALA A N   1 
ATOM   1194 C CA  . ALA A 1 167 ? -35.321 -13.819 32.765  1.00 36.57 ? 276 ALA A CA  1 
ATOM   1195 C C   . ALA A 1 167 ? -35.177 -14.411 31.360  1.00 36.14 ? 276 ALA A C   1 
ATOM   1196 O O   . ALA A 1 167 ? -34.062 -14.564 30.834  1.00 36.76 ? 276 ALA A O   1 
ATOM   1197 C CB  . ALA A 1 167 ? -34.463 -14.581 33.746  1.00 36.92 ? 276 ALA A CB  1 
ATOM   1198 N N   . GLY A 1 168 ? -36.314 -14.746 30.758  1.00 35.84 ? 277 GLY A N   1 
ATOM   1199 C CA  . GLY A 1 168 ? -36.342 -15.400 29.456  1.00 34.47 ? 277 GLY A CA  1 
ATOM   1200 C C   . GLY A 1 168 ? -35.665 -16.762 29.433  1.00 34.22 ? 277 GLY A C   1 
ATOM   1201 O O   . GLY A 1 168 ? -35.131 -17.188 28.402  1.00 34.08 ? 277 GLY A O   1 
ATOM   1202 N N   . ILE A 1 169 ? -35.688 -17.450 30.578  1.00 31.93 ? 278 ILE A N   1 
ATOM   1203 C CA  . ILE A 1 169 ? -35.153 -18.788 30.674  1.00 30.66 ? 278 ILE A CA  1 
ATOM   1204 C C   . ILE A 1 169 ? -36.202 -19.802 30.168  1.00 29.76 ? 278 ILE A C   1 
ATOM   1205 O O   . ILE A 1 169 ? -35.857 -20.802 29.550  1.00 30.10 ? 278 ILE A O   1 
ATOM   1206 C CB  . ILE A 1 169 ? -34.642 -19.091 32.114  1.00 29.58 ? 278 ILE A CB  1 
ATOM   1207 C CG1 . ILE A 1 169 ? -33.461 -18.160 32.450  1.00 30.23 ? 278 ILE A CG1 1 
ATOM   1208 C CG2 . ILE A 1 169 ? -34.207 -20.533 32.260  1.00 29.37 ? 278 ILE A CG2 1 
ATOM   1209 C CD1 . ILE A 1 169 ? -33.067 -18.152 33.911  1.00 30.13 ? 278 ILE A CD1 1 
ATOM   1210 N N   . ILE A 1 170 ? -37.480 -19.512 30.405  1.00 30.25 ? 279 ILE A N   1 
ATOM   1211 C CA  . ILE A 1 170 ? -38.560 -20.337 29.830  1.00 30.56 ? 279 ILE A CA  1 
ATOM   1212 C C   . ILE A 1 170 ? -39.589 -19.459 29.096  1.00 32.32 ? 279 ILE A C   1 
ATOM   1213 O O   . ILE A 1 170 ? -39.746 -18.268 29.404  1.00 30.95 ? 279 ILE A O   1 
ATOM   1214 C CB  . ILE A 1 170 ? -39.271 -21.249 30.890  1.00 29.40 ? 279 ILE A CB  1 
ATOM   1215 C CG1 . ILE A 1 170 ? -39.871 -20.406 32.005  1.00 28.93 ? 279 ILE A CG1 1 
ATOM   1216 C CG2 . ILE A 1 170 ? -38.305 -22.286 31.463  1.00 28.59 ? 279 ILE A CG2 1 
ATOM   1217 C CD1 . ILE A 1 170 ? -40.633 -21.213 33.073  1.00 27.50 ? 279 ILE A CD1 1 
ATOM   1218 N N   . SER A 1 171 ? -40.292 -20.062 28.137  1.00 34.84 ? 280 SER A N   1 
ATOM   1219 C CA  . SER A 1 171 ? -41.265 -19.315 27.326  1.00 37.56 ? 280 SER A CA  1 
ATOM   1220 C C   . SER A 1 171 ? -42.567 -18.958 28.063  1.00 38.76 ? 280 SER A C   1 
ATOM   1221 O O   . SER A 1 171 ? -43.025 -19.697 28.949  1.00 38.88 ? 280 SER A O   1 
ATOM   1222 C CB  . SER A 1 171 ? -41.600 -20.095 26.041  1.00 37.83 ? 280 SER A CB  1 
ATOM   1223 O OG  . SER A 1 171 ? -40.444 -20.317 25.239  1.00 39.75 ? 280 SER A OG  1 
ATOM   1224 N N   . LEU A 1 172 ? -43.139 -17.812 27.689  1.00 40.33 ? 281 LEU A N   1 
ATOM   1225 C CA  . LEU A 1 172 ? -44.545 -17.494 27.963  1.00 41.58 ? 281 LEU A CA  1 
ATOM   1226 C C   . LEU A 1 172 ? -45.431 -18.173 26.906  1.00 42.02 ? 281 LEU A C   1 
ATOM   1227 O O   . LEU A 1 172 ? -46.490 -18.727 27.220  1.00 42.76 ? 281 LEU A O   1 
ATOM   1228 C CB  . LEU A 1 172 ? -44.763 -15.977 27.934  1.00 41.67 ? 281 LEU A CB  1 
ATOM   1229 C CG  . LEU A 1 172 ? -44.246 -15.135 29.104  1.00 43.16 ? 281 LEU A CG  1 
ATOM   1230 C CD1 . LEU A 1 172 ? -43.659 -13.813 28.606  1.00 44.68 ? 281 LEU A CD1 1 
ATOM   1231 C CD2 . LEU A 1 172 ? -45.364 -14.888 30.141  1.00 45.47 ? 281 LEU A CD2 1 
HETATM 1232 O O   . HOH B 2 .   ? 31.265  21.538  -32.798 1.00 14.78 ? 1   HOH A O   1 
HETATM 1233 O O   . HOH B 2 .   ? 16.497  11.334  -8.192  1.00 14.49 ? 2   HOH A O   1 
HETATM 1234 O O   . HOH B 2 .   ? 17.705  20.830  -9.887  1.00 15.81 ? 3   HOH A O   1 
HETATM 1235 O O   . HOH B 2 .   ? 19.848  19.809  -7.306  1.00 19.01 ? 4   HOH A O   1 
HETATM 1236 O O   . HOH B 2 .   ? 11.965  8.885   -12.494 1.00 14.38 ? 5   HOH A O   1 
HETATM 1237 O O   . HOH B 2 .   ? 25.487  19.516  -18.338 1.00 20.22 ? 6   HOH A O   1 
HETATM 1238 O O   . HOH B 2 .   ? 38.224  23.914  -29.364 1.00 21.29 ? 7   HOH A O   1 
HETATM 1239 O O   . HOH B 2 .   ? 35.779  24.508  -36.077 1.00 17.21 ? 8   HOH A O   1 
HETATM 1240 O O   . HOH B 2 .   ? 24.295  14.323  -26.846 1.00 11.83 ? 9   HOH A O   1 
HETATM 1241 O O   . HOH B 2 .   ? 39.638  17.546  -17.931 1.00 14.46 ? 10  HOH A O   1 
HETATM 1242 O O   . HOH B 2 .   ? 20.203  19.281  -23.393 1.00 20.80 ? 11  HOH A O   1 
HETATM 1243 O O   . HOH B 2 .   ? 15.220  10.185  -6.093  1.00 14.84 ? 12  HOH A O   1 
HETATM 1244 O O   . HOH B 2 .   ? 33.446  13.005  -12.013 1.00 20.08 ? 13  HOH A O   1 
HETATM 1245 O O   . HOH B 2 .   ? 5.078   10.347  -2.245  1.00 25.98 ? 14  HOH A O   1 
HETATM 1246 O O   . HOH B 2 .   ? 26.200  14.559  -8.784  1.00 17.31 ? 15  HOH A O   1 
HETATM 1247 O O   . HOH B 2 .   ? 20.093  21.429  -13.685 1.00 20.27 ? 16  HOH A O   1 
HETATM 1248 O O   . HOH B 2 .   ? -3.287  2.893   1.076   1.00 22.33 ? 17  HOH A O   1 
HETATM 1249 O O   . HOH B 2 .   ? 29.568  21.451  -35.787 1.00 19.96 ? 18  HOH A O   1 
HETATM 1250 O O   . HOH B 2 .   ? 10.412  7.863   -20.175 1.00 20.50 ? 19  HOH A O   1 
HETATM 1251 O O   . HOH B 2 .   ? 28.051  20.381  -24.405 1.00 17.67 ? 20  HOH A O   1 
HETATM 1252 O O   . HOH B 2 .   ? 21.069  15.779  -6.842  1.00 21.27 ? 21  HOH A O   1 
HETATM 1253 O O   . HOH B 2 .   ? -17.970 -3.876  -1.898  1.00 37.32 ? 22  HOH A O   1 
HETATM 1254 O O   . HOH B 2 .   ? 35.045  22.708  -25.206 1.00 14.67 ? 23  HOH A O   1 
HETATM 1255 O O   . HOH B 2 .   ? 32.467  17.450  -13.090 1.00 21.19 ? 24  HOH A O   1 
HETATM 1256 O O   . HOH B 2 .   ? 32.697  18.872  -19.627 1.00 22.42 ? 25  HOH A O   1 
HETATM 1257 O O   . HOH B 2 .   ? 31.664  12.232  -9.472  1.00 17.45 ? 26  HOH A O   1 
HETATM 1258 O O   . HOH B 2 .   ? 24.516  20.091  -14.041 1.00 19.43 ? 27  HOH A O   1 
HETATM 1259 O O   . HOH B 2 .   ? 13.720  12.359  -5.088  1.00 20.22 ? 28  HOH A O   1 
HETATM 1260 O O   . HOH B 2 .   ? 33.106  25.414  -41.813 1.00 29.19 ? 29  HOH A O   1 
HETATM 1261 O O   . HOH B 2 .   ? 5.498   -0.521  -18.311 1.00 23.45 ? 30  HOH A O   1 
HETATM 1262 O O   . HOH B 2 .   ? 27.506  18.883  -14.582 1.00 21.96 ? 31  HOH A O   1 
HETATM 1263 O O   . HOH B 2 .   ? 17.454  14.998  -21.655 1.00 16.35 ? 33  HOH A O   1 
HETATM 1264 O O   . HOH B 2 .   ? 44.392  27.118  -36.712 1.00 22.64 ? 34  HOH A O   1 
HETATM 1265 O O   . HOH B 2 .   ? -9.888  -4.461  -4.532  1.00 28.92 ? 35  HOH A O   1 
HETATM 1266 O O   . HOH B 2 .   ? 30.146  23.045  -41.796 1.00 18.41 ? 36  HOH A O   1 
HETATM 1267 O O   . HOH B 2 .   ? 2.234   -7.714  -11.340 1.00 27.39 ? 37  HOH A O   1 
HETATM 1268 O O   . HOH B 2 .   ? 35.832  24.168  -27.647 1.00 18.98 ? 38  HOH A O   1 
HETATM 1269 O O   . HOH B 2 .   ? -7.797  -6.144  -5.601  1.00 26.74 ? 39  HOH A O   1 
HETATM 1270 O O   . HOH B 2 .   ? 6.055   9.468   -13.573 1.00 23.40 ? 40  HOH A O   1 
HETATM 1271 O O   . HOH B 2 .   ? -17.252 -7.132  -3.191  1.00 30.70 ? 41  HOH A O   1 
HETATM 1272 O O   . HOH B 2 .   ? 11.149  10.965  -14.028 1.00 28.34 ? 42  HOH A O   1 
HETATM 1273 O O   . HOH B 2 .   ? 3.832   4.618   -18.100 1.00 24.96 ? 43  HOH A O   1 
HETATM 1274 O O   . HOH B 2 .   ? -15.613 -10.740 18.634  1.00 30.52 ? 44  HOH A O   1 
HETATM 1275 O O   . HOH B 2 .   ? 3.342   11.009  -10.467 1.00 25.97 ? 45  HOH A O   1 
HETATM 1276 O O   . HOH B 2 .   ? -31.217 -4.627  30.188  1.00 29.96 ? 46  HOH A O   1 
HETATM 1277 O O   . HOH B 2 .   ? 21.197  22.054  -7.742  1.00 34.25 ? 47  HOH A O   1 
HETATM 1278 O O   A HOH B 2 .   ? 41.449  25.371  -27.473 0.70 23.03 ? 48  HOH A O   1 
HETATM 1279 O O   B HOH B 2 .   ? 39.226  26.080  -28.543 0.30 11.88 ? 48  HOH A O   1 
HETATM 1280 O O   . HOH B 2 .   ? 35.437  25.398  -38.748 1.00 26.95 ? 49  HOH A O   1 
HETATM 1281 O O   . HOH B 2 .   ? 25.384  18.939  -9.479  1.00 17.00 ? 50  HOH A O   1 
HETATM 1282 O O   . HOH B 2 .   ? -8.405  -15.763 1.265   1.00 24.56 ? 51  HOH A O   1 
HETATM 1283 O O   . HOH B 2 .   ? -0.404  -8.250  -9.151  1.00 26.55 ? 52  HOH A O   1 
HETATM 1284 O O   . HOH B 2 .   ? -3.428  4.397   -3.440  1.00 28.26 ? 53  HOH A O   1 
HETATM 1285 O O   . HOH B 2 .   ? -46.208 -18.667 37.827  1.00 30.20 ? 54  HOH A O   1 
HETATM 1286 O O   . HOH B 2 .   ? 48.064  23.500  -24.979 1.00 31.78 ? 55  HOH A O   1 
HETATM 1287 O O   . HOH B 2 .   ? -53.672 -25.499 51.136  1.00 40.43 ? 56  HOH A O   1 
HETATM 1288 O O   . HOH B 2 .   ? 15.027  14.579  -6.429  1.00 21.48 ? 57  HOH A O   1 
HETATM 1289 O O   . HOH B 2 .   ? -4.271  1.356   -3.786  1.00 30.05 ? 59  HOH A O   1 
HETATM 1290 O O   . HOH B 2 .   ? -27.910 -23.917 18.246  1.00 31.93 ? 60  HOH A O   1 
HETATM 1291 O O   . HOH B 2 .   ? 35.575  22.611  -41.502 1.00 19.10 ? 61  HOH A O   1 
HETATM 1292 O O   . HOH B 2 .   ? 12.851  17.974  -15.502 1.00 31.34 ? 62  HOH A O   1 
HETATM 1293 O O   . HOH B 2 .   ? -2.103  3.360   -1.263  1.00 24.13 ? 63  HOH A O   1 
HETATM 1294 O O   A HOH B 2 .   ? 9.582   5.893   -22.782 0.50 18.05 ? 64  HOH A O   1 
HETATM 1295 O O   B HOH B 2 .   ? 7.477   5.785   -21.636 0.50 29.82 ? 64  HOH A O   1 
HETATM 1296 O O   . HOH B 2 .   ? -49.597 -18.643 43.371  1.00 36.28 ? 65  HOH A O   1 
HETATM 1297 O O   . HOH B 2 .   ? -52.287 -28.829 52.721  1.00 42.31 ? 66  HOH A O   1 
HETATM 1298 O O   . HOH B 2 .   ? 6.381   1.356   -20.139 1.00 25.00 ? 67  HOH A O   1 
HETATM 1299 O O   . HOH B 2 .   ? -7.197  -14.746 -1.073  1.00 27.87 ? 68  HOH A O   1 
HETATM 1300 O O   . HOH B 2 .   ? 1.315   -2.220  -12.159 1.00 31.03 ? 69  HOH A O   1 
HETATM 1301 O O   . HOH B 2 .   ? -3.790  -2.269  -4.344  1.00 27.25 ? 70  HOH A O   1 
HETATM 1302 O O   . HOH B 2 .   ? -3.937  9.498   -7.843  1.00 29.71 ? 71  HOH A O   1 
HETATM 1303 O O   . HOH B 2 .   ? -0.736  9.094   -2.125  1.00 27.55 ? 73  HOH A O   1 
HETATM 1304 O O   . HOH B 2 .   ? 5.632   11.974  -9.265  1.00 32.44 ? 74  HOH A O   1 
HETATM 1305 O O   . HOH B 2 .   ? 29.034  21.054  -28.837 1.00 24.55 ? 75  HOH A O   1 
HETATM 1306 O O   . HOH B 2 .   ? 42.295  18.190  -17.110 1.00 25.84 ? 76  HOH A O   1 
HETATM 1307 O O   . HOH B 2 .   ? 28.377  22.144  -31.169 1.00 32.36 ? 77  HOH A O   1 
HETATM 1308 O O   . HOH B 2 .   ? 29.031  22.925  -38.028 1.00 25.84 ? 78  HOH A O   1 
HETATM 1309 O O   . HOH B 2 .   ? -6.279  10.577  -4.009  1.00 42.79 ? 79  HOH A O   1 
HETATM 1310 O O   . HOH B 2 .   ? 28.055  18.843  -17.139 1.00 21.64 ? 80  HOH A O   1 
HETATM 1311 O O   . HOH B 2 .   ? -10.262 -7.709  -5.705  1.00 31.57 ? 81  HOH A O   1 
HETATM 1312 O O   . HOH B 2 .   ? 30.069  26.689  -42.130 1.00 23.71 ? 82  HOH A O   1 
HETATM 1313 O O   . HOH B 2 .   ? -3.060  2.767   -10.964 1.00 32.36 ? 83  HOH A O   1 
HETATM 1314 O O   . HOH B 2 .   ? 39.351  14.344  -47.855 1.00 41.62 ? 84  HOH A O   1 
HETATM 1315 O O   . HOH B 2 .   ? -14.544 -14.541 6.330   1.00 32.87 ? 85  HOH A O   1 
HETATM 1316 O O   . HOH B 2 .   ? 37.969  25.828  -31.544 1.00 33.36 ? 86  HOH A O   1 
HETATM 1317 O O   . HOH B 2 .   ? -3.048  0.224   -11.766 1.00 41.68 ? 87  HOH A O   1 
HETATM 1318 O O   . HOH B 2 .   ? -0.887  10.215  -10.993 1.00 25.52 ? 88  HOH A O   1 
HETATM 1319 O O   . HOH B 2 .   ? 27.275  22.833  -20.086 1.00 31.04 ? 89  HOH A O   1 
HETATM 1320 O O   . HOH B 2 .   ? 10.280  17.074  -16.030 1.00 38.89 ? 90  HOH A O   1 
HETATM 1321 O O   . HOH B 2 .   ? -47.289 -23.094 54.684  1.00 40.30 ? 91  HOH A O   1 
HETATM 1322 O O   . HOH B 2 .   ? 37.119  16.483  -15.055 1.00 35.69 ? 92  HOH A O   1 
HETATM 1323 O O   . HOH B 2 .   ? -14.573 -14.302 9.201   1.00 34.93 ? 93  HOH A O   1 
HETATM 1324 O O   . HOH B 2 .   ? 3.032   0.223   -13.846 1.00 30.88 ? 94  HOH A O   1 
HETATM 1325 O O   . HOH B 2 .   ? -30.084 -17.904 19.854  1.00 32.69 ? 95  HOH A O   1 
HETATM 1326 O O   . HOH B 2 .   ? -34.037 -16.164 25.665  1.00 34.35 ? 96  HOH A O   1 
HETATM 1327 O O   . HOH B 2 .   ? 33.455  19.587  -16.895 1.00 33.66 ? 97  HOH A O   1 
HETATM 1328 O O   . HOH B 2 .   ? -1.107  11.807  -2.527  1.00 39.71 ? 98  HOH A O   1 
HETATM 1329 O O   . HOH B 2 .   ? -26.095 -19.615 18.703  1.00 32.10 ? 99  HOH A O   1 
HETATM 1330 O O   . HOH B 2 .   ? 18.418  19.041  -20.953 1.00 31.66 ? 100 HOH A O   1 
HETATM 1331 O O   . HOH B 2 .   ? 19.314  19.927  -18.230 1.00 34.55 ? 101 HOH A O   1 
HETATM 1332 O O   . HOH B 2 .   ? 15.178  20.275  -17.775 1.00 28.45 ? 102 HOH A O   1 
HETATM 1333 O O   . HOH B 2 .   ? 38.686  16.275  -49.847 1.00 40.41 ? 103 HOH A O   1 
HETATM 1334 O O   . HOH B 2 .   ? 22.721  22.222  -14.474 1.00 29.78 ? 104 HOH A O   1 
HETATM 1335 O O   . HOH B 2 .   ? -3.469  10.907  -10.183 1.00 33.73 ? 105 HOH A O   1 
HETATM 1336 O O   . HOH B 2 .   ? 13.346  15.933  -8.805  1.00 35.54 ? 106 HOH A O   1 
HETATM 1337 O O   . HOH B 2 .   ? -6.272  9.481   -6.706  1.00 36.98 ? 107 HOH A O   1 
HETATM 1338 O O   . HOH B 2 .   ? 22.396  20.741  -16.930 1.00 26.86 ? 290 HOH A O   1 
HETATM 1339 O O   . HOH B 2 .   ? -52.142 -19.270 44.173  1.00 34.06 ? 291 HOH A O   1 
HETATM 1340 O O   . HOH B 2 .   ? -0.524  5.738   -13.129 1.00 34.14 ? 292 HOH A O   1 
HETATM 1341 O O   . HOH B 2 .   ? -32.371 -14.532 19.626  1.00 32.62 ? 293 HOH A O   1 
HETATM 1342 O O   . HOH B 2 .   ? 20.379  21.987  -23.851 1.00 36.67 ? 294 HOH A O   1 
HETATM 1343 O O   . HOH B 2 .   ? 24.435  21.406  -25.074 1.00 30.95 ? 295 HOH A O   1 
HETATM 1344 O O   . HOH B 2 .   ? 13.138  18.555  -12.728 1.00 44.02 ? 296 HOH A O   1 
HETATM 1345 O O   . HOH B 2 .   ? -20.571 -8.974  13.338  1.00 35.06 ? 297 HOH A O   1 
HETATM 1346 O O   . HOH B 2 .   ? 39.388  23.900  -47.515 1.00 39.97 ? 298 HOH A O   1 
HETATM 1347 O O   . HOH B 2 .   ? 9.332   14.471  -9.446  1.00 32.94 ? 299 HOH A O   1 
HETATM 1348 O O   . HOH B 2 .   ? 34.611  16.901  -14.899 1.00 37.39 ? 300 HOH A O   1 
HETATM 1349 O O   . HOH B 2 .   ? 14.654  19.351  -6.584  1.00 36.51 ? 301 HOH A O   1 
HETATM 1350 O O   . HOH B 2 .   ? -5.853  4.412   -7.378  1.00 37.47 ? 302 HOH A O   1 
HETATM 1351 O O   . HOH B 2 .   ? -9.138  3.649   -0.998  1.00 46.52 ? 303 HOH A O   1 
HETATM 1352 O O   . HOH B 2 .   ? -13.291 -0.728  2.425   1.00 30.89 ? 304 HOH A O   1 
HETATM 1353 O O   . HOH B 2 .   ? 36.987  16.393  -47.814 1.00 32.55 ? 305 HOH A O   1 
HETATM 1354 O O   . HOH B 2 .   ? -17.258 -9.196  20.264  1.00 38.43 ? 306 HOH A O   1 
HETATM 1355 O O   . HOH B 2 .   ? 46.282  27.230  -45.012 1.00 40.06 ? 307 HOH A O   1 
HETATM 1356 O O   . HOH B 2 .   ? -9.308  -19.427 7.781   1.00 34.40 ? 308 HOH A O   1 
HETATM 1357 O O   . HOH B 2 .   ? 33.447  25.596  -34.961 1.00 34.45 ? 309 HOH A O   1 
HETATM 1358 O O   . HOH B 2 .   ? -35.741 -26.575 22.734  1.00 39.09 ? 310 HOH A O   1 
HETATM 1359 O O   . HOH B 2 .   ? -9.047  -13.416 -4.891  1.00 36.60 ? 311 HOH A O   1 
HETATM 1360 O O   . HOH B 2 .   ? 38.694  23.384  -43.569 1.00 52.26 ? 312 HOH A O   1 
HETATM 1361 O O   . HOH B 2 .   ? -2.209  11.289  -4.542  1.00 34.43 ? 313 HOH A O   1 
HETATM 1362 O O   . HOH B 2 .   ? 4.033   10.995  -13.176 1.00 33.11 ? 314 HOH A O   1 
HETATM 1363 O O   . HOH B 2 .   ? -1.010  8.307   -12.915 1.00 39.39 ? 315 HOH A O   1 
HETATM 1364 O O   . HOH B 2 .   ? -40.025 -15.790 28.804  1.00 45.20 ? 316 HOH A O   1 
HETATM 1365 O O   . HOH B 2 .   ? 12.914  20.673  -16.288 1.00 41.60 ? 317 HOH A O   1 
HETATM 1366 O O   . HOH B 2 .   ? -6.826  -17.658 2.292   1.00 38.77 ? 318 HOH A O   1 
HETATM 1367 O O   . HOH B 2 .   ? -42.003 -9.583  32.904  1.00 35.17 ? 319 HOH A O   1 
HETATM 1368 O O   . HOH B 2 .   ? -38.276 -11.679 38.558  1.00 37.46 ? 320 HOH A O   1 
HETATM 1369 O O   . HOH B 2 .   ? 29.404  21.214  -17.794 1.00 28.41 ? 321 HOH A O   1 
HETATM 1370 O O   . HOH B 2 .   ? -30.761 -24.383 15.517  1.00 45.07 ? 322 HOH A O   1 
HETATM 1371 O O   . HOH B 2 .   ? -18.343 -5.265  4.008   1.00 46.83 ? 323 HOH A O   1 
HETATM 1372 O O   . HOH B 2 .   ? -24.921 -13.468 16.803  1.00 35.08 ? 324 HOH A O   1 
HETATM 1373 O O   . HOH B 2 .   ? -42.602 -21.163 51.810  1.00 48.40 ? 325 HOH A O   1 
HETATM 1374 O O   . HOH B 2 .   ? 4.730   3.642   -20.621 1.00 24.74 ? 326 HOH A O   1 
HETATM 1375 O O   . HOH B 2 .   ? 37.933  25.581  -34.567 1.00 22.43 ? 327 HOH A O   1 
HETATM 1376 O O   . HOH B 2 .   ? -16.640 -15.324 11.167  1.00 24.95 ? 328 HOH A O   1 
HETATM 1377 O O   . HOH B 2 .   ? 47.258  25.904  -23.910 1.00 14.18 ? 329 HOH A O   1 
HETATM 1378 O O   . HOH B 2 .   ? 36.051  24.114  -23.032 1.00 21.13 ? 330 HOH A O   1 
HETATM 1379 O O   A HOH B 2 .   ? -17.772 -8.166  4.867   0.70 33.68 ? 331 HOH A O   1 
HETATM 1380 O O   B HOH B 2 .   ? -17.374 -6.862  7.047   0.30 21.50 ? 331 HOH A O   1 
HETATM 1381 O O   . HOH B 2 .   ? 25.632  20.853  -11.528 1.00 17.97 ? 332 HOH A O   1 
HETATM 1382 O O   . HOH B 2 .   ? 8.198   10.951  -12.626 1.00 27.51 ? 333 HOH A O   1 
HETATM 1383 O O   . HOH B 2 .   ? 34.909  13.806  -14.742 1.00 17.96 ? 334 HOH A O   1 
HETATM 1384 O O   A HOH B 2 .   ? 34.450  22.332  -43.932 0.50 9.55  ? 335 HOH A O   1 
HETATM 1385 O O   B HOH B 2 .   ? 35.712  23.504  -44.164 0.50 18.44 ? 335 HOH A O   1 
HETATM 1386 O O   . HOH B 2 .   ? 44.217  16.878  -18.544 1.00 24.78 ? 336 HOH A O   1 
HETATM 1387 O O   . HOH B 2 .   ? 13.894  17.891  -10.465 1.00 33.39 ? 337 HOH A O   1 
HETATM 1388 O O   . HOH B 2 .   ? 24.402  22.954  -10.371 1.00 26.01 ? 338 HOH A O   1 
HETATM 1389 O O   . HOH B 2 .   ? 26.804  24.644  -38.305 1.00 26.67 ? 339 HOH A O   1 
HETATM 1390 O O   . HOH B 2 .   ? 22.314  24.328  -11.013 1.00 36.10 ? 340 HOH A O   1 
HETATM 1391 O O   . HOH B 2 .   ? -24.729 -16.082 16.435  1.00 35.96 ? 341 HOH A O   1 
HETATM 1392 O O   . HOH B 2 .   ? -43.934 -9.945  34.575  1.00 40.53 ? 342 HOH A O   1 
HETATM 1393 O O   . HOH B 2 .   ? 15.266  13.568  -20.510 1.00 14.60 ? 343 HOH A O   1 
HETATM 1394 O O   . HOH B 2 .   ? 15.757  13.887  -9.035  1.00 15.15 ? 344 HOH A O   1 
HETATM 1395 O O   . HOH B 2 .   ? 39.886  16.048  -34.106 1.00 19.21 ? 345 HOH A O   1 
HETATM 1396 O O   . HOH B 2 .   ? -22.396 -9.703  22.881  1.00 31.48 ? 346 HOH A O   1 
HETATM 1397 O O   . HOH B 2 .   ? -9.189  -19.492 12.846  1.00 30.23 ? 347 HOH A O   1 
HETATM 1398 O O   . HOH B 2 .   ? 36.821  15.460  -44.903 1.00 33.83 ? 348 HOH A O   1 
HETATM 1399 O O   . HOH B 2 .   ? -38.029 -18.979 21.404  1.00 35.77 ? 349 HOH A O   1 
HETATM 1400 O O   . HOH B 2 .   ? -21.496 -10.884 25.241  1.00 30.65 ? 350 HOH A O   1 
HETATM 1401 O O   . HOH B 2 .   ? -42.039 -16.726 25.499  1.00 40.27 ? 351 HOH A O   1 
HETATM 1402 O O   . HOH B 2 .   ? -22.057 -12.560 15.621  1.00 39.74 ? 352 HOH A O   1 
HETATM 1403 O O   . HOH B 2 .   ? 26.816  22.417  -25.365 1.00 28.95 ? 353 HOH A O   1 
HETATM 1404 O O   . HOH B 2 .   ? -38.908 -26.293 54.123  1.00 28.53 ? 354 HOH A O   1 
HETATM 1405 O O   . HOH B 2 .   ? 42.354  29.305  -32.407 1.00 33.34 ? 355 HOH A O   1 
HETATM 1406 O O   . HOH B 2 .   ? 25.191  16.319  -7.242  1.00 39.48 ? 356 HOH A O   1 
HETATM 1407 O O   . HOH B 2 .   ? -20.766 -14.272 14.339  1.00 40.29 ? 357 HOH A O   1 
HETATM 1408 O O   . HOH B 2 .   ? 30.313  23.052  -27.349 1.00 34.17 ? 358 HOH A O   1 
HETATM 1409 O O   . HOH B 2 .   ? 2.442   1.925   -17.039 1.00 34.97 ? 359 HOH A O   1 
HETATM 1410 O O   . HOH B 2 .   ? -22.429 -16.768 14.765  1.00 40.91 ? 360 HOH A O   1 
HETATM 1411 O O   . HOH B 2 .   ? -45.985 -16.962 43.375  1.00 35.69 ? 361 HOH A O   1 
HETATM 1412 O O   . HOH B 2 .   ? -13.764 -7.496  -4.927  1.00 40.42 ? 362 HOH A O   1 
HETATM 1413 O O   . HOH B 2 .   ? 34.828  19.706  -44.002 1.00 37.28 ? 363 HOH A O   1 
HETATM 1414 O O   . HOH B 2 .   ? 24.501  16.460  -4.459  1.00 29.57 ? 364 HOH A O   1 
# 
